data_7PTU
#
_entry.id   7PTU
#
_cell.length_a   1.00
_cell.length_b   1.00
_cell.length_c   1.00
_cell.angle_alpha   90.00
_cell.angle_beta   90.00
_cell.angle_gamma   90.00
#
_symmetry.space_group_name_H-M   'P 1'
#
loop_
_entity.id
_entity.type
_entity.pdbx_description
1 polymer 'Cell surface glycoprotein'
2 non-polymer beta-D-glucopyranose
#
_entity_poly.entity_id   1
_entity_poly.type   'polypeptide(L)'
_entity_poly.pdbx_seq_one_letter_code
;ERGNLDADSESFNKTIQSGDRVFLGEEISTDAGLGASNPLLTGTAGNSEGVSLDLSSPIPQTTENQPLGTYDVDGSGSAT
TPNVTLLAPRITDSEILTSSGGDVTGSAISSSDAGNLYVNADYNYESAEKVEVTVEDPSGTDITNEVLSGTDTFVDDGSI
GSTSSTGGGVGIDMSDQDAGEYTIILEGAEDLDFGDATETMTLTISSQDEIGIELDSESVTQGTDVQYTVTNGIDGNEHV
VAMDLSDLQNDATTEQAKEVFRNIGDTSEVGIANSSATNTSGSSTGPTVETADIAYAVVEIDGASAVGGIETQYLDDSEV
DLEVYDAGVSATAAVGQDATNDITLTIEEGGTTLSSPTGQYVVGSEVDINGTATSSDSVAIYVRDDGDWQLLEIGGDNEI
SVDSDDTFEEEDIALSGLSGDGSSILSLTGTYRIGVIDASDADVGGDGSVDDSLTTSEFTSGVSSSNSIRVTDQALTGQF
TTINGQVAPVETGTVDINGTASGANSVLVIFVDERGNVNYQEVSVDSDGTYDEDDITVGLTQGRVTAHILSVGRDSAIGD
GSLPSGPSNGATLNDLTGYLDTLDQNNNNGEQINELIASETVDETASDDLIVTETFRLAESSTSIDSIYPDAAEAAGINP
VATGETMVIAGSTNLKPDDNTISIEVTNEDGTSVALEDTDEWNNDGQWMVEIDTTDFETGTFTVEADDGDNTDTVNVEVV
SEREDTTTSSDNATDTTTTTDGPTETTTTAEPTETTEEPTEETTTSSNTPGFGIAVALVALVGAALLALRREN
;
_entity_poly.pdbx_strand_id   A,B,C,D,E
#
loop_
_chem_comp.id
_chem_comp.type
_chem_comp.name
_chem_comp.formula
BGC D-saccharide, beta linking beta-D-glucopyranose 'C6 H12 O6'
#
# COMPACT_ATOMS: atom_id res chain seq x y z
N GLU A 1 1.47 46.92 -14.21
CA GLU A 1 0.40 46.48 -15.10
C GLU A 1 0.14 44.99 -14.87
N ARG A 2 -1.03 44.52 -15.27
CA ARG A 2 -1.37 43.10 -15.20
C ARG A 2 -1.69 42.62 -16.61
N GLY A 3 -1.07 41.53 -17.02
CA GLY A 3 -1.18 41.09 -18.40
C GLY A 3 0.08 41.45 -19.16
N ASN A 4 0.63 42.62 -18.85
CA ASN A 4 1.92 43.08 -19.38
C ASN A 4 2.79 43.33 -18.16
N LEU A 5 3.35 42.24 -17.63
CA LEU A 5 4.05 42.31 -16.35
C LEU A 5 5.39 43.04 -16.46
N ASP A 6 6.11 42.83 -17.57
CA ASP A 6 7.42 43.43 -17.72
C ASP A 6 7.39 44.88 -18.20
N ALA A 7 6.22 45.39 -18.60
CA ALA A 7 6.15 46.81 -18.93
C ALA A 7 6.53 47.70 -17.76
N ASP A 8 6.41 47.22 -16.53
CA ASP A 8 6.72 48.01 -15.35
C ASP A 8 7.81 47.38 -14.49
N SER A 9 8.49 46.34 -14.99
CA SER A 9 9.57 45.66 -14.30
C SER A 9 9.12 45.08 -12.95
N GLU A 10 7.82 44.90 -12.77
CA GLU A 10 7.28 44.32 -11.55
C GLU A 10 7.30 42.81 -11.64
N SER A 11 7.80 42.15 -10.60
CA SER A 11 7.80 40.69 -10.59
C SER A 11 6.39 40.12 -10.51
N PHE A 12 5.50 40.79 -9.79
CA PHE A 12 4.16 40.27 -9.57
C PHE A 12 3.19 41.44 -9.45
N ASN A 13 1.93 41.19 -9.76
CA ASN A 13 0.90 42.21 -9.60
C ASN A 13 -0.34 41.53 -9.05
N LYS A 14 -0.94 42.12 -8.01
CA LYS A 14 -2.07 41.49 -7.35
C LYS A 14 -3.29 42.39 -7.28
N THR A 15 -3.37 43.41 -8.13
CA THR A 15 -4.54 44.26 -8.21
C THR A 15 -5.37 43.79 -9.40
N ILE A 16 -6.61 43.39 -9.15
CA ILE A 16 -7.44 42.79 -10.19
C ILE A 16 -8.47 43.80 -10.65
N GLN A 17 -8.57 43.99 -11.97
CA GLN A 17 -9.61 44.83 -12.53
C GLN A 17 -10.76 43.98 -13.05
N SER A 18 -11.92 44.62 -13.19
CA SER A 18 -13.12 43.89 -13.63
C SER A 18 -12.85 43.24 -14.98
N GLY A 19 -13.24 41.97 -15.12
CA GLY A 19 -13.16 41.31 -16.39
C GLY A 19 -11.97 40.39 -16.56
N ASP A 20 -10.97 40.48 -15.69
CA ASP A 20 -9.72 39.77 -15.87
C ASP A 20 -9.86 38.32 -15.43
N ARG A 21 -8.75 37.59 -15.43
CA ARG A 21 -8.70 36.19 -15.02
C ARG A 21 -7.93 36.09 -13.71
N VAL A 22 -8.37 35.16 -12.86
CA VAL A 22 -7.73 34.88 -11.58
C VAL A 22 -7.46 33.39 -11.50
N PHE A 23 -6.33 33.04 -10.88
CA PHE A 23 -5.91 31.64 -10.81
C PHE A 23 -6.20 31.08 -9.42
N LEU A 24 -5.94 29.78 -9.27
CA LEU A 24 -6.38 29.05 -8.08
C LEU A 24 -5.60 29.46 -6.83
N GLY A 25 -4.28 29.57 -6.93
CA GLY A 25 -3.52 29.80 -5.73
C GLY A 25 -3.22 31.25 -5.42
N GLU A 26 -3.92 32.17 -6.07
CA GLU A 26 -3.58 33.58 -5.91
C GLU A 26 -3.98 34.08 -4.52
N GLU A 27 -3.43 35.23 -4.16
CA GLU A 27 -3.78 35.93 -2.92
C GLU A 27 -4.10 37.37 -3.32
N ILE A 28 -5.34 37.63 -3.71
CA ILE A 28 -5.74 38.95 -4.18
C ILE A 28 -5.34 40.01 -3.17
N SER A 29 -5.01 41.20 -3.66
CA SER A 29 -4.69 42.32 -2.78
C SER A 29 -5.96 43.08 -2.42
N THR A 30 -6.16 43.32 -1.13
CA THR A 30 -7.33 44.02 -0.65
C THR A 30 -7.10 45.53 -0.53
N ASP A 31 -5.88 46.00 -0.75
CA ASP A 31 -5.58 47.41 -0.57
C ASP A 31 -6.31 48.29 -1.58
N ALA A 32 -6.32 47.88 -2.85
CA ALA A 32 -6.87 48.71 -3.91
C ALA A 32 -7.46 47.80 -4.97
N GLY A 33 -8.26 48.41 -5.86
CA GLY A 33 -8.84 47.66 -6.94
C GLY A 33 -10.05 46.85 -6.47
N LEU A 34 -10.26 45.71 -7.12
CA LEU A 34 -11.41 44.87 -6.84
C LEU A 34 -11.12 43.92 -5.68
N GLY A 35 -10.54 44.47 -4.61
CA GLY A 35 -10.24 43.72 -3.41
C GLY A 35 -10.86 44.41 -2.21
N ALA A 36 -11.25 45.66 -2.41
CA ALA A 36 -11.97 46.43 -1.41
C ALA A 36 -13.29 46.98 -1.92
N SER A 37 -13.48 47.06 -3.24
CA SER A 37 -14.71 47.54 -3.83
C SER A 37 -15.75 46.44 -3.97
N ASN A 38 -15.36 45.18 -3.86
CA ASN A 38 -16.28 44.05 -3.91
C ASN A 38 -15.57 42.80 -3.39
N PRO A 39 -15.47 42.65 -2.06
CA PRO A 39 -14.71 41.54 -1.49
C PRO A 39 -15.22 40.14 -1.85
N LEU A 40 -16.53 39.91 -1.81
CA LEU A 40 -17.08 38.59 -2.09
C LEU A 40 -17.96 38.57 -3.32
N LEU A 41 -17.90 37.46 -4.06
CA LEU A 41 -18.61 37.27 -5.32
C LEU A 41 -19.29 35.90 -5.27
N THR A 42 -20.23 35.68 -6.19
CA THR A 42 -20.96 34.42 -6.24
C THR A 42 -20.94 33.86 -7.65
N GLY A 43 -21.19 32.56 -7.75
CA GLY A 43 -21.13 31.89 -9.04
C GLY A 43 -22.26 32.35 -9.94
N THR A 44 -22.03 32.28 -11.25
CA THR A 44 -23.04 32.76 -12.19
C THR A 44 -23.79 31.64 -12.90
N ALA A 45 -23.07 30.67 -13.48
CA ALA A 45 -23.69 29.64 -14.27
C ALA A 45 -22.95 28.32 -14.13
N GLY A 46 -23.63 27.23 -14.45
CA GLY A 46 -23.01 25.94 -14.44
C GLY A 46 -22.73 25.42 -13.04
N ASN A 47 -21.66 24.64 -12.92
CA ASN A 47 -21.31 24.06 -11.62
C ASN A 47 -21.02 25.16 -10.61
N SER A 48 -20.42 26.26 -11.06
CA SER A 48 -20.07 27.36 -10.18
C SER A 48 -21.29 28.03 -9.58
N GLU A 49 -22.45 27.86 -10.20
CA GLU A 49 -23.65 28.59 -9.80
C GLU A 49 -23.98 28.31 -8.34
N GLY A 50 -24.20 29.38 -7.58
CA GLY A 50 -24.59 29.30 -6.20
C GLY A 50 -23.45 29.31 -5.22
N VAL A 51 -22.23 29.00 -5.67
CA VAL A 51 -21.09 28.92 -4.78
C VAL A 51 -20.57 30.32 -4.50
N SER A 52 -19.83 30.48 -3.41
CA SER A 52 -19.36 31.80 -2.99
C SER A 52 -17.84 31.83 -3.02
N LEU A 53 -17.29 32.88 -3.62
CA LEU A 53 -15.85 33.13 -3.67
C LEU A 53 -15.54 34.36 -2.82
N ASP A 54 -14.64 34.22 -1.85
CA ASP A 54 -14.21 35.35 -1.05
C ASP A 54 -12.81 35.77 -1.49
N LEU A 55 -12.71 36.97 -2.07
CA LEU A 55 -11.43 37.43 -2.58
C LEU A 55 -10.42 37.67 -1.48
N SER A 56 -10.88 38.14 -0.30
CA SER A 56 -9.96 38.50 0.76
C SER A 56 -9.11 37.32 1.20
N SER A 57 -9.72 36.16 1.40
CA SER A 57 -8.97 34.99 1.79
C SER A 57 -8.30 34.35 0.57
N PRO A 58 -7.21 33.62 0.79
CA PRO A 58 -6.57 32.91 -0.32
C PRO A 58 -7.53 31.95 -0.99
N ILE A 59 -7.59 32.00 -2.31
CA ILE A 59 -8.50 31.11 -3.05
C ILE A 59 -8.08 29.66 -2.84
N PRO A 60 -9.00 28.77 -2.50
CA PRO A 60 -8.62 27.37 -2.26
C PRO A 60 -8.08 26.71 -3.50
N GLN A 61 -7.20 25.74 -3.28
CA GLN A 61 -6.66 24.88 -4.32
C GLN A 61 -7.59 23.67 -4.43
N THR A 62 -7.16 22.63 -5.14
CA THR A 62 -7.74 21.29 -5.29
C THR A 62 -8.95 21.26 -6.22
N THR A 63 -9.49 22.41 -6.62
CA THR A 63 -10.60 22.52 -7.57
C THR A 63 -11.85 21.83 -7.08
N GLU A 64 -11.87 21.46 -5.79
CA GLU A 64 -13.03 20.91 -5.12
C GLU A 64 -13.47 21.93 -4.07
N ASN A 65 -14.77 22.06 -3.88
CA ASN A 65 -15.36 23.03 -2.96
C ASN A 65 -15.25 24.44 -3.53
N GLN A 66 -14.53 24.59 -4.63
CA GLN A 66 -14.45 25.86 -5.37
C GLN A 66 -14.45 25.57 -6.85
N PRO A 67 -15.61 25.23 -7.42
CA PRO A 67 -15.66 24.84 -8.83
C PRO A 67 -15.29 25.98 -9.77
N LEU A 68 -14.60 25.62 -10.85
CA LEU A 68 -14.16 26.60 -11.83
C LEU A 68 -15.34 27.19 -12.59
N GLY A 69 -15.24 28.47 -12.93
CA GLY A 69 -16.34 29.16 -13.58
C GLY A 69 -16.14 30.66 -13.53
N THR A 70 -17.24 31.37 -13.81
CA THR A 70 -17.26 32.82 -13.76
C THR A 70 -18.05 33.27 -12.54
N TYR A 71 -17.55 34.30 -11.87
CA TYR A 71 -18.14 34.77 -10.62
C TYR A 71 -18.55 36.23 -10.75
N ASP A 72 -19.77 36.52 -10.29
CA ASP A 72 -20.42 37.82 -10.34
C ASP A 72 -20.96 38.14 -8.96
N VAL A 73 -20.86 39.41 -8.55
CA VAL A 73 -21.27 39.75 -7.18
C VAL A 73 -22.76 39.54 -6.99
N ASP A 74 -23.58 39.97 -7.96
CA ASP A 74 -25.02 39.92 -7.79
C ASP A 74 -25.53 38.49 -7.70
N GLY A 75 -25.00 37.60 -8.52
CA GLY A 75 -25.52 36.24 -8.61
C GLY A 75 -25.52 35.86 -10.07
N SER A 76 -26.43 34.96 -10.47
CA SER A 76 -26.55 34.66 -11.89
C SER A 76 -26.96 35.92 -12.63
N GLY A 77 -26.18 36.31 -13.63
CA GLY A 77 -26.43 37.53 -14.35
C GLY A 77 -25.74 37.55 -15.69
N SER A 78 -26.22 38.42 -16.57
CA SER A 78 -25.56 38.65 -17.84
C SER A 78 -25.29 40.13 -18.08
N ALA A 79 -25.71 41.01 -17.18
CA ALA A 79 -25.49 42.44 -17.33
C ALA A 79 -24.05 42.74 -16.96
N THR A 80 -23.52 43.85 -17.46
CA THR A 80 -22.17 44.22 -17.05
C THR A 80 -22.15 44.48 -15.55
N THR A 81 -21.26 43.79 -14.85
CA THR A 81 -21.08 43.92 -13.41
C THR A 81 -19.67 43.44 -13.09
N PRO A 82 -19.11 43.79 -11.91
CA PRO A 82 -17.81 43.20 -11.56
C PRO A 82 -17.86 41.68 -11.66
N ASN A 83 -17.06 41.11 -12.55
CA ASN A 83 -17.03 39.67 -12.77
C ASN A 83 -15.60 39.22 -13.02
N VAL A 84 -15.34 37.94 -12.77
CA VAL A 84 -14.00 37.39 -12.95
C VAL A 84 -14.12 35.91 -13.28
N THR A 85 -13.16 35.41 -14.06
CA THR A 85 -13.17 34.03 -14.52
C THR A 85 -12.01 33.27 -13.90
N LEU A 86 -12.32 32.20 -13.19
CA LEU A 86 -11.32 31.40 -12.50
C LEU A 86 -10.68 30.41 -13.47
N LEU A 87 -9.35 30.35 -13.49
CA LEU A 87 -8.68 29.40 -14.35
C LEU A 87 -7.58 28.70 -13.56
N ALA A 88 -7.24 27.48 -13.99
CA ALA A 88 -6.22 26.71 -13.32
C ALA A 88 -4.82 27.08 -13.81
N PRO A 89 -3.81 26.99 -12.95
CA PRO A 89 -2.44 27.22 -13.39
C PRO A 89 -1.91 25.97 -14.10
N ARG A 90 -0.87 26.18 -14.91
CA ARG A 90 -0.26 25.16 -15.78
C ARG A 90 1.00 25.74 -16.38
N ILE A 91 1.96 24.85 -16.67
CA ILE A 91 3.11 25.15 -17.51
C ILE A 91 3.18 24.07 -18.58
N THR A 92 2.92 24.45 -19.82
CA THR A 92 2.66 23.43 -20.83
C THR A 92 3.92 22.68 -21.23
N ASP A 93 5.07 23.35 -21.29
CA ASP A 93 6.26 22.65 -21.77
C ASP A 93 7.53 23.28 -21.23
N SER A 94 8.57 22.46 -21.06
CA SER A 94 9.84 23.01 -20.61
C SER A 94 10.97 22.19 -21.20
N GLU A 95 12.11 22.84 -21.45
CA GLU A 95 13.22 22.13 -22.06
C GLU A 95 14.53 22.85 -21.78
N ILE A 96 15.62 22.10 -21.92
CA ILE A 96 16.99 22.60 -21.83
C ILE A 96 17.65 22.34 -23.17
N LEU A 97 18.02 23.39 -23.89
CA LEU A 97 18.61 23.25 -25.21
C LEU A 97 20.06 23.72 -25.22
N THR A 98 20.89 22.99 -25.96
CA THR A 98 22.27 23.39 -26.16
C THR A 98 22.29 24.60 -27.08
N SER A 99 23.41 25.34 -27.08
CA SER A 99 23.44 26.58 -27.85
C SER A 99 23.20 26.30 -29.33
N SER A 100 23.76 25.20 -29.84
CA SER A 100 23.48 24.79 -31.21
C SER A 100 22.01 24.45 -31.38
N GLY A 101 21.43 23.83 -30.36
CA GLY A 101 20.07 23.34 -30.38
C GLY A 101 20.02 21.84 -30.10
N GLY A 102 18.80 21.37 -29.82
CA GLY A 102 18.68 19.98 -29.46
C GLY A 102 18.52 19.75 -27.97
N ASP A 103 17.54 18.95 -27.57
CA ASP A 103 17.26 18.73 -26.16
C ASP A 103 18.34 17.81 -25.57
N VAL A 104 18.69 18.07 -24.32
CA VAL A 104 19.62 17.21 -23.61
C VAL A 104 19.05 16.91 -22.22
N THR A 105 17.77 17.19 -22.03
CA THR A 105 17.17 17.00 -20.72
C THR A 105 17.17 15.52 -20.35
N GLY A 106 17.37 15.26 -19.06
CA GLY A 106 17.34 13.90 -18.57
C GLY A 106 18.48 13.04 -19.07
N SER A 107 19.50 13.64 -19.66
CA SER A 107 20.60 12.93 -20.29
C SER A 107 21.93 13.57 -19.88
N ALA A 108 22.94 12.73 -19.69
CA ALA A 108 24.26 13.22 -19.30
C ALA A 108 24.89 14.02 -20.43
N ILE A 109 25.58 15.10 -20.07
CA ILE A 109 26.25 15.97 -21.03
C ILE A 109 27.69 16.16 -20.61
N SER A 110 28.58 16.25 -21.59
CA SER A 110 29.99 16.49 -21.31
C SER A 110 30.18 17.83 -20.60
N SER A 111 31.12 17.86 -19.66
CA SER A 111 31.41 19.09 -18.94
C SER A 111 31.94 20.17 -19.86
N SER A 112 32.72 19.78 -20.87
CA SER A 112 33.29 20.76 -21.79
C SER A 112 32.20 21.47 -22.59
N ASP A 113 31.20 20.74 -23.06
CA ASP A 113 30.17 21.32 -23.90
C ASP A 113 29.05 21.96 -23.11
N ALA A 114 28.99 21.71 -21.80
CA ALA A 114 27.93 22.26 -20.95
C ALA A 114 28.30 23.66 -20.47
N GLY A 115 28.54 24.55 -21.43
CA GLY A 115 28.97 25.89 -21.07
C GLY A 115 28.07 26.98 -21.60
N ASN A 116 27.15 26.64 -22.48
CA ASN A 116 26.25 27.61 -23.08
C ASN A 116 24.82 27.09 -23.11
N LEU A 117 24.42 26.37 -22.07
CA LEU A 117 23.09 25.78 -22.08
C LEU A 117 22.02 26.85 -21.92
N TYR A 118 20.81 26.54 -22.36
CA TYR A 118 19.68 27.46 -22.22
C TYR A 118 18.49 26.69 -21.68
N VAL A 119 17.63 27.40 -20.95
CA VAL A 119 16.39 26.86 -20.42
C VAL A 119 15.24 27.69 -20.94
N ASN A 120 14.27 27.04 -21.58
CA ASN A 120 13.11 27.68 -22.15
C ASN A 120 11.85 26.92 -21.76
N ALA A 121 10.72 27.64 -21.69
CA ALA A 121 9.49 26.99 -21.27
C ALA A 121 8.29 27.78 -21.76
N ASP A 122 7.14 27.11 -21.78
CA ASP A 122 5.85 27.69 -22.10
C ASP A 122 4.92 27.42 -20.93
N TYR A 123 4.31 28.47 -20.40
CA TYR A 123 3.44 28.39 -19.23
C TYR A 123 2.16 29.16 -19.46
N ASN A 124 1.11 28.76 -18.74
CA ASN A 124 -0.18 29.42 -18.90
C ASN A 124 -0.30 30.72 -18.12
N TYR A 125 0.32 30.81 -16.94
CA TYR A 125 0.14 31.97 -16.06
C TYR A 125 1.20 33.04 -16.36
N GLU A 126 0.95 33.81 -17.41
CA GLU A 126 1.84 34.91 -17.75
C GLU A 126 1.32 36.27 -17.34
N SER A 127 0.00 36.43 -17.22
CA SER A 127 -0.54 37.72 -16.82
C SER A 127 -0.27 38.06 -15.35
N ALA A 128 -0.14 37.04 -14.48
CA ALA A 128 0.00 37.33 -13.06
C ALA A 128 1.43 37.26 -12.55
N GLU A 129 2.11 36.13 -12.73
CA GLU A 129 3.43 35.96 -12.16
C GLU A 129 4.37 35.26 -13.12
N LYS A 130 5.64 35.66 -13.12
CA LYS A 130 6.59 34.92 -13.93
C LYS A 130 7.00 33.66 -13.19
N VAL A 131 7.73 32.77 -13.86
CA VAL A 131 8.11 31.49 -13.27
C VAL A 131 9.60 31.48 -13.01
N GLU A 132 9.98 31.08 -11.80
CA GLU A 132 11.35 31.09 -11.34
C GLU A 132 12.02 29.78 -11.73
N VAL A 133 13.36 29.84 -11.80
CA VAL A 133 14.24 28.71 -12.02
C VAL A 133 15.20 28.62 -10.85
N THR A 134 15.36 27.41 -10.31
CA THR A 134 16.26 27.17 -9.19
C THR A 134 17.06 25.90 -9.47
N VAL A 135 18.36 26.05 -9.71
CA VAL A 135 19.22 24.90 -9.95
C VAL A 135 19.68 24.35 -8.60
N GLU A 136 19.58 23.04 -8.43
CA GLU A 136 19.95 22.37 -7.19
C GLU A 136 21.02 21.34 -7.45
N ASP A 137 22.07 21.37 -6.64
CA ASP A 137 23.14 20.40 -6.71
C ASP A 137 22.69 19.04 -6.18
N PRO A 138 23.43 17.97 -6.47
CA PRO A 138 23.07 16.66 -5.90
C PRO A 138 23.04 16.68 -4.38
N SER A 139 23.84 17.55 -3.75
CA SER A 139 23.79 17.70 -2.31
C SER A 139 22.50 18.36 -1.84
N GLY A 140 21.79 19.06 -2.72
CA GLY A 140 20.54 19.69 -2.36
C GLY A 140 20.71 21.11 -1.90
N THR A 141 21.32 21.95 -2.74
CA THR A 141 21.58 23.34 -2.41
C THR A 141 21.35 24.19 -3.64
N ASP A 142 20.83 25.40 -3.44
CA ASP A 142 20.48 26.30 -4.53
C ASP A 142 21.77 26.86 -5.12
N ILE A 143 22.07 26.49 -6.36
CA ILE A 143 23.27 26.98 -7.03
C ILE A 143 22.94 27.95 -8.16
N THR A 144 21.75 28.56 -8.13
CA THR A 144 21.32 29.39 -9.25
C THR A 144 22.24 30.58 -9.46
N ASN A 145 22.67 31.23 -8.37
CA ASN A 145 23.48 32.44 -8.49
C ASN A 145 24.85 32.18 -9.08
N GLU A 146 25.34 30.95 -8.99
CA GLU A 146 26.68 30.63 -9.49
C GLU A 146 26.71 30.42 -11.00
N VAL A 147 25.67 29.78 -11.55
CA VAL A 147 25.66 29.44 -12.96
C VAL A 147 24.95 30.47 -13.82
N LEU A 148 24.25 31.43 -13.22
CA LEU A 148 23.54 32.43 -14.00
C LEU A 148 24.52 33.19 -14.88
N SER A 149 24.06 33.59 -16.08
CA SER A 149 24.95 34.25 -17.03
C SER A 149 24.33 35.53 -17.63
N GLY A 150 24.24 36.58 -16.83
CA GLY A 150 23.80 37.86 -17.37
C GLY A 150 22.33 38.09 -17.59
N THR A 151 21.45 37.20 -17.13
CA THR A 151 20.02 37.39 -17.36
C THR A 151 19.25 37.18 -16.06
N ASP A 152 18.18 37.96 -15.88
CA ASP A 152 17.38 37.80 -14.68
C ASP A 152 16.72 36.43 -14.65
N THR A 153 16.38 35.99 -13.44
CA THR A 153 15.85 34.66 -13.20
C THR A 153 14.55 34.42 -13.96
N PHE A 154 13.83 35.50 -14.28
CA PHE A 154 12.52 35.37 -14.90
C PHE A 154 12.64 34.95 -16.35
N VAL A 155 11.91 33.90 -16.74
CA VAL A 155 11.84 33.44 -18.12
C VAL A 155 10.48 33.84 -18.68
N ASP A 156 10.47 34.25 -19.94
CA ASP A 156 9.24 34.78 -20.51
C ASP A 156 8.38 33.67 -21.11
N ASP A 157 7.15 34.02 -21.47
CA ASP A 157 6.24 33.10 -22.13
C ASP A 157 6.69 32.86 -23.56
N GLY A 158 6.28 31.70 -24.10
CA GLY A 158 6.76 31.35 -25.42
C GLY A 158 8.26 31.13 -25.38
N SER A 159 8.94 31.66 -26.39
CA SER A 159 10.41 31.63 -26.45
C SER A 159 10.95 30.21 -26.38
N ILE A 160 10.14 29.22 -26.72
CA ILE A 160 10.62 27.85 -26.82
C ILE A 160 11.33 27.67 -28.16
N GLY A 161 12.50 27.06 -28.12
CA GLY A 161 13.34 26.93 -29.30
C GLY A 161 14.32 28.07 -29.46
N SER A 162 14.41 28.96 -28.49
CA SER A 162 15.29 30.13 -28.57
C SER A 162 16.70 29.71 -28.20
N THR A 163 17.61 29.78 -29.17
CA THR A 163 19.00 29.38 -28.95
C THR A 163 19.89 30.58 -28.62
N SER A 164 19.31 31.78 -28.53
CA SER A 164 20.05 33.01 -28.32
C SER A 164 19.49 33.71 -27.08
N SER A 165 20.35 34.52 -26.44
CA SER A 165 19.93 35.25 -25.26
C SER A 165 18.92 36.35 -25.58
N THR A 166 18.81 36.74 -26.85
CA THR A 166 17.84 37.78 -27.22
C THR A 166 16.41 37.34 -26.89
N GLY A 167 16.07 36.09 -27.20
CA GLY A 167 14.77 35.59 -26.86
C GLY A 167 14.66 35.23 -25.39
N GLY A 168 13.43 35.10 -24.91
CA GLY A 168 13.23 34.67 -23.54
C GLY A 168 13.95 33.36 -23.27
N GLY A 169 14.47 33.20 -22.07
CA GLY A 169 15.12 31.98 -21.65
C GLY A 169 16.32 32.36 -20.81
N VAL A 170 16.77 31.43 -19.97
CA VAL A 170 17.91 31.70 -19.11
C VAL A 170 19.12 30.90 -19.57
N GLY A 171 20.28 31.54 -19.60
CA GLY A 171 21.51 30.88 -19.99
C GLY A 171 22.27 30.42 -18.76
N ILE A 172 22.68 29.15 -18.78
CA ILE A 172 23.48 28.55 -17.72
C ILE A 172 24.80 28.08 -18.28
N ASP A 173 25.89 28.43 -17.59
CA ASP A 173 27.25 28.01 -17.93
C ASP A 173 27.59 26.97 -16.86
N MET A 174 27.33 25.70 -17.18
CA MET A 174 27.49 24.60 -16.25
C MET A 174 28.86 23.93 -16.39
N SER A 175 29.81 24.61 -17.04
CA SER A 175 31.15 24.06 -17.21
C SER A 175 31.94 23.96 -15.91
N ASP A 176 31.82 24.95 -15.02
CA ASP A 176 32.68 24.94 -13.84
C ASP A 176 32.29 23.89 -12.80
N GLN A 177 31.03 23.52 -12.72
CA GLN A 177 30.61 22.62 -11.64
C GLN A 177 31.15 21.21 -11.87
N ASP A 178 31.28 20.47 -10.78
CA ASP A 178 31.81 19.12 -10.84
C ASP A 178 30.76 18.14 -11.35
N ALA A 179 31.12 16.86 -11.37
CA ALA A 179 30.22 15.81 -11.85
C ALA A 179 29.16 15.48 -10.80
N GLY A 180 27.92 15.32 -11.26
CA GLY A 180 26.84 14.96 -10.36
C GLY A 180 25.51 15.10 -11.05
N GLU A 181 24.45 14.82 -10.30
CA GLU A 181 23.09 14.93 -10.82
C GLU A 181 22.44 16.18 -10.26
N TYR A 182 22.00 17.07 -11.15
CA TYR A 182 21.47 18.36 -10.78
C TYR A 182 20.00 18.43 -11.17
N THR A 183 19.21 19.14 -10.37
CA THR A 183 17.78 19.24 -10.62
C THR A 183 17.40 20.69 -10.78
N ILE A 184 16.77 21.03 -11.89
CA ILE A 184 16.29 22.38 -12.14
C ILE A 184 14.81 22.42 -11.78
N ILE A 185 14.44 23.36 -10.92
CA ILE A 185 13.08 23.45 -10.40
C ILE A 185 12.45 24.71 -10.96
N LEU A 186 11.26 24.59 -11.53
CA LEU A 186 10.53 25.74 -12.04
C LEU A 186 9.27 25.87 -11.20
N GLU A 187 9.00 27.09 -10.72
CA GLU A 187 7.82 27.31 -9.91
C GLU A 187 7.44 28.77 -9.96
N GLY A 188 6.18 29.06 -9.61
CA GLY A 188 5.71 30.44 -9.72
C GLY A 188 6.49 31.37 -8.81
N ALA A 189 6.42 32.66 -9.15
CA ALA A 189 7.23 33.65 -8.42
C ALA A 189 6.85 33.71 -6.94
N GLU A 190 5.55 33.76 -6.64
CA GLU A 190 5.13 33.98 -5.26
C GLU A 190 4.29 32.82 -4.72
N ASP A 191 3.14 32.54 -5.32
CA ASP A 191 2.19 31.58 -4.78
C ASP A 191 1.97 30.36 -5.64
N LEU A 192 2.13 30.46 -6.96
CA LEU A 192 1.81 29.34 -7.84
C LEU A 192 3.01 28.39 -7.92
N ASP A 193 3.19 27.64 -6.85
CA ASP A 193 4.32 26.71 -6.75
C ASP A 193 3.87 25.32 -6.37
N PHE A 194 2.57 25.06 -6.35
CA PHE A 194 2.03 23.77 -5.95
C PHE A 194 2.01 22.83 -7.15
N GLY A 195 1.32 21.70 -7.02
CA GLY A 195 1.21 20.73 -8.08
C GLY A 195 0.80 21.33 -9.41
N ASP A 196 1.32 20.76 -10.50
CA ASP A 196 1.01 21.19 -11.87
C ASP A 196 1.50 22.60 -12.19
N ALA A 197 2.00 23.32 -11.18
CA ALA A 197 2.62 24.63 -11.42
C ALA A 197 4.13 24.61 -11.25
N THR A 198 4.70 23.46 -10.92
CA THR A 198 6.13 23.33 -10.70
C THR A 198 6.63 22.10 -11.44
N GLU A 199 7.87 22.17 -11.92
CA GLU A 199 8.45 21.00 -12.57
C GLU A 199 9.90 20.82 -12.20
N THR A 200 10.31 19.57 -11.97
CA THR A 200 11.70 19.25 -11.69
C THR A 200 12.29 18.53 -12.89
N MET A 201 13.24 19.17 -13.56
CA MET A 201 13.92 18.62 -14.72
C MET A 201 15.32 18.18 -14.31
N THR A 202 15.66 16.91 -14.56
CA THR A 202 16.97 16.44 -14.12
C THR A 202 18.01 16.72 -15.20
N LEU A 203 19.28 16.65 -14.80
CA LEU A 203 20.39 16.81 -15.71
C LEU A 203 21.63 16.18 -15.09
N THR A 204 22.38 15.43 -15.88
CA THR A 204 23.55 14.72 -15.35
C THR A 204 24.82 15.34 -15.91
N ILE A 205 25.79 15.60 -15.02
CA ILE A 205 27.11 16.13 -15.36
C ILE A 205 28.12 15.03 -15.13
N SER A 206 28.98 14.80 -16.11
CA SER A 206 29.97 13.73 -16.09
C SER A 206 31.14 14.15 -16.97
N SER A 207 32.32 13.61 -16.68
CA SER A 207 33.49 14.00 -17.43
C SER A 207 34.17 12.83 -18.12
N GLN A 208 33.79 11.59 -17.82
CA GLN A 208 34.20 10.48 -18.67
C GLN A 208 33.49 10.82 -19.97
N ASP A 209 34.20 11.26 -21.00
CA ASP A 209 33.46 11.84 -22.12
C ASP A 209 33.90 11.34 -23.48
N GLU A 210 34.73 10.31 -23.57
CA GLU A 210 35.00 9.74 -24.87
C GLU A 210 33.74 9.02 -25.32
N ILE A 211 33.48 9.04 -26.64
CA ILE A 211 32.34 8.28 -27.13
C ILE A 211 32.55 6.82 -26.75
N GLY A 212 31.63 6.27 -25.97
CA GLY A 212 31.82 4.95 -25.40
C GLY A 212 31.00 3.89 -26.09
N ILE A 213 31.49 2.65 -26.06
CA ILE A 213 30.82 1.50 -26.65
C ILE A 213 30.83 0.37 -25.65
N GLU A 214 29.68 -0.27 -25.46
CA GLU A 214 29.61 -1.36 -24.49
C GLU A 214 28.85 -2.52 -25.10
N LEU A 215 29.15 -3.72 -24.61
CA LEU A 215 28.49 -4.94 -25.04
C LEU A 215 27.86 -5.64 -23.84
N ASP A 216 26.66 -6.19 -24.04
CA ASP A 216 26.03 -6.94 -22.95
C ASP A 216 26.80 -8.21 -22.62
N SER A 217 27.61 -8.72 -23.56
CA SER A 217 28.44 -9.88 -23.35
C SER A 217 29.70 -9.74 -24.20
N GLU A 218 30.80 -10.31 -23.75
CA GLU A 218 32.04 -10.28 -24.51
C GLU A 218 32.43 -11.62 -25.11
N SER A 219 32.17 -12.73 -24.42
CA SER A 219 32.55 -14.05 -24.88
C SER A 219 31.31 -14.76 -25.42
N VAL A 220 31.22 -14.89 -26.75
CA VAL A 220 30.07 -15.47 -27.41
C VAL A 220 30.55 -16.41 -28.51
N THR A 221 29.62 -17.23 -29.00
CA THR A 221 29.88 -18.12 -30.12
C THR A 221 29.30 -17.52 -31.39
N GLN A 222 29.50 -18.22 -32.51
CA GLN A 222 28.92 -17.78 -33.77
C GLN A 222 27.40 -17.86 -33.73
N GLY A 223 26.75 -16.94 -34.43
CA GLY A 223 25.31 -16.93 -34.57
C GLY A 223 24.58 -16.20 -33.45
N THR A 224 25.19 -16.08 -32.28
CA THR A 224 24.55 -15.40 -31.16
C THR A 224 24.52 -13.90 -31.41
N ASP A 225 23.33 -13.32 -31.49
CA ASP A 225 23.22 -11.89 -31.74
C ASP A 225 23.69 -11.14 -30.49
N VAL A 226 24.43 -10.05 -30.71
CA VAL A 226 24.94 -9.25 -29.60
C VAL A 226 24.48 -7.80 -29.77
N GLN A 227 23.97 -7.19 -28.70
CA GLN A 227 23.51 -5.82 -28.75
C GLN A 227 24.61 -4.91 -28.20
N TYR A 228 24.98 -3.90 -28.97
CA TYR A 228 25.99 -2.94 -28.55
C TYR A 228 25.40 -1.56 -28.33
N THR A 229 25.89 -0.85 -27.32
CA THR A 229 25.33 0.45 -27.01
C THR A 229 26.42 1.53 -27.07
N VAL A 230 26.09 2.65 -27.70
CA VAL A 230 26.96 3.82 -27.74
C VAL A 230 26.49 4.79 -26.67
N THR A 231 27.45 5.32 -25.91
CA THR A 231 27.18 6.13 -24.73
C THR A 231 27.95 7.45 -24.79
N ASN A 232 27.40 8.46 -24.13
CA ASN A 232 28.02 9.78 -23.96
C ASN A 232 28.31 10.47 -25.29
N GLY A 233 27.23 10.73 -26.05
CA GLY A 233 27.35 11.34 -27.34
C GLY A 233 26.40 12.52 -27.47
N ILE A 234 26.70 13.38 -28.44
CA ILE A 234 25.84 14.52 -28.73
C ILE A 234 24.54 14.05 -29.35
N ASP A 235 23.42 14.55 -28.83
CA ASP A 235 22.11 14.19 -29.36
C ASP A 235 21.90 14.84 -30.72
N GLY A 236 21.17 14.14 -31.59
CA GLY A 236 20.83 14.68 -32.89
C GLY A 236 21.89 14.51 -33.95
N ASN A 237 23.01 13.86 -33.64
CA ASN A 237 24.11 13.71 -34.58
C ASN A 237 24.33 12.23 -34.90
N GLU A 238 24.83 11.96 -36.10
CA GLU A 238 24.97 10.61 -36.61
C GLU A 238 26.41 10.12 -36.49
N HIS A 239 26.63 9.09 -35.66
CA HIS A 239 27.92 8.43 -35.59
C HIS A 239 28.01 7.35 -36.67
N VAL A 240 29.20 6.73 -36.76
CA VAL A 240 29.44 5.63 -37.70
C VAL A 240 30.16 4.50 -36.99
N VAL A 241 29.57 3.30 -37.05
CA VAL A 241 30.14 2.07 -36.51
C VAL A 241 30.70 1.27 -37.69
N ALA A 242 31.98 0.92 -37.60
CA ALA A 242 32.71 0.27 -38.68
C ALA A 242 33.00 -1.20 -38.39
N MET A 243 33.32 -1.94 -39.44
CA MET A 243 33.64 -3.36 -39.40
C MET A 243 34.76 -3.67 -40.38
N ASP A 244 35.84 -4.26 -39.88
CA ASP A 244 36.95 -4.62 -40.74
C ASP A 244 36.60 -5.84 -41.58
N LEU A 245 36.79 -5.74 -42.90
CA LEU A 245 36.40 -6.86 -43.75
C LEU A 245 37.33 -8.06 -43.58
N SER A 246 38.50 -7.87 -42.97
CA SER A 246 39.40 -8.99 -42.70
C SER A 246 38.80 -10.00 -41.74
N ASP A 247 37.99 -9.54 -40.77
CA ASP A 247 37.36 -10.43 -39.81
C ASP A 247 36.25 -11.28 -40.41
N LEU A 248 35.74 -10.93 -41.58
CA LEU A 248 34.67 -11.73 -42.17
C LEU A 248 35.20 -13.08 -42.61
N GLN A 249 34.29 -14.07 -42.65
CA GLN A 249 34.64 -15.39 -43.12
C GLN A 249 34.96 -15.36 -44.62
N ASN A 250 35.92 -16.20 -45.02
CA ASN A 250 36.40 -16.18 -46.40
C ASN A 250 35.32 -16.58 -47.38
N ASP A 251 34.44 -17.52 -47.01
CA ASP A 251 33.47 -18.08 -47.94
C ASP A 251 32.19 -17.27 -48.03
N ALA A 252 32.22 -16.00 -47.62
CA ALA A 252 31.00 -15.19 -47.65
C ALA A 252 30.75 -14.67 -49.06
N THR A 253 29.48 -14.35 -49.33
CA THR A 253 29.09 -13.80 -50.62
C THR A 253 28.72 -12.33 -50.45
N THR A 254 28.35 -11.70 -51.57
CA THR A 254 27.99 -10.29 -51.52
C THR A 254 26.74 -10.07 -50.68
N GLU A 255 25.71 -10.87 -50.93
CA GLU A 255 24.48 -10.78 -50.15
C GLU A 255 24.70 -11.25 -48.71
N GLN A 256 25.69 -12.12 -48.50
CA GLN A 256 25.94 -12.67 -47.18
C GLN A 256 26.60 -11.65 -46.26
N ALA A 257 27.25 -10.65 -46.82
CA ALA A 257 27.95 -9.65 -46.02
C ALA A 257 27.09 -8.45 -45.68
N LYS A 258 25.95 -8.26 -46.35
CA LYS A 258 25.15 -7.07 -46.12
C LYS A 258 24.20 -7.24 -44.94
N GLU A 259 24.23 -8.40 -44.28
CA GLU A 259 23.36 -8.72 -43.17
C GLU A 259 24.13 -8.86 -41.87
N VAL A 260 25.40 -8.42 -41.85
CA VAL A 260 26.17 -8.43 -40.62
C VAL A 260 25.61 -7.45 -39.61
N PHE A 261 25.24 -6.25 -40.05
CA PHE A 261 24.61 -5.26 -39.18
C PHE A 261 23.10 -5.27 -39.38
N ARG A 262 22.37 -5.29 -38.27
CA ARG A 262 20.93 -5.23 -38.35
C ARG A 262 20.47 -3.78 -38.31
N ASN A 263 19.21 -3.56 -38.67
CA ASN A 263 18.59 -2.24 -38.60
C ASN A 263 18.00 -1.98 -37.23
N ILE A 264 18.37 -2.79 -36.24
CA ILE A 264 17.82 -2.70 -34.90
C ILE A 264 18.22 -1.39 -34.22
N GLY A 265 17.38 -0.95 -33.28
CA GLY A 265 17.69 0.23 -32.51
C GLY A 265 17.58 1.49 -33.34
N ASP A 266 18.49 2.43 -33.11
CA ASP A 266 18.42 3.73 -33.73
C ASP A 266 19.13 3.78 -35.08
N THR A 267 19.63 2.65 -35.56
CA THR A 267 20.38 2.64 -36.81
C THR A 267 19.50 3.10 -37.97
N SER A 268 20.08 3.92 -38.84
CA SER A 268 19.35 4.43 -40.00
C SER A 268 19.70 3.66 -41.27
N GLU A 269 20.98 3.62 -41.62
CA GLU A 269 21.42 2.96 -42.85
C GLU A 269 22.55 2.00 -42.53
N VAL A 270 22.58 0.91 -43.29
CA VAL A 270 23.62 -0.11 -43.21
C VAL A 270 24.21 -0.33 -44.60
N GLY A 271 25.46 -0.77 -44.65
CA GLY A 271 26.04 -1.10 -45.94
C GLY A 271 27.53 -1.31 -45.82
N ILE A 272 28.15 -1.47 -46.98
CA ILE A 272 29.59 -1.67 -47.10
C ILE A 272 30.16 -0.52 -47.91
N ALA A 273 31.34 -0.06 -47.54
CA ALA A 273 31.92 1.09 -48.21
C ALA A 273 33.37 0.82 -48.60
N ASN A 274 33.69 1.19 -49.84
CA ASN A 274 35.04 1.20 -50.37
C ASN A 274 35.63 2.56 -50.05
N SER A 275 36.88 2.80 -50.43
CA SER A 275 37.49 4.07 -50.06
C SER A 275 36.71 5.24 -50.67
N SER A 276 36.26 5.09 -51.92
CA SER A 276 35.59 6.17 -52.62
C SER A 276 34.11 5.93 -52.87
N ALA A 277 33.65 4.69 -52.90
CA ALA A 277 32.27 4.37 -53.21
C ALA A 277 31.66 3.48 -52.13
N THR A 278 30.32 3.48 -52.08
CA THR A 278 29.59 2.71 -51.10
C THR A 278 28.49 1.88 -51.76
N ASN A 279 28.18 0.75 -51.14
CA ASN A 279 27.12 -0.17 -51.53
C ASN A 279 26.20 -0.27 -50.33
N THR A 280 25.06 0.42 -50.38
CA THR A 280 24.16 0.44 -49.25
C THR A 280 23.27 -0.80 -49.25
N SER A 281 22.50 -0.95 -48.16
CA SER A 281 21.59 -2.08 -48.04
C SER A 281 20.39 -1.95 -48.97
N GLY A 282 20.15 -0.77 -49.54
CA GLY A 282 19.05 -0.61 -50.47
C GLY A 282 19.24 -1.43 -51.74
N SER A 283 20.44 -1.40 -52.30
CA SER A 283 20.69 -2.06 -53.57
C SER A 283 22.13 -2.52 -53.65
N SER A 284 22.37 -3.51 -54.50
CA SER A 284 23.71 -4.03 -54.76
C SER A 284 24.29 -3.35 -56.00
N THR A 285 24.55 -2.05 -55.85
CA THR A 285 25.03 -1.24 -56.97
C THR A 285 26.47 -0.79 -56.81
N GLY A 286 26.94 -0.58 -55.59
CA GLY A 286 28.28 -0.08 -55.38
C GLY A 286 29.31 -1.18 -55.44
N PRO A 287 30.36 -1.06 -54.63
CA PRO A 287 31.45 -2.04 -54.68
C PRO A 287 30.99 -3.41 -54.20
N THR A 288 31.73 -4.44 -54.62
CA THR A 288 31.43 -5.79 -54.23
C THR A 288 32.16 -6.13 -52.92
N VAL A 289 31.97 -7.36 -52.45
CA VAL A 289 32.57 -7.75 -51.18
C VAL A 289 34.09 -7.75 -51.26
N GLU A 290 34.65 -8.22 -52.38
CA GLU A 290 36.10 -8.15 -52.55
C GLU A 290 36.55 -6.73 -52.85
N THR A 291 35.75 -5.96 -53.59
CA THR A 291 36.14 -4.59 -53.92
C THR A 291 36.10 -3.67 -52.71
N ALA A 292 35.06 -3.78 -51.89
CA ALA A 292 34.91 -2.92 -50.73
C ALA A 292 35.88 -3.36 -49.63
N ASP A 293 36.11 -2.46 -48.68
CA ASP A 293 37.06 -2.73 -47.61
C ASP A 293 36.51 -2.52 -46.21
N ILE A 294 35.41 -1.79 -46.04
CA ILE A 294 34.88 -1.52 -44.71
C ILE A 294 33.37 -1.79 -44.74
N ALA A 295 32.83 -2.19 -43.60
CA ALA A 295 31.38 -2.34 -43.46
C ALA A 295 30.90 -1.34 -42.43
N TYR A 296 29.89 -0.55 -42.76
CA TYR A 296 29.49 0.52 -41.85
C TYR A 296 28.01 0.43 -41.56
N ALA A 297 27.62 1.15 -40.51
CA ALA A 297 26.20 1.27 -40.15
C ALA A 297 25.98 2.61 -39.46
N VAL A 298 25.53 3.61 -40.22
CA VAL A 298 25.36 4.94 -39.65
C VAL A 298 24.24 4.89 -38.61
N VAL A 299 24.53 5.39 -37.41
CA VAL A 299 23.59 5.28 -36.30
C VAL A 299 23.41 6.65 -35.66
N GLU A 300 22.15 7.04 -35.43
CA GLU A 300 21.87 8.29 -34.74
C GLU A 300 21.85 8.02 -33.24
N ILE A 301 21.48 9.04 -32.45
CA ILE A 301 21.32 8.89 -31.01
C ILE A 301 20.14 9.72 -30.55
N ASP A 302 19.30 9.14 -29.70
CA ASP A 302 18.15 9.83 -29.12
C ASP A 302 18.34 9.83 -27.60
N GLY A 303 18.78 10.96 -27.07
CA GLY A 303 19.10 11.07 -25.66
C GLY A 303 20.60 11.03 -25.43
N ALA A 304 21.03 10.21 -24.47
CA ALA A 304 22.45 10.05 -24.17
C ALA A 304 23.05 8.77 -24.73
N SER A 305 22.23 7.84 -25.22
CA SER A 305 22.75 6.56 -25.67
C SER A 305 21.91 6.04 -26.83
N ALA A 306 22.53 5.18 -27.64
CA ALA A 306 21.84 4.51 -28.74
C ALA A 306 22.22 3.04 -28.74
N VAL A 307 21.32 2.19 -29.24
CA VAL A 307 21.52 0.74 -29.22
C VAL A 307 21.49 0.18 -30.63
N GLY A 308 22.43 -0.72 -30.93
CA GLY A 308 22.49 -1.42 -32.19
C GLY A 308 22.65 -2.91 -31.95
N GLY A 309 22.88 -3.68 -32.99
CA GLY A 309 23.12 -5.11 -32.83
C GLY A 309 23.95 -5.68 -33.94
N ILE A 310 24.66 -6.78 -33.64
CA ILE A 310 25.49 -7.48 -34.59
C ILE A 310 25.09 -8.96 -34.59
N GLU A 311 25.48 -9.66 -35.65
CA GLU A 311 25.26 -11.09 -35.84
C GLU A 311 26.60 -11.81 -35.93
N THR A 312 26.99 -12.53 -34.87
CA THR A 312 28.29 -13.18 -34.84
C THR A 312 28.43 -14.30 -35.86
N GLN A 313 27.33 -14.75 -36.47
CA GLN A 313 27.40 -15.77 -37.50
C GLN A 313 28.23 -15.29 -38.70
N TYR A 314 28.90 -16.22 -39.36
CA TYR A 314 29.82 -15.92 -40.46
C TYR A 314 30.94 -14.96 -40.04
N LEU A 315 31.51 -15.21 -38.87
CA LEU A 315 32.64 -14.44 -38.38
C LEU A 315 33.75 -15.40 -37.95
N ASP A 316 35.00 -15.01 -38.23
CA ASP A 316 36.13 -15.86 -37.93
C ASP A 316 36.28 -15.98 -36.41
N ASP A 317 36.79 -17.13 -35.95
CA ASP A 317 36.92 -17.39 -34.51
C ASP A 317 38.17 -16.69 -33.99
N SER A 318 38.02 -15.40 -33.68
CA SER A 318 39.17 -14.62 -33.22
C SER A 318 38.65 -13.36 -32.54
N GLU A 319 39.58 -12.47 -32.20
CA GLU A 319 39.23 -11.20 -31.58
C GLU A 319 38.58 -10.28 -32.60
N VAL A 320 37.45 -9.69 -32.23
CA VAL A 320 36.68 -8.84 -33.12
C VAL A 320 36.60 -7.46 -32.48
N ASP A 321 36.88 -6.43 -33.27
CA ASP A 321 36.92 -5.06 -32.80
C ASP A 321 35.78 -4.26 -33.41
N LEU A 322 35.34 -3.24 -32.67
CA LEU A 322 34.31 -2.32 -33.12
C LEU A 322 34.92 -0.93 -33.06
N GLU A 323 34.81 -0.18 -34.15
CA GLU A 323 35.42 1.14 -34.28
C GLU A 323 34.33 2.17 -34.50
N VAL A 324 34.34 3.24 -33.71
CA VAL A 324 33.39 4.33 -33.89
C VAL A 324 34.12 5.52 -34.49
N TYR A 325 33.35 6.42 -35.09
CA TYR A 325 33.95 7.58 -35.75
C TYR A 325 33.25 8.84 -35.28
N ASP A 326 33.90 9.98 -35.52
CA ASP A 326 33.39 11.25 -35.03
C ASP A 326 32.11 11.64 -35.74
N ALA A 327 31.32 12.50 -35.08
CA ALA A 327 30.04 12.90 -35.64
C ALA A 327 30.26 13.70 -36.92
N GLY A 328 29.42 13.45 -37.91
CA GLY A 328 29.47 14.21 -39.14
C GLY A 328 30.40 13.67 -40.20
N VAL A 329 31.16 12.62 -39.90
CA VAL A 329 32.04 12.04 -40.90
C VAL A 329 31.23 11.24 -41.91
N SER A 330 31.67 11.25 -43.15
CA SER A 330 31.02 10.45 -44.18
C SER A 330 31.55 9.02 -44.13
N ALA A 331 30.75 8.09 -44.68
CA ALA A 331 31.18 6.71 -44.73
C ALA A 331 32.40 6.54 -45.63
N THR A 332 32.37 7.16 -46.81
CA THR A 332 33.47 7.01 -47.75
C THR A 332 34.74 7.66 -47.23
N ALA A 333 34.62 8.81 -46.58
CA ALA A 333 35.78 9.56 -46.12
C ALA A 333 36.37 9.00 -44.84
N ALA A 334 35.73 8.02 -44.21
CA ALA A 334 36.18 7.50 -42.93
C ALA A 334 37.09 6.30 -43.06
N VAL A 335 37.46 5.92 -44.28
CA VAL A 335 38.26 4.72 -44.49
C VAL A 335 39.66 4.89 -43.91
N GLY A 336 40.25 6.08 -44.05
CA GLY A 336 41.62 6.26 -43.59
C GLY A 336 41.72 6.84 -42.21
N GLN A 337 40.73 7.65 -41.82
CA GLN A 337 40.79 8.34 -40.54
C GLN A 337 40.74 7.34 -39.38
N ASP A 338 41.50 7.63 -38.33
CA ASP A 338 41.52 6.76 -37.17
C ASP A 338 40.19 6.83 -36.43
N ALA A 339 39.85 5.74 -35.75
CA ALA A 339 38.62 5.66 -35.01
C ALA A 339 38.72 6.47 -33.72
N THR A 340 37.64 7.16 -33.37
CA THR A 340 37.65 7.89 -32.10
C THR A 340 37.75 6.93 -30.93
N ASN A 341 37.05 5.80 -30.99
CA ASN A 341 37.14 4.80 -29.93
C ASN A 341 36.94 3.42 -30.55
N ASP A 342 37.13 2.40 -29.70
CA ASP A 342 37.04 1.02 -30.12
C ASP A 342 36.68 0.15 -28.92
N ILE A 343 36.23 -1.06 -29.21
CA ILE A 343 35.95 -2.07 -28.18
C ILE A 343 36.18 -3.44 -28.79
N THR A 344 36.69 -4.39 -28.00
CA THR A 344 37.02 -5.71 -28.53
C THR A 344 36.31 -6.80 -27.75
N LEU A 345 35.91 -7.85 -28.46
CA LEU A 345 35.28 -9.03 -27.88
C LEU A 345 35.90 -10.29 -28.47
N THR A 346 35.79 -11.39 -27.74
CA THR A 346 36.34 -12.67 -28.16
C THR A 346 35.22 -13.60 -28.62
N ILE A 347 35.49 -14.34 -29.69
CA ILE A 347 34.53 -15.29 -30.25
C ILE A 347 35.18 -16.67 -30.31
N GLU A 348 34.44 -17.67 -29.84
CA GLU A 348 34.89 -19.05 -29.77
C GLU A 348 33.93 -19.95 -30.54
N GLU A 349 34.42 -21.13 -30.91
CA GLU A 349 33.62 -22.07 -31.67
C GLU A 349 32.62 -22.78 -30.77
N GLY A 350 31.67 -23.46 -31.39
CA GLY A 350 30.62 -24.14 -30.66
C GLY A 350 30.52 -25.57 -31.14
N GLY A 351 30.00 -26.43 -30.26
CA GLY A 351 29.96 -27.85 -30.54
C GLY A 351 28.58 -28.40 -30.84
N THR A 352 28.53 -29.51 -31.59
CA THR A 352 27.27 -30.09 -32.03
C THR A 352 27.46 -31.60 -32.03
N THR A 353 26.89 -32.27 -31.03
CA THR A 353 27.12 -33.69 -30.83
C THR A 353 25.80 -34.44 -30.74
N LEU A 354 25.86 -35.74 -31.03
CA LEU A 354 24.72 -36.63 -30.89
C LEU A 354 24.87 -37.47 -29.64
N SER A 355 23.74 -37.84 -29.05
CA SER A 355 23.74 -38.57 -27.79
C SER A 355 23.08 -39.94 -27.92
N SER A 356 21.87 -40.01 -28.45
CA SER A 356 21.11 -41.25 -28.47
C SER A 356 21.60 -42.21 -29.56
N PRO A 357 21.87 -41.73 -30.81
CA PRO A 357 22.29 -42.73 -31.82
C PRO A 357 23.74 -43.17 -31.65
N THR A 358 24.01 -43.90 -30.58
CA THR A 358 25.38 -44.28 -30.26
C THR A 358 25.40 -45.69 -29.69
N GLY A 359 26.45 -46.45 -30.04
CA GLY A 359 26.69 -47.75 -29.47
C GLY A 359 26.04 -48.91 -30.19
N GLN A 360 24.72 -49.04 -30.05
CA GLN A 360 23.99 -50.15 -30.60
C GLN A 360 22.69 -49.66 -31.25
N TYR A 361 22.20 -50.44 -32.22
CA TYR A 361 20.93 -50.13 -32.88
C TYR A 361 20.40 -51.42 -33.46
N VAL A 362 19.19 -51.82 -33.09
CA VAL A 362 18.58 -53.00 -33.68
C VAL A 362 18.00 -52.63 -35.05
N VAL A 363 18.35 -53.43 -36.06
CA VAL A 363 17.90 -53.13 -37.42
C VAL A 363 16.39 -53.21 -37.50
N GLY A 364 15.77 -52.19 -38.09
CA GLY A 364 14.33 -52.13 -38.22
C GLY A 364 13.62 -51.53 -37.03
N SER A 365 14.33 -51.27 -35.94
CA SER A 365 13.71 -50.70 -34.76
C SER A 365 13.56 -49.19 -34.92
N GLU A 366 12.76 -48.59 -34.06
CA GLU A 366 12.55 -47.15 -34.09
C GLU A 366 13.20 -46.52 -32.87
N VAL A 367 13.81 -45.36 -33.08
CA VAL A 367 14.52 -44.65 -32.02
C VAL A 367 14.41 -43.16 -32.29
N ASP A 368 14.50 -42.36 -31.24
CA ASP A 368 14.45 -40.92 -31.39
C ASP A 368 15.84 -40.38 -31.70
N ILE A 369 15.87 -39.17 -32.24
CA ILE A 369 17.12 -38.48 -32.52
C ILE A 369 17.32 -37.45 -31.41
N ASN A 370 18.33 -37.66 -30.58
CA ASN A 370 18.60 -36.81 -29.43
C ASN A 370 20.01 -36.25 -29.50
N GLY A 371 20.16 -34.96 -29.28
CA GLY A 371 21.49 -34.39 -29.34
C GLY A 371 21.47 -32.91 -29.04
N THR A 372 22.64 -32.29 -29.18
CA THR A 372 22.77 -30.87 -28.90
C THR A 372 23.56 -30.20 -30.01
N ALA A 373 23.32 -28.90 -30.16
CA ALA A 373 23.97 -28.08 -31.18
C ALA A 373 24.02 -26.65 -30.65
N THR A 374 25.21 -26.17 -30.29
CA THR A 374 25.34 -24.85 -29.69
C THR A 374 24.97 -23.75 -30.68
N SER A 375 25.55 -23.79 -31.87
CA SER A 375 25.32 -22.76 -32.89
C SER A 375 24.81 -23.46 -34.15
N SER A 376 23.50 -23.65 -34.22
CA SER A 376 22.89 -24.32 -35.36
C SER A 376 21.44 -23.88 -35.47
N ASP A 377 20.92 -23.94 -36.69
CA ASP A 377 19.51 -23.70 -36.98
C ASP A 377 18.83 -24.93 -37.57
N SER A 378 19.44 -25.55 -38.57
CA SER A 378 18.94 -26.78 -39.17
C SER A 378 20.06 -27.80 -39.19
N VAL A 379 19.73 -29.04 -38.82
CA VAL A 379 20.72 -30.10 -38.74
C VAL A 379 20.26 -31.30 -39.56
N ALA A 380 21.23 -32.01 -40.12
CA ALA A 380 20.98 -33.18 -40.95
C ALA A 380 21.82 -34.34 -40.46
N ILE A 381 21.33 -35.54 -40.71
CA ILE A 381 21.95 -36.79 -40.24
C ILE A 381 22.44 -37.58 -41.46
N TYR A 382 23.70 -38.01 -41.40
CA TYR A 382 24.33 -38.74 -42.48
C TYR A 382 24.89 -40.04 -41.93
N VAL A 383 24.98 -41.05 -42.79
CA VAL A 383 25.48 -42.37 -42.41
C VAL A 383 26.62 -42.74 -43.36
N ARG A 384 27.71 -43.24 -42.80
CA ARG A 384 28.89 -43.59 -43.57
C ARG A 384 29.30 -45.01 -43.28
N ASP A 385 29.75 -45.71 -44.33
CA ASP A 385 30.30 -47.06 -44.16
C ASP A 385 31.22 -47.30 -45.36
N ASP A 386 32.53 -47.20 -45.11
CA ASP A 386 33.60 -47.49 -46.08
C ASP A 386 33.40 -46.72 -47.39
N GLY A 387 33.06 -45.43 -47.27
CA GLY A 387 32.87 -44.61 -48.45
C GLY A 387 32.16 -43.29 -48.22
N ASP A 388 31.18 -42.97 -49.05
CA ASP A 388 30.52 -41.68 -48.97
C ASP A 388 29.59 -41.61 -47.76
N TRP A 389 29.30 -40.36 -47.35
CA TRP A 389 28.31 -40.10 -46.31
C TRP A 389 26.94 -39.95 -46.95
N GLN A 390 26.19 -41.05 -46.97
CA GLN A 390 24.86 -41.02 -47.56
C GLN A 390 23.90 -40.26 -46.64
N LEU A 391 23.14 -39.33 -47.23
CA LEU A 391 22.19 -38.54 -46.47
C LEU A 391 21.05 -39.42 -45.97
N LEU A 392 20.64 -39.20 -44.72
CA LEU A 392 19.52 -39.92 -44.12
C LEU A 392 18.29 -39.02 -44.20
N GLU A 393 17.26 -39.51 -44.91
CA GLU A 393 16.03 -38.75 -45.16
C GLU A 393 15.13 -38.84 -43.95
N ILE A 394 15.33 -37.91 -43.00
CA ILE A 394 14.54 -37.92 -41.77
C ILE A 394 13.07 -37.64 -42.04
N GLY A 395 12.75 -36.96 -43.14
CA GLY A 395 11.36 -36.65 -43.43
C GLY A 395 11.14 -35.19 -43.76
N GLY A 396 10.36 -34.50 -42.93
CA GLY A 396 9.97 -33.13 -43.17
C GLY A 396 11.15 -32.16 -43.20
N ASP A 397 11.45 -31.64 -44.39
CA ASP A 397 12.45 -30.61 -44.64
C ASP A 397 13.87 -31.09 -44.36
N ASN A 398 14.06 -32.33 -43.93
CA ASN A 398 15.38 -32.89 -43.66
C ASN A 398 16.19 -32.01 -42.73
N GLU A 399 15.53 -31.51 -41.68
CA GLU A 399 16.17 -30.62 -40.74
C GLU A 399 15.43 -30.70 -39.40
N ILE A 400 16.13 -30.28 -38.34
CA ILE A 400 15.56 -30.21 -37.01
C ILE A 400 15.93 -28.86 -36.41
N SER A 401 14.94 -28.17 -35.87
CA SER A 401 15.20 -26.88 -35.24
C SER A 401 15.84 -27.10 -33.88
N VAL A 402 16.50 -26.05 -33.39
CA VAL A 402 17.20 -26.10 -32.11
C VAL A 402 16.56 -25.11 -31.15
N ASP A 403 16.34 -25.53 -29.92
CA ASP A 403 15.71 -24.69 -28.91
C ASP A 403 16.76 -23.74 -28.32
N SER A 404 16.35 -22.97 -27.31
CA SER A 404 17.29 -22.06 -26.66
C SER A 404 18.35 -22.80 -25.87
N ASP A 405 18.04 -24.01 -25.39
CA ASP A 405 19.00 -24.79 -24.61
C ASP A 405 20.02 -25.49 -25.49
N ASP A 406 20.12 -25.10 -26.77
CA ASP A 406 21.09 -25.69 -27.69
C ASP A 406 20.92 -27.20 -27.78
N THR A 407 19.68 -27.67 -27.80
CA THR A 407 19.37 -29.09 -27.85
C THR A 407 18.29 -29.36 -28.88
N PHE A 408 18.48 -30.41 -29.67
CA PHE A 408 17.51 -30.82 -30.68
C PHE A 408 17.12 -32.27 -30.48
N GLU A 409 15.85 -32.55 -30.77
CA GLU A 409 15.26 -33.86 -30.59
C GLU A 409 14.25 -34.11 -31.70
N GLU A 410 13.99 -35.39 -31.93
CA GLU A 410 13.02 -35.87 -32.92
C GLU A 410 12.26 -37.03 -32.30
N GLU A 411 11.06 -37.28 -32.83
CA GLU A 411 10.24 -38.36 -32.31
C GLU A 411 10.87 -39.71 -32.67
N ASP A 412 10.21 -40.78 -32.26
CA ASP A 412 10.74 -42.12 -32.52
C ASP A 412 10.68 -42.43 -34.01
N ILE A 413 11.83 -42.62 -34.63
CA ILE A 413 11.95 -42.89 -36.06
C ILE A 413 12.69 -44.20 -36.27
N ALA A 414 12.14 -45.05 -37.12
CA ALA A 414 12.81 -46.28 -37.53
C ALA A 414 13.80 -45.96 -38.64
N LEU A 415 15.09 -46.04 -38.35
CA LEU A 415 16.09 -45.66 -39.34
C LEU A 415 16.01 -46.57 -40.56
N SER A 416 15.96 -47.88 -40.33
CA SER A 416 15.85 -48.83 -41.43
C SER A 416 14.43 -48.86 -41.98
N GLY A 417 13.45 -48.54 -41.14
CA GLY A 417 12.06 -48.60 -41.55
C GLY A 417 11.70 -47.58 -42.61
N LEU A 418 12.30 -46.40 -42.55
CA LEU A 418 11.94 -45.33 -43.45
C LEU A 418 12.32 -45.65 -44.89
N SER A 419 11.57 -45.07 -45.83
CA SER A 419 11.78 -45.34 -47.24
C SER A 419 12.94 -44.50 -47.73
N GLY A 420 13.72 -45.05 -48.63
CA GLY A 420 14.87 -44.37 -49.18
C GLY A 420 16.00 -45.36 -49.34
N ASP A 421 16.96 -45.01 -50.20
CA ASP A 421 18.13 -45.86 -50.35
C ASP A 421 19.10 -45.74 -49.18
N GLY A 422 19.02 -44.64 -48.41
CA GLY A 422 19.88 -44.51 -47.25
C GLY A 422 19.61 -45.58 -46.22
N SER A 423 18.33 -45.87 -45.97
CA SER A 423 17.96 -46.89 -45.00
C SER A 423 18.43 -48.27 -45.44
N SER A 424 18.58 -48.48 -46.76
CA SER A 424 18.96 -49.80 -47.23
C SER A 424 20.34 -50.19 -46.73
N ILE A 425 21.21 -49.21 -46.52
CA ILE A 425 22.53 -49.54 -45.97
C ILE A 425 22.35 -50.08 -44.56
N LEU A 426 21.50 -49.43 -43.77
CA LEU A 426 21.30 -49.84 -42.39
C LEU A 426 20.51 -51.13 -42.30
N SER A 427 19.89 -51.57 -43.41
CA SER A 427 19.09 -52.77 -43.37
C SER A 427 19.97 -53.98 -43.09
N LEU A 428 21.14 -54.03 -43.71
CA LEU A 428 22.05 -55.15 -43.55
C LEU A 428 22.83 -55.02 -42.23
N THR A 429 23.11 -56.17 -41.63
CA THR A 429 23.83 -56.20 -40.35
C THR A 429 25.29 -55.79 -40.53
N GLY A 430 25.78 -54.94 -39.63
CA GLY A 430 27.16 -54.55 -39.70
C GLY A 430 27.45 -53.35 -38.80
N THR A 431 28.67 -52.83 -38.93
CA THR A 431 29.13 -51.66 -38.20
C THR A 431 29.32 -50.47 -39.13
N TYR A 432 28.71 -49.35 -38.79
CA TYR A 432 28.66 -48.14 -39.61
C TYR A 432 29.04 -46.94 -38.75
N ARG A 433 28.85 -45.75 -39.30
CA ARG A 433 29.10 -44.48 -38.61
C ARG A 433 27.92 -43.56 -38.87
N ILE A 434 27.53 -42.77 -37.87
CA ILE A 434 26.43 -41.84 -38.04
C ILE A 434 26.87 -40.49 -37.50
N GLY A 435 26.55 -39.43 -38.23
CA GLY A 435 26.96 -38.10 -37.86
C GLY A 435 25.91 -37.06 -38.17
N VAL A 436 26.06 -35.92 -37.51
CA VAL A 436 25.17 -34.79 -37.70
C VAL A 436 26.00 -33.62 -38.24
N ILE A 437 25.33 -32.77 -39.01
CA ILE A 437 25.96 -31.61 -39.65
C ILE A 437 24.96 -30.45 -39.65
N ASP A 438 25.48 -29.24 -39.52
CA ASP A 438 24.62 -28.06 -39.52
C ASP A 438 24.13 -27.77 -40.94
N ALA A 439 23.27 -26.75 -41.07
CA ALA A 439 22.71 -26.28 -42.34
C ALA A 439 23.71 -25.54 -43.20
N SER A 440 25.00 -25.54 -42.88
CA SER A 440 25.98 -24.88 -43.73
C SER A 440 26.07 -25.49 -45.13
N ASP A 441 25.68 -26.76 -45.28
CA ASP A 441 25.66 -27.37 -46.61
C ASP A 441 24.68 -26.66 -47.52
N ALA A 442 23.38 -26.69 -47.18
CA ALA A 442 22.33 -26.05 -47.98
C ALA A 442 22.40 -26.49 -49.44
N ASP A 443 22.41 -27.80 -49.66
CA ASP A 443 22.59 -28.38 -50.98
C ASP A 443 23.90 -27.91 -51.62
N VAL A 444 24.95 -27.88 -50.80
CA VAL A 444 26.33 -27.48 -51.18
C VAL A 444 26.31 -26.24 -52.08
N GLY A 445 25.33 -25.37 -51.88
CA GLY A 445 25.18 -24.20 -52.72
C GLY A 445 24.01 -24.32 -53.68
N GLY A 446 22.90 -23.67 -53.36
CA GLY A 446 21.73 -23.75 -54.20
C GLY A 446 20.44 -23.55 -53.45
N ASP A 447 19.47 -24.43 -53.68
CA ASP A 447 18.19 -24.36 -52.99
C ASP A 447 18.37 -24.63 -51.50
N GLY A 448 17.50 -24.02 -50.70
CA GLY A 448 17.54 -24.16 -49.26
C GLY A 448 17.02 -25.49 -48.76
N SER A 449 17.72 -26.58 -49.12
CA SER A 449 17.32 -27.91 -48.69
C SER A 449 18.56 -28.80 -48.67
N VAL A 450 18.61 -29.71 -47.69
CA VAL A 450 19.74 -30.62 -47.52
C VAL A 450 19.46 -31.83 -48.40
N ASP A 451 19.96 -31.79 -49.63
CA ASP A 451 19.80 -32.91 -50.58
C ASP A 451 21.12 -33.10 -51.33
N ASP A 452 22.01 -33.90 -50.75
CA ASP A 452 23.31 -34.26 -51.31
C ASP A 452 23.82 -35.50 -50.59
N SER A 453 25.00 -35.97 -51.00
CA SER A 453 25.76 -37.00 -50.29
C SER A 453 27.18 -36.47 -50.12
N LEU A 454 27.40 -35.68 -49.07
CA LEU A 454 28.69 -35.02 -48.88
C LEU A 454 29.80 -36.04 -48.66
N THR A 455 30.94 -35.80 -49.29
CA THR A 455 32.08 -36.70 -49.14
C THR A 455 32.78 -36.44 -47.80
N THR A 456 33.91 -37.11 -47.58
CA THR A 456 34.63 -36.93 -46.32
C THR A 456 35.13 -35.50 -46.16
N SER A 457 35.70 -34.94 -47.23
CA SER A 457 36.20 -33.56 -47.16
C SER A 457 35.08 -32.57 -46.93
N GLU A 458 33.96 -32.73 -47.65
CA GLU A 458 32.85 -31.80 -47.50
C GLU A 458 32.21 -31.93 -46.12
N PHE A 459 32.05 -33.16 -45.63
CA PHE A 459 31.45 -33.37 -44.33
C PHE A 459 32.34 -32.83 -43.21
N THR A 460 33.64 -33.04 -43.32
CA THR A 460 34.56 -32.60 -42.27
C THR A 460 34.79 -31.10 -42.32
N SER A 461 34.72 -30.49 -43.50
CA SER A 461 35.04 -29.08 -43.64
C SER A 461 34.10 -28.21 -42.79
N GLY A 462 32.80 -28.48 -42.86
CA GLY A 462 31.85 -27.77 -42.05
C GLY A 462 31.81 -28.31 -40.63
N VAL A 463 31.01 -27.63 -39.79
CA VAL A 463 30.83 -28.10 -38.43
C VAL A 463 29.96 -29.35 -38.44
N SER A 464 30.44 -30.40 -37.79
CA SER A 464 29.77 -31.70 -37.83
C SER A 464 30.37 -32.57 -36.73
N SER A 465 29.81 -33.76 -36.57
CA SER A 465 30.36 -34.73 -35.63
C SER A 465 29.78 -36.11 -35.94
N SER A 466 30.60 -37.14 -35.78
CA SER A 466 30.17 -38.50 -36.06
C SER A 466 30.60 -39.45 -34.94
N ASN A 467 29.82 -40.52 -34.80
CA ASN A 467 30.07 -41.54 -33.79
C ASN A 467 29.77 -42.91 -34.37
N SER A 468 30.50 -43.91 -33.88
CA SER A 468 30.39 -45.27 -34.38
C SER A 468 29.08 -45.90 -33.91
N ILE A 469 28.38 -46.57 -34.82
CA ILE A 469 27.13 -47.24 -34.51
C ILE A 469 27.15 -48.60 -35.21
N ARG A 470 26.59 -49.62 -34.56
CA ARG A 470 26.46 -50.91 -35.23
C ARG A 470 25.04 -51.43 -35.07
N VAL A 471 24.57 -52.14 -36.09
CA VAL A 471 23.21 -52.65 -36.13
C VAL A 471 23.22 -54.14 -35.84
N THR A 472 22.31 -54.55 -34.97
CA THR A 472 22.16 -55.93 -34.54
C THR A 472 20.85 -56.48 -35.07
N ASP A 473 20.85 -57.76 -35.43
CA ASP A 473 19.63 -58.34 -35.98
C ASP A 473 18.56 -58.44 -34.89
N GLN A 474 17.31 -58.57 -35.32
CA GLN A 474 16.19 -58.60 -34.39
C GLN A 474 16.17 -59.90 -33.58
N GLU B 1 -6.27 17.03 -45.59
CA GLU B 1 -7.68 17.01 -45.20
C GLU B 1 -7.78 16.50 -43.76
N ARG B 2 -8.90 16.79 -43.10
CA ARG B 2 -9.18 16.28 -41.77
C ARG B 2 -10.47 15.47 -41.83
N GLY B 3 -10.44 14.25 -41.31
CA GLY B 3 -11.57 13.35 -41.46
C GLY B 3 -11.25 12.33 -42.54
N ASN B 4 -10.57 12.78 -43.59
CA ASN B 4 -10.07 11.90 -44.65
C ASN B 4 -8.57 12.12 -44.68
N LEU B 5 -7.87 11.45 -43.76
CA LEU B 5 -6.46 11.72 -43.55
C LEU B 5 -5.61 11.18 -44.69
N ASP B 6 -5.95 10.02 -45.23
CA ASP B 6 -5.14 9.41 -46.28
C ASP B 6 -5.42 9.95 -47.66
N ALA B 7 -6.45 10.79 -47.84
CA ALA B 7 -6.65 11.42 -49.13
C ALA B 7 -5.47 12.28 -49.54
N ASP B 8 -4.67 12.75 -48.59
CA ASP B 8 -3.53 13.62 -48.88
C ASP B 8 -2.21 13.01 -48.40
N SER B 9 -2.21 11.74 -47.99
CA SER B 9 -1.01 11.05 -47.52
C SER B 9 -0.36 11.74 -46.32
N GLU B 10 -1.11 12.59 -45.63
CA GLU B 10 -0.61 13.28 -44.45
C GLU B 10 -0.77 12.39 -43.22
N SER B 11 0.30 12.26 -42.43
CA SER B 11 0.20 11.47 -41.20
C SER B 11 -0.72 12.12 -40.18
N PHE B 12 -0.75 13.45 -40.13
CA PHE B 12 -1.51 14.16 -39.11
C PHE B 12 -1.98 15.48 -39.70
N ASN B 13 -3.08 16.00 -39.15
CA ASN B 13 -3.57 17.30 -39.55
C ASN B 13 -4.04 18.04 -38.31
N LYS B 14 -3.63 19.30 -38.16
CA LYS B 14 -3.95 20.05 -36.96
C LYS B 14 -4.65 21.37 -37.24
N THR B 15 -5.25 21.51 -38.42
CA THR B 15 -6.04 22.70 -38.74
C THR B 15 -7.50 22.34 -38.52
N ILE B 16 -8.17 23.06 -37.64
CA ILE B 16 -9.53 22.71 -37.26
C ILE B 16 -10.50 23.69 -37.92
N GLN B 17 -11.53 23.16 -38.57
CA GLN B 17 -12.58 23.98 -39.13
C GLN B 17 -13.79 23.99 -38.21
N SER B 18 -14.63 25.02 -38.37
CA SER B 18 -15.80 25.16 -37.52
C SER B 18 -16.68 23.92 -37.61
N GLY B 19 -17.12 23.41 -36.47
CA GLY B 19 -18.07 22.31 -36.46
C GLY B 19 -17.47 20.95 -36.20
N ASP B 20 -16.15 20.82 -36.28
CA ASP B 20 -15.48 19.53 -36.21
C ASP B 20 -15.36 19.06 -34.76
N ARG B 21 -14.66 17.95 -34.56
CA ARG B 21 -14.43 17.39 -33.25
C ARG B 21 -12.96 17.52 -32.90
N VAL B 22 -12.68 17.75 -31.61
CA VAL B 22 -11.32 17.87 -31.09
C VAL B 22 -11.18 16.94 -29.91
N PHE B 23 -10.00 16.33 -29.77
CA PHE B 23 -9.76 15.35 -28.73
C PHE B 23 -8.97 15.97 -27.58
N LEU B 24 -8.78 15.18 -26.52
CA LEU B 24 -8.24 15.70 -25.28
C LEU B 24 -6.77 16.08 -25.39
N GLY B 25 -5.95 15.23 -26.01
CA GLY B 25 -4.53 15.51 -25.98
C GLY B 25 -4.01 16.26 -27.19
N GLU B 26 -4.89 16.88 -27.96
CA GLU B 26 -4.44 17.50 -29.20
C GLU B 26 -3.65 18.77 -28.90
N GLU B 27 -2.93 19.23 -29.92
CA GLU B 27 -2.19 20.50 -29.88
C GLU B 27 -2.60 21.27 -31.13
N ILE B 28 -3.70 22.01 -31.05
CA ILE B 28 -4.24 22.74 -32.20
C ILE B 28 -3.15 23.59 -32.83
N SER B 29 -3.19 23.77 -34.15
CA SER B 29 -2.25 24.63 -34.84
C SER B 29 -2.78 26.06 -34.86
N THR B 30 -1.94 27.01 -34.46
CA THR B 30 -2.32 28.41 -34.43
C THR B 30 -1.96 29.14 -35.72
N ASP B 31 -1.28 28.48 -36.66
CA ASP B 31 -0.84 29.16 -37.87
C ASP B 31 -2.02 29.56 -38.75
N ALA B 32 -3.00 28.67 -38.93
CA ALA B 32 -4.09 28.91 -39.85
C ALA B 32 -5.35 28.24 -39.31
N GLY B 33 -6.49 28.61 -39.89
CA GLY B 33 -7.73 27.99 -39.49
C GLY B 33 -8.25 28.59 -38.19
N LEU B 34 -8.95 27.77 -37.42
CA LEU B 34 -9.56 28.21 -36.17
C LEU B 34 -8.58 28.13 -35.01
N GLY B 35 -7.37 28.62 -35.25
CA GLY B 35 -6.33 28.65 -34.25
C GLY B 35 -5.80 30.06 -34.10
N ALA B 36 -6.13 30.90 -35.09
CA ALA B 36 -5.81 32.32 -35.07
C ALA B 36 -7.03 33.20 -35.26
N SER B 37 -8.12 32.66 -35.79
CA SER B 37 -9.36 33.40 -35.99
C SER B 37 -10.23 33.41 -34.74
N ASN B 38 -9.98 32.52 -33.79
CA ASN B 38 -10.71 32.48 -32.52
C ASN B 38 -9.93 31.63 -31.53
N PRO B 39 -8.90 32.20 -30.90
CA PRO B 39 -8.05 31.39 -30.00
C PRO B 39 -8.74 30.78 -28.80
N LEU B 40 -9.61 31.52 -28.11
CA LEU B 40 -10.28 31.01 -26.92
C LEU B 40 -11.79 30.92 -27.09
N LEU B 41 -12.37 29.89 -26.48
CA LEU B 41 -13.79 29.57 -26.57
C LEU B 41 -14.30 29.30 -25.17
N THR B 42 -15.63 29.29 -25.01
CA THR B 42 -16.24 29.06 -23.71
C THR B 42 -17.32 27.99 -23.82
N GLY B 43 -17.64 27.38 -22.68
CA GLY B 43 -18.61 26.30 -22.68
C GLY B 43 -20.00 26.80 -23.01
N THR B 44 -20.82 25.92 -23.58
CA THR B 44 -22.16 26.33 -24.00
C THR B 44 -23.26 25.82 -23.07
N ALA B 45 -23.27 24.52 -22.76
CA ALA B 45 -24.36 23.96 -22.00
C ALA B 45 -23.85 22.83 -21.11
N GLY B 46 -24.62 22.52 -20.07
CA GLY B 46 -24.29 21.40 -19.21
C GLY B 46 -23.10 21.70 -18.31
N ASN B 47 -22.36 20.64 -17.99
CA ASN B 47 -21.20 20.79 -17.12
C ASN B 47 -20.17 21.74 -17.73
N SER B 48 -20.03 21.71 -19.05
CA SER B 48 -19.06 22.54 -19.73
C SER B 48 -19.39 24.02 -19.60
N GLU B 49 -20.64 24.36 -19.30
CA GLU B 49 -21.08 25.75 -19.31
C GLU B 49 -20.25 26.59 -18.36
N GLY B 50 -19.76 27.71 -18.86
CA GLY B 50 -19.00 28.66 -18.09
C GLY B 50 -17.50 28.45 -18.11
N VAL B 51 -17.05 27.25 -18.48
CA VAL B 51 -15.63 26.94 -18.46
C VAL B 51 -14.99 27.51 -19.71
N SER B 52 -13.67 27.70 -19.67
CA SER B 52 -12.95 28.33 -20.78
C SER B 52 -11.96 27.34 -21.36
N LEU B 53 -11.96 27.23 -22.69
CA LEU B 53 -11.01 26.42 -23.44
C LEU B 53 -10.09 27.33 -24.24
N ASP B 54 -8.78 27.19 -24.05
CA ASP B 54 -7.82 27.96 -24.83
C ASP B 54 -7.19 27.04 -25.86
N LEU B 55 -7.46 27.32 -27.14
CA LEU B 55 -6.96 26.46 -28.21
C LEU B 55 -5.44 26.53 -28.34
N SER B 56 -4.85 27.70 -28.06
CA SER B 56 -3.42 27.88 -28.28
C SER B 56 -2.61 26.92 -27.42
N SER B 57 -2.95 26.79 -26.15
CA SER B 57 -2.25 25.87 -25.28
C SER B 57 -2.73 24.44 -25.48
N PRO B 58 -1.90 23.45 -25.17
CA PRO B 58 -2.35 22.06 -25.27
C PRO B 58 -3.55 21.81 -24.38
N ILE B 59 -4.56 21.16 -24.95
CA ILE B 59 -5.78 20.88 -24.18
C ILE B 59 -5.45 19.94 -23.04
N PRO B 60 -5.88 20.23 -21.80
CA PRO B 60 -5.55 19.36 -20.68
C PRO B 60 -6.15 17.97 -20.82
N GLN B 61 -5.46 17.00 -20.24
CA GLN B 61 -5.95 15.63 -20.14
C GLN B 61 -6.73 15.52 -18.85
N THR B 62 -7.04 14.29 -18.41
CA THR B 62 -7.63 13.86 -17.14
C THR B 62 -9.13 14.14 -17.06
N THR B 63 -9.72 14.90 -17.99
CA THR B 63 -11.15 15.17 -18.07
C THR B 63 -11.67 15.87 -16.82
N GLU B 64 -10.75 16.37 -15.99
CA GLU B 64 -11.07 17.19 -14.83
C GLU B 64 -10.51 18.58 -15.11
N ASN B 65 -11.24 19.60 -14.65
CA ASN B 65 -10.87 20.99 -14.88
C ASN B 65 -11.13 21.39 -16.33
N GLN B 66 -11.45 20.40 -17.17
CA GLN B 66 -11.85 20.65 -18.56
C GLN B 66 -12.98 19.70 -18.92
N PRO B 67 -14.19 19.97 -18.44
CA PRO B 67 -15.31 19.04 -18.68
C PRO B 67 -15.67 18.91 -20.15
N LEU B 68 -16.03 17.70 -20.54
CA LEU B 68 -16.39 17.41 -21.93
C LEU B 68 -17.70 18.10 -22.30
N GLY B 69 -17.79 18.55 -23.55
CA GLY B 69 -18.96 19.29 -23.99
C GLY B 69 -18.69 20.01 -25.29
N THR B 70 -19.57 20.95 -25.60
CA THR B 70 -19.45 21.78 -26.79
C THR B 70 -19.04 23.19 -26.39
N TYR B 71 -18.14 23.78 -27.15
CA TYR B 71 -17.59 25.08 -26.83
C TYR B 71 -17.85 26.07 -27.95
N ASP B 72 -18.29 27.27 -27.55
CA ASP B 72 -18.68 28.36 -28.43
C ASP B 72 -17.99 29.63 -27.94
N VAL B 73 -17.53 30.46 -28.86
CA VAL B 73 -16.77 31.65 -28.45
C VAL B 73 -17.64 32.61 -27.65
N ASP B 74 -18.87 32.85 -28.11
CA ASP B 74 -19.72 33.85 -27.47
C ASP B 74 -20.09 33.46 -26.05
N GLY B 75 -20.41 32.18 -25.83
CA GLY B 75 -20.92 31.74 -24.55
C GLY B 75 -22.03 30.76 -24.82
N SER B 76 -22.99 30.65 -23.90
CA SER B 76 -24.15 29.80 -24.18
C SER B 76 -24.88 30.36 -25.39
N GLY B 77 -25.07 29.53 -26.41
CA GLY B 77 -25.69 29.98 -27.64
C GLY B 77 -26.21 28.82 -28.45
N SER B 78 -27.12 29.14 -29.37
CA SER B 78 -27.61 28.16 -30.31
C SER B 78 -27.51 28.65 -31.75
N ALA B 79 -27.05 29.88 -31.96
CA ALA B 79 -26.91 30.43 -33.30
C ALA B 79 -25.64 29.85 -33.93
N THR B 80 -25.59 29.84 -35.26
CA THR B 80 -24.36 29.39 -35.88
C THR B 80 -23.22 30.33 -35.50
N THR B 81 -22.15 29.74 -34.97
CA THR B 81 -20.96 30.46 -34.55
C THR B 81 -19.82 29.46 -34.53
N PRO B 82 -18.54 29.91 -34.55
CA PRO B 82 -17.45 28.94 -34.38
C PRO B 82 -17.67 28.09 -33.13
N ASN B 83 -17.84 26.79 -33.31
CA ASN B 83 -18.08 25.87 -32.20
C ASN B 83 -17.34 24.58 -32.45
N VAL B 84 -17.08 23.84 -31.38
CA VAL B 84 -16.36 22.57 -31.48
C VAL B 84 -16.77 21.67 -30.33
N THR B 85 -16.75 20.37 -30.58
CA THR B 85 -17.20 19.38 -29.60
C THR B 85 -16.01 18.54 -29.14
N LEU B 86 -15.77 18.54 -27.83
CA LEU B 86 -14.64 17.82 -27.25
C LEU B 86 -15.01 16.36 -27.05
N LEU B 87 -14.14 15.46 -27.49
CA LEU B 87 -14.39 14.04 -27.29
C LEU B 87 -13.13 13.36 -26.78
N ALA B 88 -13.31 12.26 -26.05
CA ALA B 88 -12.18 11.52 -25.51
C ALA B 88 -11.58 10.56 -26.53
N PRO B 89 -10.28 10.33 -26.49
CA PRO B 89 -9.68 9.31 -27.34
C PRO B 89 -9.93 7.93 -26.78
N ARG B 90 -9.82 6.92 -27.66
CA ARG B 90 -10.13 5.52 -27.38
C ARG B 90 -9.69 4.68 -28.58
N ILE B 91 -9.33 3.43 -28.30
CA ILE B 91 -9.16 2.39 -29.32
C ILE B 91 -9.98 1.20 -28.87
N THR B 92 -11.05 0.90 -29.60
CA THR B 92 -12.04 -0.03 -29.06
C THR B 92 -11.55 -1.47 -29.06
N ASP B 93 -10.78 -1.87 -30.07
CA ASP B 93 -10.39 -3.27 -30.10
C ASP B 93 -9.10 -3.47 -30.88
N SER B 94 -8.33 -4.49 -30.50
CA SER B 94 -7.11 -4.77 -31.23
C SER B 94 -6.86 -6.28 -31.20
N GLU B 95 -6.22 -6.79 -32.26
CA GLU B 95 -5.99 -8.23 -32.32
C GLU B 95 -4.85 -8.54 -33.29
N ILE B 96 -4.28 -9.74 -33.11
CA ILE B 96 -3.26 -10.29 -34.00
C ILE B 96 -3.83 -11.59 -34.56
N LEU B 97 -4.04 -11.63 -35.87
CA LEU B 97 -4.63 -12.80 -36.50
C LEU B 97 -3.65 -13.49 -37.43
N THR B 98 -3.69 -14.82 -37.42
CA THR B 98 -2.88 -15.60 -38.34
C THR B 98 -3.46 -15.45 -39.75
N SER B 99 -2.67 -15.77 -40.77
CA SER B 99 -3.13 -15.54 -42.13
C SER B 99 -4.41 -16.32 -42.41
N SER B 100 -4.49 -17.55 -41.90
CA SER B 100 -5.72 -18.34 -42.03
C SER B 100 -6.85 -17.66 -41.27
N GLY B 101 -6.52 -17.06 -40.12
CA GLY B 101 -7.49 -16.45 -39.23
C GLY B 101 -7.42 -17.09 -37.84
N GLY B 102 -8.07 -16.40 -36.89
CA GLY B 102 -7.97 -16.88 -35.53
C GLY B 102 -6.99 -16.11 -34.68
N ASP B 103 -7.41 -15.71 -33.48
CA ASP B 103 -6.55 -14.89 -32.63
C ASP B 103 -5.48 -15.76 -32.01
N VAL B 104 -4.29 -15.18 -31.84
CA VAL B 104 -3.20 -15.88 -31.17
C VAL B 104 -2.58 -14.93 -30.14
N THR B 105 -3.28 -13.84 -29.83
CA THR B 105 -2.72 -12.85 -28.92
C THR B 105 -2.55 -13.46 -27.53
N GLY B 106 -1.48 -13.04 -26.86
CA GLY B 106 -1.22 -13.51 -25.51
C GLY B 106 -0.89 -14.98 -25.41
N SER B 107 -0.62 -15.64 -26.53
CA SER B 107 -0.39 -17.06 -26.58
C SER B 107 0.84 -17.36 -27.43
N ALA B 108 1.61 -18.37 -27.03
CA ALA B 108 2.81 -18.74 -27.76
C ALA B 108 2.44 -19.33 -29.12
N ILE B 109 3.24 -19.00 -30.13
CA ILE B 109 3.04 -19.48 -31.49
C ILE B 109 4.34 -20.08 -32.00
N SER B 110 4.21 -21.13 -32.80
CA SER B 110 5.38 -21.76 -33.40
C SER B 110 6.12 -20.78 -34.30
N SER B 111 7.45 -20.88 -34.28
CA SER B 111 8.27 -20.01 -35.12
C SER B 111 8.01 -20.26 -36.60
N SER B 112 7.77 -21.52 -36.97
CA SER B 112 7.53 -21.85 -38.37
C SER B 112 6.27 -21.19 -38.90
N ASP B 113 5.19 -21.19 -38.10
CA ASP B 113 3.92 -20.65 -38.57
C ASP B 113 3.80 -19.15 -38.37
N ALA B 114 4.72 -18.55 -37.61
CA ALA B 114 4.66 -17.11 -37.34
C ALA B 114 5.37 -16.33 -38.45
N GLY B 115 4.90 -16.52 -39.67
CA GLY B 115 5.53 -15.87 -40.80
C GLY B 115 4.62 -14.98 -41.60
N ASN B 116 3.32 -15.04 -41.34
CA ASN B 116 2.35 -14.25 -42.07
C ASN B 116 1.33 -13.63 -41.13
N LEU B 117 1.79 -13.19 -39.96
CA LEU B 117 0.84 -12.66 -38.98
C LEU B 117 0.34 -11.30 -39.43
N TYR B 118 -0.83 -10.92 -38.90
CA TYR B 118 -1.41 -9.62 -39.20
C TYR B 118 -1.86 -8.97 -37.90
N VAL B 119 -1.84 -7.64 -37.89
CA VAL B 119 -2.31 -6.85 -36.77
C VAL B 119 -3.42 -5.93 -37.26
N ASN B 120 -4.58 -5.99 -36.61
CA ASN B 120 -5.74 -5.19 -36.97
C ASN B 120 -6.35 -4.57 -35.72
N ALA B 121 -6.99 -3.42 -35.87
CA ALA B 121 -7.55 -2.75 -34.71
C ALA B 121 -8.66 -1.80 -35.13
N ASP B 122 -9.49 -1.43 -34.16
CA ASP B 122 -10.55 -0.45 -34.31
C ASP B 122 -10.33 0.63 -33.27
N TYR B 123 -10.26 1.89 -33.72
CA TYR B 123 -9.98 3.02 -32.85
C TYR B 123 -10.95 4.15 -33.13
N ASN B 124 -11.15 5.00 -32.11
CA ASN B 124 -12.10 6.11 -32.25
C ASN B 124 -11.50 7.31 -32.99
N TYR B 125 -10.20 7.59 -32.81
CA TYR B 125 -9.59 8.81 -33.36
C TYR B 125 -9.03 8.54 -34.75
N GLU B 126 -9.92 8.55 -35.74
CA GLU B 126 -9.49 8.39 -37.12
C GLU B 126 -9.44 9.69 -37.91
N SER B 127 -10.22 10.69 -37.50
CA SER B 127 -10.20 11.95 -38.23
C SER B 127 -8.91 12.74 -38.01
N ALA B 128 -8.25 12.57 -36.85
CA ALA B 128 -7.09 13.40 -36.55
C ALA B 128 -5.75 12.71 -36.82
N GLU B 129 -5.51 11.56 -36.19
CA GLU B 129 -4.21 10.91 -36.29
C GLU B 129 -4.36 9.40 -36.45
N LYS B 130 -3.48 8.80 -37.24
CA LYS B 130 -3.50 7.35 -37.31
C LYS B 130 -2.75 6.79 -36.09
N VAL B 131 -2.83 5.49 -35.89
CA VAL B 131 -2.24 4.85 -34.72
C VAL B 131 -1.04 4.02 -35.13
N GLU B 132 0.08 4.21 -34.44
CA GLU B 132 1.34 3.56 -34.76
C GLU B 132 1.41 2.21 -34.07
N VAL B 133 2.24 1.35 -34.65
CA VAL B 133 2.58 0.04 -34.10
C VAL B 133 4.10 -0.01 -33.90
N THR B 134 4.52 -0.48 -32.73
CA THR B 134 5.94 -0.60 -32.39
C THR B 134 6.17 -1.95 -31.74
N VAL B 135 6.87 -2.85 -32.44
CA VAL B 135 7.19 -4.16 -31.88
C VAL B 135 8.46 -4.03 -31.04
N GLU B 136 8.43 -4.59 -29.84
CA GLU B 136 9.54 -4.51 -28.91
C GLU B 136 9.98 -5.92 -28.53
N ASP B 137 11.29 -6.15 -28.60
CA ASP B 137 11.89 -7.42 -28.22
C ASP B 137 11.89 -7.57 -26.70
N PRO B 138 12.08 -8.79 -26.19
CA PRO B 138 12.17 -8.95 -24.73
C PRO B 138 13.29 -8.12 -24.12
N SER B 139 14.34 -7.82 -24.88
CA SER B 139 15.39 -6.94 -24.40
C SER B 139 14.93 -5.51 -24.28
N GLY B 140 13.85 -5.14 -24.97
CA GLY B 140 13.32 -3.79 -24.90
C GLY B 140 13.88 -2.88 -25.96
N THR B 141 13.73 -3.27 -27.22
CA THR B 141 14.24 -2.51 -28.35
C THR B 141 13.23 -2.56 -29.49
N ASP B 142 13.13 -1.45 -30.23
CA ASP B 142 12.14 -1.32 -31.30
C ASP B 142 12.60 -2.16 -32.48
N ILE B 143 11.87 -3.23 -32.79
CA ILE B 143 12.20 -4.10 -33.90
C ILE B 143 11.21 -3.96 -35.05
N THR B 144 10.49 -2.84 -35.12
CA THR B 144 9.42 -2.70 -36.11
C THR B 144 9.97 -2.78 -37.54
N ASN B 145 11.11 -2.11 -37.79
CA ASN B 145 11.64 -2.05 -39.15
C ASN B 145 12.11 -3.39 -39.67
N GLU B 146 12.42 -4.34 -38.79
CA GLU B 146 12.92 -5.64 -39.22
C GLU B 146 11.80 -6.58 -39.65
N VAL B 147 10.66 -6.55 -38.97
CA VAL B 147 9.58 -7.48 -39.25
C VAL B 147 8.54 -6.92 -40.21
N LEU B 148 8.59 -5.63 -40.51
CA LEU B 148 7.61 -5.03 -41.41
C LEU B 148 7.66 -5.72 -42.77
N SER B 149 6.50 -5.86 -43.43
CA SER B 149 6.43 -6.58 -44.69
C SER B 149 5.67 -5.81 -45.78
N GLY B 150 6.27 -4.74 -46.30
CA GLY B 150 5.68 -4.06 -47.43
C GLY B 150 4.54 -3.09 -47.18
N THR B 151 4.23 -2.76 -45.93
CA THR B 151 3.12 -1.85 -45.65
C THR B 151 3.55 -0.77 -44.67
N ASP B 152 3.03 0.43 -44.86
CA ASP B 152 3.36 1.51 -43.94
C ASP B 152 2.85 1.21 -42.54
N THR B 153 3.50 1.84 -41.56
CA THR B 153 3.22 1.59 -40.15
C THR B 153 1.77 1.91 -39.80
N PHE B 154 1.12 2.78 -40.56
CA PHE B 154 -0.21 3.23 -40.24
C PHE B 154 -1.25 2.14 -40.52
N VAL B 155 -2.09 1.85 -39.53
CA VAL B 155 -3.19 0.90 -39.68
C VAL B 155 -4.48 1.70 -39.75
N ASP B 156 -5.40 1.26 -40.60
CA ASP B 156 -6.61 2.04 -40.84
C ASP B 156 -7.71 1.68 -39.83
N ASP B 157 -8.76 2.48 -39.84
CA ASP B 157 -9.92 2.22 -38.99
C ASP B 157 -10.70 1.02 -39.54
N GLY B 158 -11.45 0.38 -38.65
CA GLY B 158 -12.15 -0.83 -39.06
C GLY B 158 -11.13 -1.90 -39.41
N SER B 159 -11.38 -2.59 -40.51
CA SER B 159 -10.45 -3.59 -41.05
C SER B 159 -10.13 -4.68 -40.02
N ILE B 160 -11.00 -4.87 -39.04
CA ILE B 160 -10.84 -5.98 -38.11
C ILE B 160 -11.38 -7.25 -38.77
N GLY B 161 -10.61 -8.32 -38.67
CA GLY B 161 -10.92 -9.57 -39.34
C GLY B 161 -10.31 -9.68 -40.72
N SER B 162 -9.47 -8.73 -41.10
CA SER B 162 -8.86 -8.70 -42.43
C SER B 162 -7.67 -9.65 -42.45
N THR B 163 -7.77 -10.72 -43.22
CA THR B 163 -6.71 -11.71 -43.31
C THR B 163 -5.79 -11.47 -44.51
N SER B 164 -6.03 -10.40 -45.26
CA SER B 164 -5.28 -10.09 -46.47
C SER B 164 -4.71 -8.69 -46.36
N SER B 165 -3.60 -8.48 -47.07
CA SER B 165 -2.95 -7.17 -47.05
C SER B 165 -3.77 -6.10 -47.75
N THR B 166 -4.77 -6.48 -48.55
CA THR B 166 -5.61 -5.48 -49.21
C THR B 166 -6.35 -4.63 -48.20
N GLY B 167 -6.91 -5.25 -47.15
CA GLY B 167 -7.57 -4.50 -46.11
C GLY B 167 -6.56 -3.84 -45.18
N GLY B 168 -7.04 -2.85 -44.42
CA GLY B 168 -6.19 -2.22 -43.43
C GLY B 168 -5.60 -3.25 -42.49
N GLY B 169 -4.38 -3.04 -42.04
CA GLY B 169 -3.72 -3.90 -41.09
C GLY B 169 -2.27 -4.03 -41.50
N VAL B 170 -1.41 -4.37 -40.54
CA VAL B 170 0.01 -4.51 -40.84
C VAL B 170 0.42 -5.97 -40.79
N GLY B 171 1.21 -6.39 -41.77
CA GLY B 171 1.70 -7.76 -41.82
C GLY B 171 3.09 -7.84 -41.20
N ILE B 172 3.26 -8.81 -40.31
CA ILE B 172 4.54 -9.08 -39.67
C ILE B 172 4.97 -10.51 -39.98
N ASP B 173 6.23 -10.65 -40.39
CA ASP B 173 6.87 -11.93 -40.66
C ASP B 173 7.81 -12.16 -39.49
N MET B 174 7.31 -12.83 -38.46
CA MET B 174 8.03 -13.05 -37.21
C MET B 174 8.78 -14.37 -37.21
N SER B 175 9.00 -14.97 -38.38
CA SER B 175 9.72 -16.23 -38.49
C SER B 175 11.20 -16.10 -38.16
N ASP B 176 11.86 -15.01 -38.58
CA ASP B 176 13.30 -14.93 -38.40
C ASP B 176 13.74 -14.71 -36.96
N GLN B 177 12.93 -14.04 -36.15
CA GLN B 177 13.38 -13.69 -34.82
C GLN B 177 13.47 -14.93 -33.92
N ASP B 178 14.32 -14.82 -32.89
CA ASP B 178 14.54 -15.94 -31.98
C ASP B 178 13.38 -16.05 -30.99
N ALA B 179 13.52 -17.00 -30.07
CA ALA B 179 12.49 -17.23 -29.05
C ALA B 179 12.54 -16.17 -27.96
N GLY B 180 11.36 -15.70 -27.57
CA GLY B 180 11.28 -14.71 -26.50
C GLY B 180 9.89 -14.14 -26.43
N GLU B 181 9.71 -13.19 -25.49
CA GLU B 181 8.43 -12.54 -25.30
C GLU B 181 8.50 -11.13 -25.88
N TYR B 182 7.60 -10.84 -26.82
CA TYR B 182 7.62 -9.60 -27.57
C TYR B 182 6.34 -8.82 -27.25
N THR B 183 6.46 -7.50 -27.23
CA THR B 183 5.33 -6.64 -26.89
C THR B 183 5.06 -5.70 -28.04
N ILE B 184 3.83 -5.71 -28.54
CA ILE B 184 3.42 -4.79 -29.60
C ILE B 184 2.71 -3.61 -28.95
N ILE B 185 3.17 -2.41 -29.25
CA ILE B 185 2.65 -1.20 -28.62
C ILE B 185 1.90 -0.41 -29.68
N LEU B 186 0.68 -0.01 -29.37
CA LEU B 186 -0.10 0.82 -30.27
C LEU B 186 -0.31 2.16 -29.58
N GLU B 187 -0.05 3.24 -30.32
CA GLU B 187 -0.23 4.57 -29.73
C GLU B 187 -0.42 5.58 -30.84
N GLY B 188 -0.97 6.74 -30.48
CA GLY B 188 -1.27 7.73 -31.51
C GLY B 188 -0.02 8.23 -32.20
N ALA B 189 -0.21 8.79 -33.39
CA ALA B 189 0.93 9.18 -34.21
C ALA B 189 1.77 10.25 -33.52
N GLU B 190 1.13 11.29 -32.97
CA GLU B 190 1.89 12.41 -32.43
C GLU B 190 1.64 12.62 -30.94
N ASP B 191 0.41 12.89 -30.54
CA ASP B 191 0.11 13.28 -29.16
C ASP B 191 -0.76 12.30 -28.41
N LEU B 192 -1.63 11.55 -29.10
CA LEU B 192 -2.58 10.68 -28.40
C LEU B 192 -1.90 9.34 -28.08
N ASP B 193 -1.03 9.38 -27.07
CA ASP B 193 -0.27 8.20 -26.67
C ASP B 193 -0.39 7.94 -25.17
N PHE B 194 -1.26 8.65 -24.49
CA PHE B 194 -1.42 8.52 -23.05
C PHE B 194 -2.38 7.38 -22.75
N GLY B 195 -2.83 7.30 -21.49
CA GLY B 195 -3.76 6.26 -21.07
C GLY B 195 -4.98 6.14 -21.96
N ASP B 196 -5.48 4.92 -22.13
CA ASP B 196 -6.66 4.62 -22.93
C ASP B 196 -6.47 4.91 -24.42
N ALA B 197 -5.34 5.50 -24.80
CA ALA B 197 -5.02 5.68 -26.21
C ALA B 197 -3.88 4.79 -26.68
N THR B 198 -3.33 3.97 -25.79
CA THR B 198 -2.23 3.08 -26.11
C THR B 198 -2.52 1.70 -25.57
N GLU B 199 -2.04 0.67 -26.27
CA GLU B 199 -2.23 -0.68 -25.77
C GLU B 199 -0.99 -1.52 -26.00
N THR B 200 -0.64 -2.34 -25.00
CA THR B 200 0.48 -3.26 -25.12
C THR B 200 -0.08 -4.68 -25.23
N MET B 201 0.10 -5.30 -26.39
CA MET B 201 -0.33 -6.67 -26.65
C MET B 201 0.88 -7.60 -26.62
N THR B 202 0.83 -8.63 -25.78
CA THR B 202 1.99 -9.51 -25.68
C THR B 202 1.91 -10.60 -26.74
N LEU B 203 3.05 -11.26 -26.98
CA LEU B 203 3.13 -12.38 -27.89
C LEU B 203 4.37 -13.19 -27.56
N THR B 204 4.24 -14.51 -27.52
CA THR B 204 5.36 -15.36 -27.15
C THR B 204 5.84 -16.16 -28.36
N ILE B 205 7.16 -16.17 -28.56
CA ILE B 205 7.82 -16.92 -29.62
C ILE B 205 8.60 -18.05 -28.97
N SER B 206 8.43 -19.26 -29.50
CA SER B 206 9.03 -20.46 -28.95
C SER B 206 9.18 -21.46 -30.09
N SER B 207 10.15 -22.37 -29.95
CA SER B 207 10.42 -23.33 -31.00
C SER B 207 10.27 -24.76 -30.56
N GLN B 208 10.16 -25.03 -29.26
CA GLN B 208 9.72 -26.35 -28.83
C GLN B 208 8.31 -26.40 -29.38
N ASP B 209 8.05 -27.17 -30.43
CA ASP B 209 6.77 -26.98 -31.10
C ASP B 209 6.02 -28.26 -31.41
N GLU B 210 6.44 -29.39 -30.87
CA GLU B 210 5.62 -30.58 -31.03
C GLU B 210 4.38 -30.40 -30.15
N ILE B 211 3.24 -30.92 -30.61
CA ILE B 211 2.05 -30.85 -29.76
C ILE B 211 2.38 -31.58 -28.46
N GLY B 212 2.30 -30.87 -27.35
CA GLY B 212 2.75 -31.39 -26.07
C GLY B 212 1.61 -31.81 -25.17
N ILE B 213 1.90 -32.78 -24.30
CA ILE B 213 0.92 -33.28 -23.35
C ILE B 213 1.58 -33.37 -21.99
N GLU B 214 0.91 -32.88 -20.95
CA GLU B 214 1.50 -32.90 -19.62
C GLU B 214 0.46 -33.36 -18.62
N LEU B 215 0.94 -33.95 -17.52
CA LEU B 215 0.10 -34.41 -16.44
C LEU B 215 0.51 -33.75 -15.13
N ASP B 216 -0.47 -33.37 -14.32
CA ASP B 216 -0.14 -32.78 -13.02
C ASP B 216 0.53 -33.80 -12.10
N SER B 217 0.33 -35.09 -12.35
CA SER B 217 0.97 -36.16 -11.59
C SER B 217 1.18 -37.35 -12.52
N GLU B 218 2.22 -38.13 -12.25
CA GLU B 218 2.48 -39.33 -13.04
C GLU B 218 2.20 -40.63 -12.31
N SER B 219 2.46 -40.69 -11.00
CA SER B 219 2.28 -41.90 -10.22
C SER B 219 1.00 -41.77 -9.40
N VAL B 220 -0.04 -42.49 -9.81
CA VAL B 220 -1.35 -42.41 -9.16
C VAL B 220 -1.91 -43.82 -9.01
N THR B 221 -2.94 -43.93 -8.18
CA THR B 221 -3.67 -45.17 -7.98
C THR B 221 -4.96 -45.15 -8.79
N GLN B 222 -5.70 -46.25 -8.74
CA GLN B 222 -6.99 -46.31 -9.41
C GLN B 222 -7.97 -45.35 -8.77
N GLY B 223 -8.87 -44.80 -9.59
CA GLY B 223 -9.93 -43.93 -9.14
C GLY B 223 -9.55 -42.47 -9.02
N THR B 224 -8.26 -42.17 -8.87
CA THR B 224 -7.81 -40.80 -8.75
C THR B 224 -7.91 -40.09 -10.10
N ASP B 225 -8.72 -39.05 -10.18
CA ASP B 225 -8.87 -38.33 -11.44
C ASP B 225 -7.59 -37.57 -11.73
N VAL B 226 -7.17 -37.58 -12.99
CA VAL B 226 -5.96 -36.87 -13.41
C VAL B 226 -6.30 -35.88 -14.51
N GLN B 227 -5.79 -34.66 -14.40
CA GLN B 227 -6.03 -33.63 -15.40
C GLN B 227 -4.83 -33.56 -16.33
N TYR B 228 -5.09 -33.66 -17.63
CA TYR B 228 -4.03 -33.58 -18.63
C TYR B 228 -4.17 -32.32 -19.48
N THR B 229 -3.05 -31.72 -19.84
CA THR B 229 -3.09 -30.49 -20.61
C THR B 229 -2.33 -30.64 -21.93
N VAL B 230 -2.94 -30.14 -23.00
CA VAL B 230 -2.30 -30.11 -24.31
C VAL B 230 -1.75 -28.70 -24.51
N THR B 231 -0.53 -28.63 -25.01
CA THR B 231 0.24 -27.39 -25.10
C THR B 231 0.79 -27.21 -26.51
N ASN B 232 0.99 -25.94 -26.89
CA ASN B 232 1.63 -25.54 -28.14
C ASN B 232 0.87 -26.06 -29.38
N GLY B 233 -0.38 -25.63 -29.50
CA GLY B 233 -1.22 -26.07 -30.60
C GLY B 233 -1.87 -24.88 -31.28
N ILE B 234 -2.33 -25.12 -32.51
CA ILE B 234 -3.03 -24.10 -33.28
C ILE B 234 -4.39 -23.84 -32.66
N ASP B 235 -4.72 -22.57 -32.46
CA ASP B 235 -6.01 -22.20 -31.90
C ASP B 235 -7.12 -22.43 -32.92
N GLY B 236 -8.29 -22.80 -32.42
CA GLY B 236 -9.44 -22.99 -33.27
C GLY B 236 -9.53 -24.33 -33.96
N ASN B 237 -8.60 -25.25 -33.69
CA ASN B 237 -8.58 -26.55 -34.35
C ASN B 237 -8.76 -27.65 -33.32
N GLU B 238 -9.35 -28.76 -33.78
CA GLU B 238 -9.72 -29.86 -32.89
C GLU B 238 -8.71 -31.00 -32.97
N HIS B 239 -8.03 -31.25 -31.85
CA HIS B 239 -7.15 -32.41 -31.73
C HIS B 239 -7.97 -33.64 -31.31
N VAL B 240 -7.29 -34.79 -31.25
CA VAL B 240 -7.89 -36.05 -30.80
C VAL B 240 -6.96 -36.76 -29.83
N VAL B 241 -7.49 -37.05 -28.63
CA VAL B 241 -6.80 -37.80 -27.59
C VAL B 241 -7.36 -39.22 -27.60
N ALA B 242 -6.46 -40.20 -27.73
CA ALA B 242 -6.82 -41.60 -27.90
C ALA B 242 -6.51 -42.42 -26.66
N MET B 243 -7.13 -43.60 -26.59
CA MET B 243 -6.98 -44.55 -25.49
C MET B 243 -6.99 -45.97 -26.05
N ASP B 244 -5.94 -46.73 -25.74
CA ASP B 244 -5.85 -48.10 -26.20
C ASP B 244 -6.80 -48.99 -25.39
N LEU B 245 -7.64 -49.75 -26.08
CA LEU B 245 -8.60 -50.57 -25.35
C LEU B 245 -7.95 -51.73 -24.62
N SER B 246 -6.69 -52.06 -24.94
CA SER B 246 -5.97 -53.11 -24.24
C SER B 246 -5.75 -52.76 -22.77
N ASP B 247 -5.53 -51.47 -22.48
CA ASP B 247 -5.31 -51.02 -21.10
C ASP B 247 -6.54 -51.08 -20.23
N LEU B 248 -7.73 -51.19 -20.82
CA LEU B 248 -8.94 -51.24 -20.00
C LEU B 248 -9.01 -52.56 -19.23
N GLN B 249 -9.71 -52.51 -18.10
CA GLN B 249 -9.93 -53.72 -17.31
C GLN B 249 -10.81 -54.70 -18.07
N ASN B 250 -10.52 -56.00 -17.88
CA ASN B 250 -11.22 -57.03 -18.63
C ASN B 250 -12.71 -57.08 -18.30
N ASP B 251 -13.08 -56.82 -17.05
CA ASP B 251 -14.45 -56.98 -16.59
C ASP B 251 -15.32 -55.76 -16.85
N ALA B 252 -14.91 -54.88 -17.76
CA ALA B 252 -15.69 -53.67 -18.01
C ALA B 252 -16.87 -53.97 -18.92
N THR B 253 -17.89 -53.12 -18.84
CA THR B 253 -19.08 -53.25 -19.68
C THR B 253 -19.09 -52.13 -20.71
N THR B 254 -20.12 -52.14 -21.56
CA THR B 254 -20.22 -51.12 -22.60
C THR B 254 -20.42 -49.74 -21.97
N GLU B 255 -21.36 -49.64 -21.03
CA GLU B 255 -21.59 -48.37 -20.35
C GLU B 255 -20.42 -48.01 -19.44
N GLN B 256 -19.66 -49.01 -18.99
CA GLN B 256 -18.56 -48.76 -18.08
C GLN B 256 -17.36 -48.15 -18.79
N ALA B 257 -17.27 -48.33 -20.11
CA ALA B 257 -16.14 -47.81 -20.86
C ALA B 257 -16.37 -46.42 -21.42
N LYS B 258 -17.61 -45.93 -21.44
CA LYS B 258 -17.90 -44.64 -22.05
C LYS B 258 -17.66 -43.50 -21.07
N GLU B 259 -17.24 -43.80 -19.85
CA GLU B 259 -17.02 -42.80 -18.81
C GLU B 259 -15.55 -42.68 -18.45
N VAL B 260 -14.67 -43.26 -19.26
CA VAL B 260 -13.24 -43.12 -19.03
C VAL B 260 -12.80 -41.67 -19.24
N PHE B 261 -13.28 -41.02 -20.29
CA PHE B 261 -13.00 -39.61 -20.54
C PHE B 261 -14.14 -38.75 -20.05
N ARG B 262 -13.82 -37.69 -19.32
CA ARG B 262 -14.84 -36.77 -18.87
C ARG B 262 -15.01 -35.65 -19.91
N ASN B 263 -16.11 -34.91 -19.78
CA ASN B 263 -16.37 -33.77 -20.63
C ASN B 263 -15.73 -32.50 -20.08
N ILE B 264 -14.80 -32.66 -19.13
CA ILE B 264 -14.17 -31.53 -18.46
C ILE B 264 -13.32 -30.73 -19.42
N GLY B 265 -13.15 -29.44 -19.10
CA GLY B 265 -12.29 -28.58 -19.89
C GLY B 265 -12.89 -28.27 -21.24
N ASP B 266 -12.05 -28.23 -22.26
CA ASP B 266 -12.46 -27.81 -23.58
C ASP B 266 -12.98 -28.96 -24.43
N THR B 267 -13.08 -30.15 -23.86
CA THR B 267 -13.51 -31.32 -24.64
C THR B 267 -14.91 -31.11 -25.17
N SER B 268 -15.12 -31.52 -26.42
CA SER B 268 -16.43 -31.38 -27.06
C SER B 268 -17.19 -32.70 -27.06
N GLU B 269 -16.60 -33.75 -27.63
CA GLU B 269 -17.26 -35.04 -27.75
C GLU B 269 -16.34 -36.12 -27.22
N VAL B 270 -16.95 -37.15 -26.64
CA VAL B 270 -16.27 -38.32 -26.12
C VAL B 270 -16.92 -39.56 -26.72
N GLY B 271 -16.16 -40.65 -26.83
CA GLY B 271 -16.74 -41.88 -27.29
C GLY B 271 -15.68 -42.91 -27.62
N ILE B 272 -16.13 -44.02 -28.18
CA ILE B 272 -15.27 -45.13 -28.57
C ILE B 272 -15.41 -45.30 -30.08
N ALA B 273 -14.31 -45.62 -30.75
CA ALA B 273 -14.34 -45.73 -32.19
C ALA B 273 -13.70 -47.03 -32.66
N ASN B 274 -14.37 -47.69 -33.59
CA ASN B 274 -13.85 -48.85 -34.30
C ASN B 274 -13.12 -48.31 -35.53
N SER B 275 -12.55 -49.20 -36.34
CA SER B 275 -11.78 -48.71 -37.48
C SER B 275 -12.67 -47.90 -38.42
N SER B 276 -13.91 -48.36 -38.63
CA SER B 276 -14.80 -47.70 -39.59
C SER B 276 -15.99 -47.01 -38.95
N ALA B 277 -16.40 -47.41 -37.75
CA ALA B 277 -17.58 -46.85 -37.10
C ALA B 277 -17.26 -46.36 -35.70
N THR B 278 -18.11 -45.46 -35.19
CA THR B 278 -17.93 -44.88 -33.87
C THR B 278 -19.21 -44.97 -33.05
N ASN B 279 -19.03 -45.05 -31.74
CA ASN B 279 -20.09 -45.07 -30.75
C ASN B 279 -19.83 -43.88 -29.84
N THR B 280 -20.58 -42.80 -30.02
CA THR B 280 -20.34 -41.60 -29.25
C THR B 280 -21.04 -41.69 -27.89
N SER B 281 -20.74 -40.71 -27.04
CA SER B 281 -21.35 -40.66 -25.72
C SER B 281 -22.83 -40.31 -25.77
N GLY B 282 -23.32 -39.81 -26.90
CA GLY B 282 -24.74 -39.51 -27.01
C GLY B 282 -25.60 -40.75 -26.91
N SER B 283 -25.23 -41.81 -27.60
CA SER B 283 -26.05 -43.01 -27.67
C SER B 283 -25.16 -44.23 -27.83
N SER B 284 -25.71 -45.38 -27.43
CA SER B 284 -25.05 -46.68 -27.60
C SER B 284 -25.54 -47.34 -28.88
N THR B 285 -25.15 -46.73 -30.00
CA THR B 285 -25.60 -47.18 -31.31
C THR B 285 -24.49 -47.80 -32.15
N GLY B 286 -23.25 -47.34 -32.00
CA GLY B 286 -22.17 -47.82 -32.82
C GLY B 286 -21.59 -49.13 -32.30
N PRO B 287 -20.29 -49.32 -32.46
CA PRO B 287 -19.67 -50.57 -32.05
C PRO B 287 -19.73 -50.76 -30.53
N THR B 288 -19.61 -52.03 -30.12
CA THR B 288 -19.61 -52.35 -28.71
C THR B 288 -18.19 -52.32 -28.16
N VAL B 289 -18.05 -52.60 -26.87
CA VAL B 289 -16.73 -52.53 -26.24
C VAL B 289 -15.78 -53.56 -26.83
N GLU B 290 -16.27 -54.77 -27.10
CA GLU B 290 -15.42 -55.77 -27.75
C GLU B 290 -15.23 -55.45 -29.23
N THR B 291 -16.26 -54.90 -29.89
CA THR B 291 -16.16 -54.60 -31.31
C THR B 291 -15.23 -53.42 -31.57
N ALA B 292 -15.32 -52.37 -30.76
CA ALA B 292 -14.50 -51.19 -30.96
C ALA B 292 -13.07 -51.47 -30.50
N ASP B 293 -12.14 -50.63 -30.94
CA ASP B 293 -10.73 -50.81 -30.62
C ASP B 293 -10.05 -49.60 -30.02
N ILE B 294 -10.61 -48.39 -30.16
CA ILE B 294 -9.96 -47.19 -29.65
C ILE B 294 -10.99 -46.38 -28.90
N ALA B 295 -10.56 -45.63 -27.89
CA ALA B 295 -11.43 -44.70 -27.18
C ALA B 295 -10.92 -43.29 -27.42
N TYR B 296 -11.78 -42.38 -27.86
CA TYR B 296 -11.30 -41.07 -28.23
C TYR B 296 -12.08 -39.99 -27.50
N ALA B 297 -11.50 -38.79 -27.54
CA ALA B 297 -12.18 -37.62 -26.97
C ALA B 297 -11.72 -36.38 -27.73
N VAL B 298 -12.52 -35.95 -28.71
CA VAL B 298 -12.12 -34.81 -29.54
C VAL B 298 -12.10 -33.57 -28.66
N VAL B 299 -10.98 -32.84 -28.70
CA VAL B 299 -10.80 -31.69 -27.81
C VAL B 299 -10.34 -30.49 -28.63
N GLU B 300 -10.99 -29.34 -28.41
CA GLU B 300 -10.57 -28.12 -29.06
C GLU B 300 -9.49 -27.44 -28.22
N ILE B 301 -9.10 -26.24 -28.61
CA ILE B 301 -8.14 -25.45 -27.85
C ILE B 301 -8.52 -23.98 -27.92
N ASP B 302 -8.50 -23.30 -26.78
CA ASP B 302 -8.79 -21.87 -26.70
C ASP B 302 -7.55 -21.19 -26.16
N GLY B 303 -6.77 -20.57 -27.05
CA GLY B 303 -5.51 -19.97 -26.67
C GLY B 303 -4.34 -20.84 -27.09
N ALA B 304 -3.39 -21.05 -26.16
CA ALA B 304 -2.24 -21.89 -26.43
C ALA B 304 -2.34 -23.27 -25.81
N SER B 305 -3.32 -23.51 -24.93
CA SER B 305 -3.40 -24.79 -24.24
C SER B 305 -4.85 -25.15 -23.96
N ALA B 306 -5.09 -26.44 -23.80
CA ALA B 306 -6.41 -26.94 -23.44
C ALA B 306 -6.27 -27.99 -22.34
N VAL B 307 -7.30 -28.12 -21.51
CA VAL B 307 -7.25 -29.03 -20.37
C VAL B 307 -8.36 -30.07 -20.47
N GLY B 308 -8.02 -31.33 -20.18
CA GLY B 308 -8.96 -32.42 -20.12
C GLY B 308 -8.78 -33.21 -18.83
N GLY B 309 -9.46 -34.33 -18.69
CA GLY B 309 -9.27 -35.18 -17.53
C GLY B 309 -9.58 -36.63 -17.80
N ILE B 310 -8.96 -37.51 -17.01
CA ILE B 310 -9.16 -38.94 -17.12
C ILE B 310 -9.53 -39.48 -15.73
N GLU B 311 -10.10 -40.68 -15.73
CA GLU B 311 -10.50 -41.41 -14.53
C GLU B 311 -9.72 -42.72 -14.44
N THR B 312 -8.72 -42.79 -13.55
CA THR B 312 -7.87 -43.97 -13.48
C THR B 312 -8.62 -45.22 -13.00
N GLN B 313 -9.83 -45.07 -12.48
CA GLN B 313 -10.62 -46.22 -12.06
C GLN B 313 -10.93 -47.14 -13.26
N TYR B 314 -11.03 -48.44 -12.99
CA TYR B 314 -11.21 -49.46 -14.04
C TYR B 314 -10.08 -49.43 -15.06
N LEU B 315 -8.86 -49.32 -14.59
CA LEU B 315 -7.67 -49.38 -15.44
C LEU B 315 -6.69 -50.38 -14.87
N ASP B 316 -6.04 -51.13 -15.77
CA ASP B 316 -5.11 -52.16 -15.33
C ASP B 316 -3.90 -51.51 -14.67
N ASP B 317 -3.31 -52.23 -13.70
CA ASP B 317 -2.17 -51.70 -12.96
C ASP B 317 -0.89 -51.84 -13.78
N SER B 318 -0.67 -50.89 -14.68
CA SER B 318 0.49 -50.95 -15.56
C SER B 318 0.74 -49.57 -16.15
N GLU B 319 1.68 -49.51 -17.10
CA GLU B 319 1.99 -48.26 -17.78
C GLU B 319 0.86 -47.89 -18.73
N VAL B 320 0.43 -46.63 -18.66
CA VAL B 320 -0.68 -46.15 -19.46
C VAL B 320 -0.17 -45.01 -20.32
N ASP B 321 -0.50 -45.06 -21.61
CA ASP B 321 -0.02 -44.08 -22.57
C ASP B 321 -1.18 -43.24 -23.09
N LEU B 322 -0.86 -42.01 -23.47
CA LEU B 322 -1.81 -41.08 -24.05
C LEU B 322 -1.27 -40.69 -25.41
N GLU B 323 -2.10 -40.79 -26.45
CA GLU B 323 -1.69 -40.54 -27.82
C GLU B 323 -2.51 -39.39 -28.38
N VAL B 324 -1.84 -38.40 -28.95
CA VAL B 324 -2.54 -37.29 -29.60
C VAL B 324 -2.39 -37.43 -31.11
N TYR B 325 -3.30 -36.76 -31.82
CA TYR B 325 -3.30 -36.87 -33.28
C TYR B 325 -3.33 -35.48 -33.88
N ASP B 326 -2.99 -35.42 -35.18
CA ASP B 326 -2.88 -34.14 -35.85
C ASP B 326 -4.24 -33.47 -36.00
N ALA B 327 -4.21 -32.15 -36.16
CA ALA B 327 -5.45 -31.39 -36.27
C ALA B 327 -6.20 -31.79 -37.53
N GLY B 328 -7.52 -31.90 -37.43
CA GLY B 328 -8.34 -32.18 -38.58
C GLY B 328 -8.54 -33.64 -38.90
N VAL B 329 -7.88 -34.54 -38.18
CA VAL B 329 -8.07 -35.97 -38.42
C VAL B 329 -9.42 -36.41 -37.86
N SER B 330 -10.05 -37.35 -38.54
CA SER B 330 -11.30 -37.92 -38.05
C SER B 330 -11.01 -39.02 -37.03
N ALA B 331 -12.02 -39.29 -36.19
CA ALA B 331 -11.86 -40.35 -35.20
C ALA B 331 -11.73 -41.71 -35.88
N THR B 332 -12.58 -41.98 -36.87
CA THR B 332 -12.56 -43.28 -37.52
C THR B 332 -11.27 -43.48 -38.32
N ALA B 333 -10.79 -42.42 -38.97
CA ALA B 333 -9.63 -42.52 -39.83
C ALA B 333 -8.31 -42.53 -39.06
N ALA B 334 -8.35 -42.30 -37.75
CA ALA B 334 -7.13 -42.19 -36.96
C ALA B 334 -6.71 -43.52 -36.34
N VAL B 335 -7.40 -44.60 -36.65
CA VAL B 335 -7.09 -45.90 -36.03
C VAL B 335 -5.71 -46.39 -36.44
N GLY B 336 -5.35 -46.21 -37.71
CA GLY B 336 -4.08 -46.75 -38.17
C GLY B 336 -2.94 -45.76 -38.13
N GLN B 337 -3.25 -44.48 -38.27
CA GLN B 337 -2.22 -43.46 -38.35
C GLN B 337 -1.47 -43.35 -37.03
N ASP B 338 -0.17 -43.12 -37.13
CA ASP B 338 0.65 -43.00 -35.92
C ASP B 338 0.32 -41.70 -35.20
N ALA B 339 0.52 -41.72 -33.89
CA ALA B 339 0.23 -40.54 -33.07
C ALA B 339 1.31 -39.49 -33.26
N THR B 340 0.90 -38.22 -33.30
CA THR B 340 1.88 -37.16 -33.39
C THR B 340 2.77 -37.13 -32.14
N ASN B 341 2.17 -37.31 -30.98
CA ASN B 341 2.94 -37.35 -29.75
C ASN B 341 2.26 -38.30 -28.76
N ASP B 342 2.94 -38.51 -27.63
CA ASP B 342 2.47 -39.42 -26.61
C ASP B 342 3.06 -39.03 -25.26
N ILE B 343 2.45 -39.54 -24.20
CA ILE B 343 2.96 -39.37 -22.84
C ILE B 343 2.57 -40.58 -22.01
N THR B 344 3.42 -41.01 -21.09
CA THR B 344 3.16 -42.22 -20.33
C THR B 344 3.19 -41.93 -18.82
N LEU B 345 2.32 -42.63 -18.10
CA LEU B 345 2.24 -42.55 -16.64
C LEU B 345 2.12 -43.95 -16.06
N THR B 346 2.51 -44.09 -14.79
CA THR B 346 2.48 -45.36 -14.10
C THR B 346 1.34 -45.38 -13.11
N ILE B 347 0.67 -46.53 -13.00
CA ILE B 347 -0.46 -46.73 -12.10
C ILE B 347 -0.17 -47.92 -11.20
N GLU B 348 -0.39 -47.74 -9.90
CA GLU B 348 -0.13 -48.74 -8.89
C GLU B 348 -1.40 -49.02 -8.10
N GLU B 349 -1.43 -50.18 -7.44
CA GLU B 349 -2.60 -50.56 -6.67
C GLU B 349 -2.64 -49.82 -5.35
N GLY B 350 -3.78 -49.91 -4.68
CA GLY B 350 -4.00 -49.21 -3.44
C GLY B 350 -4.53 -50.17 -2.39
N GLY B 351 -4.28 -49.83 -1.13
CA GLY B 351 -4.62 -50.72 -0.05
C GLY B 351 -5.80 -50.29 0.80
N THR B 352 -6.46 -51.25 1.44
CA THR B 352 -7.68 -50.99 2.20
C THR B 352 -7.66 -51.93 3.40
N THR B 353 -7.35 -51.39 4.58
CA THR B 353 -7.15 -52.20 5.76
C THR B 353 -8.01 -51.70 6.91
N LEU B 354 -8.27 -52.60 7.85
CA LEU B 354 -9.00 -52.27 9.07
C LEU B 354 -8.02 -52.16 10.24
N SER B 355 -8.37 -51.31 11.20
CA SER B 355 -7.49 -51.04 12.33
C SER B 355 -8.11 -51.42 13.66
N SER B 356 -9.33 -50.96 13.93
CA SER B 356 -9.93 -51.14 15.24
C SER B 356 -10.50 -52.56 15.42
N PRO B 357 -11.20 -53.15 14.43
CA PRO B 357 -11.74 -54.50 14.68
C PRO B 357 -10.68 -55.59 14.59
N THR B 358 -9.75 -55.59 15.55
CA THR B 358 -8.63 -56.52 15.50
C THR B 358 -8.30 -57.00 16.91
N GLY B 359 -7.91 -58.27 17.01
CA GLY B 359 -7.41 -58.83 18.24
C GLY B 359 -8.46 -59.42 19.16
N GLN B 360 -9.24 -58.56 19.80
CA GLN B 360 -10.23 -58.98 20.78
C GLN B 360 -11.53 -58.22 20.58
N TYR B 361 -12.63 -58.83 21.01
CA TYR B 361 -13.95 -58.20 20.94
C TYR B 361 -14.83 -58.87 21.98
N VAL B 362 -15.39 -58.10 22.90
CA VAL B 362 -16.32 -58.66 23.87
C VAL B 362 -17.69 -58.81 23.22
N VAL B 363 -18.27 -60.01 23.35
CA VAL B 363 -19.55 -60.28 22.70
C VAL B 363 -20.63 -59.39 23.29
N GLY B 364 -21.41 -58.75 22.42
CA GLY B 364 -22.46 -57.85 22.84
C GLY B 364 -22.01 -56.44 23.09
N SER B 365 -20.71 -56.16 23.05
CA SER B 365 -20.20 -54.82 23.27
C SER B 365 -20.33 -54.00 22.00
N GLU B 366 -20.18 -52.69 22.14
CA GLU B 366 -20.24 -51.80 21.00
C GLU B 366 -18.85 -51.22 20.74
N VAL B 367 -18.52 -51.10 19.46
CA VAL B 367 -17.21 -50.61 19.04
C VAL B 367 -17.39 -49.88 17.73
N ASP B 368 -16.49 -48.94 17.45
CA ASP B 368 -16.54 -48.21 16.20
C ASP B 368 -15.80 -48.97 15.11
N ILE B 369 -16.08 -48.62 13.87
CA ILE B 369 -15.41 -49.21 12.71
C ILE B 369 -14.39 -48.19 12.24
N ASN B 370 -13.11 -48.52 12.39
CA ASN B 370 -12.01 -47.61 12.06
C ASN B 370 -11.09 -48.28 11.05
N GLY B 371 -10.72 -47.55 10.00
CA GLY B 371 -9.84 -48.13 9.01
C GLY B 371 -9.53 -47.16 7.90
N THR B 372 -8.81 -47.65 6.90
CA THR B 372 -8.42 -46.82 5.78
C THR B 372 -8.65 -47.56 4.47
N ALA B 373 -8.84 -46.77 3.41
CA ALA B 373 -9.10 -47.30 2.07
C ALA B 373 -8.58 -46.27 1.07
N THR B 374 -7.48 -46.61 0.39
CA THR B 374 -6.85 -45.65 -0.51
C THR B 374 -7.76 -45.34 -1.71
N SER B 375 -8.25 -46.37 -2.38
CA SER B 375 -9.09 -46.21 -3.57
C SER B 375 -10.41 -46.93 -3.32
N SER B 376 -11.35 -46.22 -2.71
CA SER B 376 -12.66 -46.79 -2.38
C SER B 376 -13.68 -45.67 -2.27
N ASP B 377 -14.94 -46.03 -2.53
CA ASP B 377 -16.07 -45.14 -2.34
C ASP B 377 -17.05 -45.66 -1.30
N SER B 378 -17.43 -46.93 -1.41
CA SER B 378 -18.30 -47.60 -0.45
C SER B 378 -17.63 -48.89 -0.01
N VAL B 379 -17.67 -49.15 1.30
CA VAL B 379 -17.02 -50.32 1.86
C VAL B 379 -18.02 -51.12 2.69
N ALA B 380 -17.84 -52.43 2.71
CA ALA B 380 -18.70 -53.34 3.44
C ALA B 380 -17.85 -54.26 4.30
N ILE B 381 -18.45 -54.73 5.40
CA ILE B 381 -17.78 -55.56 6.39
C ILE B 381 -18.41 -56.95 6.38
N TYR B 382 -17.55 -57.97 6.31
CA TYR B 382 -17.98 -59.35 6.25
C TYR B 382 -17.29 -60.12 7.37
N VAL B 383 -17.95 -61.19 7.83
CA VAL B 383 -17.43 -62.03 8.89
C VAL B 383 -17.39 -63.47 8.40
N ARG B 384 -16.29 -64.16 8.66
CA ARG B 384 -16.09 -65.53 8.21
C ARG B 384 -15.70 -66.41 9.37
N ASP B 385 -16.23 -67.64 9.37
CA ASP B 385 -15.84 -68.63 10.35
C ASP B 385 -16.12 -69.99 9.73
N ASP B 386 -15.06 -70.66 9.27
CA ASP B 386 -15.07 -72.03 8.72
C ASP B 386 -16.13 -72.18 7.63
N GLY B 387 -16.17 -71.20 6.73
CA GLY B 387 -17.12 -71.26 5.62
C GLY B 387 -17.32 -69.96 4.88
N ASP B 388 -18.57 -69.60 4.61
CA ASP B 388 -18.87 -68.43 3.81
C ASP B 388 -18.59 -67.14 4.58
N TRP B 389 -18.38 -66.06 3.82
CA TRP B 389 -18.25 -64.71 4.38
C TRP B 389 -19.64 -64.09 4.50
N GLN B 390 -20.24 -64.20 5.68
CA GLN B 390 -21.56 -63.64 5.89
C GLN B 390 -21.47 -62.12 5.97
N LEU B 391 -22.34 -61.44 5.24
CA LEU B 391 -22.35 -59.98 5.24
C LEU B 391 -22.80 -59.45 6.58
N LEU B 392 -22.14 -58.40 7.06
CA LEU B 392 -22.51 -57.75 8.31
C LEU B 392 -23.34 -56.50 7.99
N GLU B 393 -24.57 -56.48 8.47
CA GLU B 393 -25.53 -55.41 8.19
C GLU B 393 -25.23 -54.22 9.09
N ILE B 394 -24.33 -53.34 8.62
CA ILE B 394 -23.94 -52.17 9.42
C ILE B 394 -25.11 -51.21 9.61
N GLY B 395 -26.09 -51.22 8.70
CA GLY B 395 -27.21 -50.31 8.83
C GLY B 395 -27.51 -49.55 7.56
N GLY B 396 -27.36 -48.23 7.61
CA GLY B 396 -27.69 -47.36 6.50
C GLY B 396 -26.87 -47.61 5.25
N ASP B 397 -27.51 -48.16 4.22
CA ASP B 397 -26.96 -48.39 2.88
C ASP B 397 -25.83 -49.41 2.88
N ASN B 398 -25.47 -49.98 4.03
CA ASN B 398 -24.44 -51.01 4.13
C ASN B 398 -23.12 -50.55 3.48
N GLU B 399 -22.77 -49.29 3.72
CA GLU B 399 -21.57 -48.72 3.14
C GLU B 399 -21.09 -47.58 4.01
N ILE B 400 -19.81 -47.24 3.85
CA ILE B 400 -19.18 -46.12 4.54
C ILE B 400 -18.41 -45.30 3.51
N SER B 401 -18.61 -43.99 3.52
CA SER B 401 -17.89 -43.13 2.60
C SER B 401 -16.46 -42.93 3.10
N VAL B 402 -15.58 -42.54 2.19
CA VAL B 402 -14.18 -42.32 2.50
C VAL B 402 -13.83 -40.87 2.29
N ASP B 403 -13.08 -40.30 3.23
CA ASP B 403 -12.70 -38.90 3.16
C ASP B 403 -11.51 -38.74 2.22
N SER B 404 -10.97 -37.52 2.15
CA SER B 404 -9.79 -37.29 1.31
C SER B 404 -8.55 -37.96 1.88
N ASP B 405 -8.49 -38.16 3.19
CA ASP B 405 -7.33 -38.78 3.82
C ASP B 405 -7.35 -40.31 3.66
N ASP B 406 -8.20 -40.83 2.77
CA ASP B 406 -8.28 -42.28 2.54
C ASP B 406 -8.56 -43.04 3.84
N THR B 407 -9.45 -42.49 4.68
CA THR B 407 -9.79 -43.09 5.95
C THR B 407 -11.29 -43.09 6.14
N PHE B 408 -11.82 -44.20 6.64
CA PHE B 408 -13.24 -44.33 6.91
C PHE B 408 -13.47 -44.76 8.35
N GLU B 409 -14.55 -44.24 8.94
CA GLU B 409 -14.89 -44.47 10.32
C GLU B 409 -16.42 -44.55 10.45
N GLU B 410 -16.85 -45.19 11.52
CA GLU B 410 -18.25 -45.35 11.87
C GLU B 410 -18.39 -45.16 13.36
N GLU B 411 -19.61 -44.80 13.80
CA GLU B 411 -19.84 -44.57 15.21
C GLU B 411 -19.79 -45.91 15.97
N ASP B 412 -19.99 -45.85 17.27
CA ASP B 412 -19.93 -47.05 18.09
C ASP B 412 -21.10 -47.97 17.77
N ILE B 413 -20.79 -49.16 17.25
CA ILE B 413 -21.79 -50.14 16.85
C ILE B 413 -21.54 -51.44 17.59
N ALA B 414 -22.61 -52.01 18.17
CA ALA B 414 -22.55 -53.32 18.79
C ALA B 414 -22.70 -54.38 17.70
N LEU B 415 -21.61 -55.12 17.41
CA LEU B 415 -21.66 -56.08 16.33
C LEU B 415 -22.68 -57.16 16.61
N SER B 416 -22.63 -57.73 17.82
CA SER B 416 -23.59 -58.76 18.22
C SER B 416 -24.94 -58.15 18.53
N GLY B 417 -24.95 -56.89 18.96
CA GLY B 417 -26.20 -56.25 19.36
C GLY B 417 -27.15 -56.03 18.20
N LEU B 418 -26.61 -55.74 17.02
CA LEU B 418 -27.46 -55.40 15.88
C LEU B 418 -28.29 -56.59 15.42
N SER B 419 -29.44 -56.29 14.84
CA SER B 419 -30.37 -57.33 14.40
C SER B 419 -29.89 -57.88 13.07
N GLY B 420 -30.07 -59.17 12.88
CA GLY B 420 -29.66 -59.84 11.66
C GLY B 420 -29.11 -61.20 12.02
N ASP B 421 -29.06 -62.08 11.03
CA ASP B 421 -28.46 -63.39 11.25
C ASP B 421 -26.95 -63.32 11.28
N GLY B 422 -26.35 -62.28 10.69
CA GLY B 422 -24.90 -62.15 10.75
C GLY B 422 -24.39 -62.00 12.17
N SER B 423 -25.08 -61.18 12.97
CA SER B 423 -24.68 -60.99 14.36
C SER B 423 -24.80 -62.27 15.16
N SER B 424 -25.68 -63.19 14.75
CA SER B 424 -25.88 -64.40 15.52
C SER B 424 -24.61 -65.23 15.55
N ILE B 425 -23.80 -65.16 14.50
CA ILE B 425 -22.54 -65.89 14.51
C ILE B 425 -21.66 -65.33 15.61
N LEU B 426 -21.60 -64.00 15.70
CA LEU B 426 -20.73 -63.35 16.69
C LEU B 426 -21.29 -63.50 18.09
N SER B 427 -22.54 -63.92 18.23
CA SER B 427 -23.14 -64.04 19.54
C SER B 427 -22.42 -65.12 20.35
N LEU B 428 -22.11 -66.24 19.71
CA LEU B 428 -21.46 -67.35 20.39
C LEU B 428 -19.96 -67.07 20.52
N THR B 429 -19.40 -67.56 21.63
CA THR B 429 -17.99 -67.36 21.92
C THR B 429 -17.11 -68.18 20.97
N GLY B 430 -16.06 -67.55 20.46
CA GLY B 430 -15.15 -68.27 19.59
C GLY B 430 -14.21 -67.34 18.85
N THR B 431 -13.46 -67.91 17.92
CA THR B 431 -12.53 -67.19 17.07
C THR B 431 -13.00 -67.17 15.62
N TYR B 432 -13.08 -65.97 15.05
CA TYR B 432 -13.64 -65.73 13.72
C TYR B 432 -12.66 -64.86 12.92
N ARG B 433 -13.11 -64.39 11.77
CA ARG B 433 -12.35 -63.50 10.91
C ARG B 433 -13.25 -62.37 10.46
N ILE B 434 -12.72 -61.15 10.34
CA ILE B 434 -13.52 -60.03 9.90
C ILE B 434 -12.72 -59.28 8.83
N GLY B 435 -13.41 -58.90 7.75
CA GLY B 435 -12.75 -58.24 6.64
C GLY B 435 -13.62 -57.17 6.04
N VAL B 436 -12.95 -56.29 5.28
CA VAL B 436 -13.60 -55.20 4.58
C VAL B 436 -13.37 -55.40 3.09
N ILE B 437 -14.33 -54.91 2.30
CA ILE B 437 -14.31 -55.03 0.85
C ILE B 437 -14.89 -53.75 0.25
N ASP B 438 -14.36 -53.36 -0.92
CA ASP B 438 -14.85 -52.16 -1.59
C ASP B 438 -16.21 -52.44 -2.23
N ALA B 439 -16.80 -51.41 -2.83
CA ALA B 439 -18.08 -51.46 -3.53
C ALA B 439 -18.01 -52.18 -4.87
N SER B 440 -16.91 -52.84 -5.21
CA SER B 440 -16.83 -53.58 -6.46
C SER B 440 -17.84 -54.70 -6.55
N ASP B 441 -18.32 -55.22 -5.41
CA ASP B 441 -19.35 -56.25 -5.43
C ASP B 441 -20.64 -55.72 -6.05
N ALA B 442 -21.25 -54.71 -5.41
CA ALA B 442 -22.49 -54.11 -5.88
C ALA B 442 -23.56 -55.16 -6.15
N ASP B 443 -23.81 -56.00 -5.14
CA ASP B 443 -24.72 -57.14 -5.25
C ASP B 443 -24.28 -58.08 -6.39
N VAL B 444 -22.97 -58.31 -6.47
CA VAL B 444 -22.30 -59.17 -7.45
C VAL B 444 -22.88 -58.98 -8.85
N GLY B 445 -23.34 -57.76 -9.15
CA GLY B 445 -23.97 -57.48 -10.42
C GLY B 445 -25.47 -57.30 -10.28
N GLY B 446 -25.93 -56.06 -10.28
CA GLY B 446 -27.34 -55.80 -10.14
C GLY B 446 -27.63 -54.43 -9.52
N ASP B 447 -28.52 -54.41 -8.53
CA ASP B 447 -28.85 -53.17 -7.85
C ASP B 447 -27.66 -52.64 -7.07
N GLY B 448 -27.61 -51.32 -6.94
CA GLY B 448 -26.52 -50.66 -6.25
C GLY B 448 -26.58 -50.78 -4.75
N SER B 449 -26.46 -52.00 -4.23
CA SER B 449 -26.50 -52.25 -2.80
C SER B 449 -25.72 -53.52 -2.50
N VAL B 450 -25.03 -53.51 -1.36
CA VAL B 450 -24.22 -54.66 -0.93
C VAL B 450 -25.13 -55.61 -0.18
N ASP B 451 -25.71 -56.57 -0.89
CA ASP B 451 -26.60 -57.57 -0.29
C ASP B 451 -26.29 -58.93 -0.92
N ASP B 452 -25.31 -59.63 -0.33
CA ASP B 452 -24.89 -60.98 -0.73
C ASP B 452 -24.10 -61.59 0.42
N SER B 453 -23.66 -62.83 0.21
CA SER B 453 -22.68 -63.49 1.08
C SER B 453 -21.59 -64.04 0.19
N LEU B 454 -20.59 -63.20 -0.11
CA LEU B 454 -19.55 -63.57 -1.07
C LEU B 454 -18.72 -64.73 -0.53
N THR B 455 -18.40 -65.69 -1.39
CA THR B 455 -17.59 -66.83 -0.99
C THR B 455 -16.13 -66.43 -0.93
N THR B 456 -15.24 -67.40 -0.68
CA THR B 456 -13.83 -67.10 -0.58
C THR B 456 -13.27 -66.57 -1.89
N SER B 457 -13.64 -67.20 -3.02
CA SER B 457 -13.15 -66.74 -4.31
C SER B 457 -13.67 -65.35 -4.64
N GLU B 458 -14.95 -65.09 -4.40
CA GLU B 458 -15.52 -63.79 -4.70
C GLU B 458 -14.94 -62.71 -3.80
N PHE B 459 -14.76 -63.02 -2.51
CA PHE B 459 -14.21 -62.03 -1.59
C PHE B 459 -12.76 -61.73 -1.90
N THR B 460 -11.98 -62.76 -2.25
CA THR B 460 -10.57 -62.55 -2.52
C THR B 460 -10.33 -61.91 -3.88
N SER B 461 -11.22 -62.17 -4.85
CA SER B 461 -11.01 -61.68 -6.20
C SER B 461 -10.94 -60.15 -6.25
N GLY B 462 -11.89 -59.49 -5.57
CA GLY B 462 -11.87 -58.05 -5.49
C GLY B 462 -10.89 -57.56 -4.45
N VAL B 463 -10.75 -56.23 -4.38
CA VAL B 463 -9.89 -55.63 -3.37
C VAL B 463 -10.57 -55.75 -2.01
N SER B 464 -9.84 -56.28 -1.03
CA SER B 464 -10.41 -56.58 0.28
C SER B 464 -9.26 -56.85 1.23
N SER B 465 -9.60 -57.04 2.51
CA SER B 465 -8.60 -57.43 3.50
C SER B 465 -9.31 -57.96 4.73
N SER B 466 -8.72 -58.98 5.37
CA SER B 466 -9.31 -59.59 6.54
C SER B 466 -8.27 -59.77 7.64
N ASN B 467 -8.75 -59.77 8.88
CA ASN B 467 -7.92 -59.95 10.05
C ASN B 467 -8.65 -60.81 11.08
N SER B 468 -7.86 -61.57 11.85
CA SER B 468 -8.41 -62.50 12.82
C SER B 468 -8.97 -61.75 14.02
N ILE B 469 -10.16 -62.15 14.46
CA ILE B 469 -10.82 -61.53 15.61
C ILE B 469 -11.41 -62.64 16.45
N ARG B 470 -11.39 -62.49 17.77
CA ARG B 470 -12.06 -63.46 18.62
C ARG B 470 -12.92 -62.73 19.64
N VAL B 471 -14.05 -63.36 19.99
CA VAL B 471 -15.02 -62.77 20.89
C VAL B 471 -14.90 -63.44 22.26
N THR B 472 -14.90 -62.61 23.29
CA THR B 472 -14.76 -63.03 24.68
C THR B 472 -16.09 -62.76 25.39
N ASP B 473 -16.45 -63.65 26.32
CA ASP B 473 -17.70 -63.47 27.02
C ASP B 473 -17.62 -62.24 27.94
N GLN B 474 -18.77 -61.73 28.33
CA GLN B 474 -18.84 -60.52 29.15
C GLN B 474 -18.34 -60.78 30.56
N GLU C 1 -36.79 -10.79 -30.49
CA GLU C 1 -37.43 -9.68 -29.80
C GLU C 1 -36.48 -9.13 -28.74
N ARG C 2 -36.71 -7.90 -28.31
CA ARG C 2 -35.93 -7.28 -27.23
C ARG C 2 -36.90 -6.91 -26.11
N GLY C 3 -36.58 -7.32 -24.89
CA GLY C 3 -37.50 -7.17 -23.79
C GLY C 3 -38.17 -8.49 -23.49
N ASN C 4 -38.46 -9.26 -24.54
CA ASN C 4 -38.98 -10.61 -24.43
C ASN C 4 -37.99 -11.49 -25.18
N LEU C 5 -36.89 -11.82 -24.49
CA LEU C 5 -35.78 -12.48 -25.15
C LEU C 5 -36.10 -13.93 -25.49
N ASP C 6 -36.81 -14.63 -24.61
CA ASP C 6 -37.08 -16.04 -24.82
C ASP C 6 -38.26 -16.29 -25.75
N ALA C 7 -39.02 -15.27 -26.13
CA ALA C 7 -40.07 -15.48 -27.12
C ALA C 7 -39.52 -16.00 -28.44
N ASP C 8 -38.25 -15.75 -28.74
CA ASP C 8 -37.64 -16.18 -29.99
C ASP C 8 -36.44 -17.10 -29.78
N SER C 9 -36.23 -17.58 -28.55
CA SER C 9 -35.14 -18.49 -28.22
C SER C 9 -33.78 -17.90 -28.54
N GLU C 10 -33.69 -16.59 -28.69
CA GLU C 10 -32.43 -15.91 -28.97
C GLU C 10 -31.69 -15.63 -27.67
N SER C 11 -30.40 -15.98 -27.63
CA SER C 11 -29.61 -15.70 -26.43
C SER C 11 -29.43 -14.20 -26.22
N PHE C 12 -29.31 -13.43 -27.30
CA PHE C 12 -29.02 -12.01 -27.19
C PHE C 12 -29.67 -11.30 -28.37
N ASN C 13 -29.95 -10.01 -28.18
CA ASN C 13 -30.49 -9.19 -29.25
C ASN C 13 -29.82 -7.83 -29.17
N LYS C 14 -29.35 -7.32 -30.32
CA LYS C 14 -28.61 -6.07 -30.33
C LYS C 14 -29.19 -5.05 -31.29
N THR C 15 -30.45 -5.21 -31.67
CA THR C 15 -31.14 -4.22 -32.50
C THR C 15 -31.97 -3.35 -31.58
N ILE C 16 -31.72 -2.04 -31.58
CA ILE C 16 -32.37 -1.15 -30.63
C ILE C 16 -33.44 -0.35 -31.36
N GLN C 17 -34.63 -0.31 -30.81
CA GLN C 17 -35.70 0.53 -31.34
C GLN C 17 -35.82 1.80 -30.52
N SER C 18 -36.43 2.82 -31.14
CA SER C 18 -36.56 4.11 -30.48
C SER C 18 -37.29 3.96 -29.16
N GLY C 19 -36.78 4.57 -28.10
CA GLY C 19 -37.48 4.60 -26.84
C GLY C 19 -36.98 3.60 -25.81
N ASP C 20 -36.18 2.63 -26.22
CA ASP C 20 -35.78 1.52 -25.36
C ASP C 20 -34.65 1.96 -24.42
N ARG C 21 -34.13 1.01 -23.67
CA ARG C 21 -33.03 1.24 -22.74
C ARG C 21 -31.78 0.55 -23.25
N VAL C 22 -30.62 1.18 -23.02
CA VAL C 22 -29.34 0.64 -23.41
C VAL C 22 -28.42 0.66 -22.19
N PHE C 23 -27.57 -0.36 -22.07
CA PHE C 23 -26.71 -0.49 -20.90
C PHE C 23 -25.29 -0.07 -21.25
N LEU C 24 -24.44 -0.06 -20.22
CA LEU C 24 -23.11 0.53 -20.35
C LEU C 24 -22.19 -0.28 -21.25
N GLY C 25 -22.16 -1.59 -21.10
CA GLY C 25 -21.17 -2.35 -21.83
C GLY C 25 -21.67 -2.92 -23.15
N GLU C 26 -22.79 -2.42 -23.65
CA GLU C 26 -23.36 -3.03 -24.84
C GLU C 26 -22.52 -2.69 -26.08
N GLU C 27 -22.77 -3.45 -27.15
CA GLU C 27 -22.16 -3.22 -28.45
C GLU C 27 -23.30 -3.20 -29.46
N ILE C 28 -23.93 -2.03 -29.64
CA ILE C 28 -25.08 -1.89 -30.53
C ILE C 28 -24.76 -2.47 -31.90
N SER C 29 -25.76 -3.05 -32.56
CA SER C 29 -25.57 -3.55 -33.91
C SER C 29 -25.85 -2.45 -34.92
N THR C 30 -24.92 -2.27 -35.86
CA THR C 30 -25.06 -1.24 -36.88
C THR C 30 -25.73 -1.74 -38.14
N ASP C 31 -26.02 -3.04 -38.24
CA ASP C 31 -26.57 -3.61 -39.45
C ASP C 31 -27.98 -3.09 -39.72
N ALA C 32 -28.82 -3.03 -38.68
CA ALA C 32 -30.23 -2.69 -38.87
C ALA C 32 -30.71 -1.95 -37.63
N GLY C 33 -31.87 -1.31 -37.75
CA GLY C 33 -32.44 -0.63 -36.61
C GLY C 33 -31.78 0.72 -36.40
N LEU C 34 -31.74 1.13 -35.13
CA LEU C 34 -31.19 2.44 -34.77
C LEU C 34 -29.68 2.38 -34.59
N GLY C 35 -29.01 1.72 -35.54
CA GLY C 35 -27.57 1.60 -35.54
C GLY C 35 -27.02 2.11 -36.85
N ALA C 36 -27.90 2.25 -37.83
CA ALA C 36 -27.58 2.82 -39.12
C ALA C 36 -28.46 4.00 -39.49
N SER C 37 -29.63 4.13 -38.86
CA SER C 37 -30.54 5.24 -39.10
C SER C 37 -30.21 6.47 -38.28
N ASN C 38 -29.38 6.33 -37.25
CA ASN C 38 -28.94 7.45 -36.42
C ASN C 38 -27.74 7.01 -35.59
N PRO C 39 -26.55 6.98 -36.17
CA PRO C 39 -25.37 6.46 -35.46
C PRO C 39 -24.99 7.22 -34.20
N LEU C 40 -25.00 8.55 -34.22
CA LEU C 40 -24.59 9.34 -33.06
C LEU C 40 -25.73 10.18 -32.50
N LEU C 41 -25.74 10.32 -31.18
CA LEU C 41 -26.77 11.01 -30.42
C LEU C 41 -26.10 11.95 -29.43
N THR C 42 -26.86 12.88 -28.87
CA THR C 42 -26.32 13.84 -27.92
C THR C 42 -27.19 13.90 -26.68
N GLY C 43 -26.62 14.39 -25.58
CA GLY C 43 -27.33 14.43 -24.33
C GLY C 43 -28.47 15.43 -24.37
N THR C 44 -29.49 15.18 -23.57
CA THR C 44 -30.67 16.05 -23.58
C THR C 44 -30.76 16.98 -22.38
N ALA C 45 -30.63 16.44 -21.16
CA ALA C 45 -30.82 17.25 -19.97
C ALA C 45 -29.90 16.76 -18.87
N GLY C 46 -29.67 17.65 -17.89
CA GLY C 46 -28.89 17.28 -16.73
C GLY C 46 -27.41 17.15 -17.05
N ASN C 47 -26.75 16.25 -16.30
CA ASN C 47 -25.32 16.05 -16.49
C ASN C 47 -25.02 15.58 -17.91
N SER C 48 -25.90 14.76 -18.47
CA SER C 48 -25.71 14.23 -19.81
C SER C 48 -25.72 15.32 -20.88
N GLU C 49 -26.31 16.48 -20.57
CA GLU C 49 -26.52 17.51 -21.57
C GLU C 49 -25.19 17.94 -22.19
N GLY C 50 -25.16 17.96 -23.53
CA GLY C 50 -24.01 18.40 -24.28
C GLY C 50 -23.05 17.30 -24.66
N VAL C 51 -23.11 16.16 -23.97
CA VAL C 51 -22.17 15.07 -24.23
C VAL C 51 -22.63 14.30 -25.45
N SER C 52 -21.71 13.57 -26.07
CA SER C 52 -22.00 12.87 -27.32
C SER C 52 -21.85 11.36 -27.10
N LEU C 53 -22.84 10.61 -27.55
CA LEU C 53 -22.83 9.15 -27.53
C LEU C 53 -22.74 8.63 -28.96
N ASP C 54 -21.74 7.80 -29.24
CA ASP C 54 -21.62 7.19 -30.55
C ASP C 54 -22.03 5.73 -30.44
N LEU C 55 -23.14 5.37 -31.10
CA LEU C 55 -23.66 4.02 -31.00
C LEU C 55 -22.73 3.00 -31.66
N SER C 56 -22.06 3.40 -32.75
CA SER C 56 -21.26 2.46 -33.51
C SER C 56 -20.15 1.86 -32.65
N SER C 57 -19.45 2.69 -31.89
CA SER C 57 -18.39 2.19 -31.03
C SER C 57 -18.97 1.62 -29.75
N PRO C 58 -18.26 0.70 -29.10
CA PRO C 58 -18.73 0.18 -27.81
C PRO C 58 -18.88 1.30 -26.80
N ILE C 59 -20.03 1.30 -26.12
CA ILE C 59 -20.28 2.35 -25.12
C ILE C 59 -19.29 2.23 -23.99
N PRO C 60 -18.64 3.31 -23.57
CA PRO C 60 -17.65 3.22 -22.51
C PRO C 60 -18.25 2.78 -21.18
N GLN C 61 -17.43 2.11 -20.39
CA GLN C 61 -17.77 1.73 -19.03
C GLN C 61 -17.34 2.87 -18.11
N THR C 62 -17.32 2.63 -16.80
CA THR C 62 -16.79 3.45 -15.71
C THR C 62 -17.72 4.62 -15.35
N THR C 63 -18.74 4.91 -16.15
CA THR C 63 -19.73 5.96 -15.89
C THR C 63 -19.10 7.33 -15.76
N GLU C 64 -17.85 7.46 -16.17
CA GLU C 64 -17.14 8.72 -16.27
C GLU C 64 -16.87 8.97 -17.74
N ASN C 65 -16.94 10.24 -18.15
CA ASN C 65 -16.76 10.64 -19.53
C ASN C 65 -17.99 10.26 -20.37
N GLN C 66 -18.90 9.49 -19.77
CA GLN C 66 -20.17 9.14 -20.41
C GLN C 66 -21.26 9.15 -19.34
N PRO C 67 -21.70 10.34 -18.92
CA PRO C 67 -22.67 10.44 -17.84
C PRO C 67 -24.01 9.82 -18.20
N LEU C 68 -24.64 9.18 -17.21
CA LEU C 68 -25.92 8.54 -17.41
C LEU C 68 -27.03 9.56 -17.66
N GLY C 69 -27.98 9.20 -18.51
CA GLY C 69 -29.04 10.13 -18.87
C GLY C 69 -29.77 9.66 -20.11
N THR C 70 -30.53 10.58 -20.70
CA THR C 70 -31.26 10.33 -21.93
C THR C 70 -30.58 11.05 -23.08
N TYR C 71 -30.52 10.37 -24.22
CA TYR C 71 -29.81 10.90 -25.38
C TYR C 71 -30.76 11.01 -26.57
N ASP C 72 -30.67 12.17 -27.24
CA ASP C 72 -31.50 12.55 -28.38
C ASP C 72 -30.59 13.05 -29.49
N VAL C 73 -30.91 12.71 -30.74
CA VAL C 73 -30.01 13.08 -31.83
C VAL C 73 -29.93 14.60 -31.98
N ASP C 74 -31.07 15.29 -31.92
CA ASP C 74 -31.09 16.72 -32.18
C ASP C 74 -30.31 17.51 -31.13
N GLY C 75 -30.45 17.13 -29.87
CA GLY C 75 -29.87 17.89 -28.78
C GLY C 75 -30.88 17.94 -27.66
N SER C 76 -30.85 18.99 -26.84
CA SER C 76 -31.89 19.12 -25.83
C SER C 76 -33.24 19.27 -26.53
N GLY C 77 -34.17 18.40 -26.17
CA GLY C 77 -35.46 18.39 -26.82
C GLY C 77 -36.50 17.67 -26.00
N SER C 78 -37.76 17.95 -26.31
CA SER C 78 -38.87 17.23 -25.70
C SER C 78 -39.82 16.67 -26.73
N ALA C 79 -39.59 16.94 -28.02
CA ALA C 79 -40.46 16.44 -29.07
C ALA C 79 -40.12 14.97 -29.32
N THR C 80 -41.07 14.22 -29.88
CA THR C 80 -40.75 12.85 -30.20
C THR C 80 -39.63 12.81 -31.24
N THR C 81 -38.57 12.09 -30.93
CA THR C 81 -37.42 11.93 -31.80
C THR C 81 -36.71 10.65 -31.37
N PRO C 82 -35.83 10.06 -32.22
CA PRO C 82 -35.06 8.91 -31.74
C PRO C 82 -34.34 9.25 -30.45
N ASN C 83 -34.68 8.56 -29.37
CA ASN C 83 -34.08 8.80 -28.06
C ASN C 83 -33.87 7.48 -27.35
N VAL C 84 -32.95 7.48 -26.39
CA VAL C 84 -32.63 6.26 -25.64
C VAL C 84 -32.12 6.66 -24.26
N THR C 85 -32.38 5.80 -23.29
CA THR C 85 -32.02 6.07 -21.89
C THR C 85 -30.94 5.09 -21.44
N LEU C 86 -29.82 5.62 -20.99
CA LEU C 86 -28.69 4.81 -20.58
C LEU C 86 -28.89 4.35 -19.14
N LEU C 87 -28.71 3.06 -18.87
CA LEU C 87 -28.83 2.56 -17.51
C LEU C 87 -27.64 1.64 -17.21
N ALA C 88 -27.31 1.54 -15.93
CA ALA C 88 -26.20 0.69 -15.51
C ALA C 88 -26.63 -0.76 -15.34
N PRO C 89 -25.74 -1.71 -15.60
CA PRO C 89 -26.05 -3.11 -15.33
C PRO C 89 -25.90 -3.41 -13.85
N ARG C 90 -26.56 -4.49 -13.41
CA ARG C 90 -26.66 -4.91 -12.01
C ARG C 90 -27.32 -6.29 -11.96
N ILE C 91 -26.95 -7.06 -10.94
CA ILE C 91 -27.66 -8.27 -10.55
C ILE C 91 -27.97 -8.15 -9.06
N THR C 92 -29.24 -8.00 -8.72
CA THR C 92 -29.57 -7.59 -7.37
C THR C 92 -29.35 -8.69 -6.34
N ASP C 93 -29.61 -9.94 -6.70
CA ASP C 93 -29.48 -10.98 -5.68
C ASP C 93 -29.21 -12.33 -6.31
N SER C 94 -28.49 -13.19 -5.58
CA SER C 94 -28.23 -14.53 -6.10
C SER C 94 -28.16 -15.49 -4.92
N GLU C 95 -28.56 -16.74 -5.15
CA GLU C 95 -28.54 -17.72 -4.06
C GLU C 95 -28.53 -19.13 -4.62
N ILE C 96 -28.11 -20.06 -3.76
CA ILE C 96 -28.13 -21.49 -4.03
C ILE C 96 -29.01 -22.13 -2.97
N LEU C 97 -30.13 -22.72 -3.39
CA LEU C 97 -31.07 -23.29 -2.46
C LEU C 97 -31.16 -24.81 -2.62
N THR C 98 -31.28 -25.50 -1.49
CA THR C 98 -31.47 -26.94 -1.52
C THR C 98 -32.90 -27.22 -2.00
N SER C 99 -33.15 -28.46 -2.44
CA SER C 99 -34.45 -28.76 -3.03
C SER C 99 -35.56 -28.50 -2.02
N SER C 100 -35.33 -28.85 -0.76
CA SER C 100 -36.29 -28.54 0.30
C SER C 100 -36.43 -27.03 0.45
N GLY C 101 -35.32 -26.32 0.31
CA GLY C 101 -35.26 -24.88 0.53
C GLY C 101 -34.23 -24.54 1.59
N GLY C 102 -33.91 -23.24 1.65
CA GLY C 102 -32.87 -22.84 2.57
C GLY C 102 -31.52 -22.61 1.92
N ASP C 103 -30.88 -21.48 2.22
CA ASP C 103 -29.63 -21.14 1.58
C ASP C 103 -28.51 -21.99 2.17
N VAL C 104 -27.55 -22.35 1.32
CA VAL C 104 -26.37 -23.08 1.77
C VAL C 104 -25.14 -22.42 1.17
N THR C 105 -25.29 -21.21 0.64
CA THR C 105 -24.18 -20.55 -0.01
C THR C 105 -23.07 -20.26 1.00
N GLY C 106 -21.83 -20.37 0.54
CA GLY C 106 -20.69 -20.07 1.38
C GLY C 106 -20.51 -21.02 2.53
N SER C 107 -21.19 -22.16 2.51
CA SER C 107 -21.19 -23.12 3.60
C SER C 107 -21.02 -24.53 3.05
N ALA C 108 -20.28 -25.37 3.79
CA ALA C 108 -20.05 -26.74 3.35
C ALA C 108 -21.34 -27.54 3.42
N ILE C 109 -21.53 -28.42 2.44
CA ILE C 109 -22.72 -29.26 2.36
C ILE C 109 -22.28 -30.71 2.18
N SER C 110 -23.03 -31.63 2.76
CA SER C 110 -22.74 -33.05 2.62
C SER C 110 -22.84 -33.47 1.16
N SER C 111 -21.95 -34.38 0.76
CA SER C 111 -21.97 -34.88 -0.61
C SER C 111 -23.25 -35.63 -0.91
N SER C 112 -23.78 -36.36 0.08
CA SER C 112 -25.01 -37.12 -0.13
C SER C 112 -26.19 -36.21 -0.43
N ASP C 113 -26.32 -35.10 0.28
CA ASP C 113 -27.47 -34.23 0.11
C ASP C 113 -27.29 -33.24 -1.02
N ALA C 114 -26.08 -33.09 -1.54
CA ALA C 114 -25.81 -32.13 -2.61
C ALA C 114 -26.11 -32.75 -3.98
N GLY C 115 -27.35 -33.19 -4.14
CA GLY C 115 -27.70 -33.85 -5.39
C GLY C 115 -28.85 -33.20 -6.12
N ASN C 116 -29.53 -32.25 -5.49
CA ASN C 116 -30.67 -31.58 -6.09
C ASN C 116 -30.59 -30.08 -5.86
N LEU C 117 -29.39 -29.51 -5.91
CA LEU C 117 -29.25 -28.10 -5.61
C LEU C 117 -29.82 -27.26 -6.74
N TYR C 118 -30.19 -26.02 -6.41
CA TYR C 118 -30.70 -25.09 -7.41
C TYR C 118 -29.99 -23.75 -7.25
N VAL C 119 -29.88 -23.03 -8.36
CA VAL C 119 -29.30 -21.70 -8.38
C VAL C 119 -30.33 -20.74 -8.97
N ASN C 120 -30.64 -19.68 -8.21
CA ASN C 120 -31.62 -18.68 -8.60
C ASN C 120 -31.04 -17.29 -8.37
N ALA C 121 -31.51 -16.32 -9.17
CA ALA C 121 -30.96 -14.97 -9.05
C ALA C 121 -31.97 -13.96 -9.60
N ASP C 122 -31.75 -12.71 -9.21
CA ASP C 122 -32.51 -11.57 -9.69
C ASP C 122 -31.51 -10.57 -10.26
N TYR C 123 -31.71 -10.16 -11.51
CA TYR C 123 -30.79 -9.27 -12.22
C TYR C 123 -31.56 -8.16 -12.91
N ASN C 124 -30.88 -7.03 -13.13
CA ASN C 124 -31.54 -5.89 -13.77
C ASN C 124 -31.60 -6.01 -15.29
N TYR C 125 -30.58 -6.61 -15.93
CA TYR C 125 -30.50 -6.63 -17.39
C TYR C 125 -31.18 -7.89 -17.94
N GLU C 126 -32.50 -7.82 -18.03
CA GLU C 126 -33.26 -8.93 -18.62
C GLU C 126 -33.71 -8.66 -20.05
N SER C 127 -33.87 -7.39 -20.43
CA SER C 127 -34.29 -7.11 -21.80
C SER C 127 -33.21 -7.39 -22.83
N ALA C 128 -31.93 -7.30 -22.46
CA ALA C 128 -30.88 -7.45 -23.46
C ALA C 128 -30.23 -8.84 -23.48
N GLU C 129 -29.69 -9.29 -22.35
CA GLU C 129 -28.94 -10.53 -22.33
C GLU C 129 -29.26 -11.34 -21.09
N LYS C 130 -29.32 -12.66 -21.22
CA LYS C 130 -29.47 -13.48 -20.03
C LYS C 130 -28.12 -13.62 -19.35
N VAL C 131 -28.11 -14.17 -18.14
CA VAL C 131 -26.89 -14.28 -17.35
C VAL C 131 -26.46 -15.74 -17.26
N GLU C 132 -25.20 -16.00 -17.55
CA GLU C 132 -24.64 -17.33 -17.61
C GLU C 132 -24.17 -17.75 -16.22
N VAL C 133 -24.11 -19.07 -16.03
CA VAL C 133 -23.57 -19.71 -14.85
C VAL C 133 -22.42 -20.61 -15.27
N THR C 134 -21.30 -20.52 -14.56
CA THR C 134 -20.11 -21.33 -14.84
C THR C 134 -19.56 -21.88 -13.54
N VAL C 135 -19.69 -23.18 -13.33
CA VAL C 135 -19.15 -23.81 -12.13
C VAL C 135 -17.68 -24.12 -12.36
N GLU C 136 -16.84 -23.76 -11.38
CA GLU C 136 -15.40 -23.96 -11.46
C GLU C 136 -14.93 -24.82 -10.30
N ASP C 137 -14.13 -25.82 -10.62
CA ASP C 137 -13.53 -26.71 -9.63
C ASP C 137 -12.42 -25.98 -8.88
N PRO C 138 -11.99 -26.50 -7.72
CA PRO C 138 -10.86 -25.88 -7.02
C PRO C 138 -9.61 -25.81 -7.87
N SER C 139 -9.45 -26.74 -8.81
CA SER C 139 -8.34 -26.69 -9.75
C SER C 139 -8.46 -25.55 -10.73
N GLY C 140 -9.66 -25.01 -10.92
CA GLY C 140 -9.86 -23.89 -11.83
C GLY C 140 -10.21 -24.32 -13.23
N THR C 141 -11.28 -25.11 -13.36
CA THR C 141 -11.72 -25.63 -14.65
C THR C 141 -13.24 -25.60 -14.70
N ASP C 142 -13.77 -25.31 -15.89
CA ASP C 142 -15.22 -25.17 -16.08
C ASP C 142 -15.85 -26.56 -16.02
N ILE C 143 -16.64 -26.83 -14.99
CA ILE C 143 -17.31 -28.11 -14.84
C ILE C 143 -18.82 -27.99 -15.07
N THR C 144 -19.26 -26.95 -15.77
CA THR C 144 -20.70 -26.72 -15.90
C THR C 144 -21.40 -27.87 -16.62
N ASN C 145 -20.79 -28.38 -17.69
CA ASN C 145 -21.43 -29.41 -18.50
C ASN C 145 -21.61 -30.72 -17.76
N GLU C 146 -20.81 -30.97 -16.72
CA GLU C 146 -20.88 -32.23 -15.99
C GLU C 146 -22.02 -32.24 -14.98
N VAL C 147 -22.26 -31.12 -14.30
CA VAL C 147 -23.27 -31.09 -13.25
C VAL C 147 -24.63 -30.61 -13.72
N LEU C 148 -24.73 -30.09 -14.95
CA LEU C 148 -26.01 -29.61 -15.46
C LEU C 148 -27.03 -30.74 -15.45
N SER C 149 -28.31 -30.41 -15.18
CA SER C 149 -29.34 -31.44 -15.07
C SER C 149 -30.60 -31.09 -15.88
N GLY C 150 -30.51 -31.18 -17.20
CA GLY C 150 -31.70 -31.02 -18.03
C GLY C 150 -32.20 -29.62 -18.30
N THR C 151 -31.46 -28.57 -17.96
CA THR C 151 -31.93 -27.21 -18.20
C THR C 151 -30.83 -26.38 -18.85
N ASP C 152 -31.23 -25.48 -19.74
CA ASP C 152 -30.25 -24.63 -20.39
C ASP C 152 -29.57 -23.72 -19.37
N THR C 153 -28.36 -23.27 -19.74
CA THR C 153 -27.53 -22.49 -18.85
C THR C 153 -28.20 -21.18 -18.44
N PHE C 154 -29.14 -20.69 -19.25
CA PHE C 154 -29.76 -19.41 -19.00
C PHE C 154 -30.73 -19.48 -17.83
N VAL C 155 -30.58 -18.57 -16.87
CA VAL C 155 -31.50 -18.46 -15.74
C VAL C 155 -32.35 -17.21 -15.96
N ASP C 156 -33.63 -17.30 -15.61
CA ASP C 156 -34.55 -16.22 -15.90
C ASP C 156 -34.56 -15.17 -14.79
N ASP C 157 -35.21 -14.05 -15.06
CA ASP C 157 -35.38 -13.00 -14.08
C ASP C 157 -36.39 -13.43 -13.02
N GLY C 158 -36.28 -12.82 -11.84
CA GLY C 158 -37.12 -13.25 -10.75
C GLY C 158 -36.79 -14.68 -10.37
N SER C 159 -37.82 -15.47 -10.15
CA SER C 159 -37.66 -16.91 -9.88
C SER C 159 -36.77 -17.17 -8.67
N ILE C 160 -36.64 -16.19 -7.79
CA ILE C 160 -35.92 -16.40 -6.53
C ILE C 160 -36.85 -17.09 -5.54
N GLY C 161 -36.34 -18.12 -4.90
CA GLY C 161 -37.14 -18.95 -4.02
C GLY C 161 -37.76 -20.14 -4.70
N SER C 162 -37.43 -20.37 -5.97
CA SER C 162 -38.00 -21.46 -6.76
C SER C 162 -37.28 -22.76 -6.41
N THR C 163 -38.00 -23.70 -5.80
CA THR C 163 -37.44 -24.97 -5.40
C THR C 163 -37.69 -26.06 -6.42
N SER C 164 -38.33 -25.72 -7.53
CA SER C 164 -38.71 -26.69 -8.56
C SER C 164 -38.14 -26.24 -9.91
N SER C 165 -37.92 -27.22 -10.78
CA SER C 165 -37.38 -26.92 -12.10
C SER C 165 -38.38 -26.16 -12.98
N THR C 166 -39.66 -26.16 -12.62
CA THR C 166 -40.64 -25.41 -13.41
C THR C 166 -40.31 -23.93 -13.44
N GLY C 167 -39.95 -23.35 -12.29
CA GLY C 167 -39.57 -21.96 -12.25
C GLY C 167 -38.16 -21.76 -12.79
N GLY C 168 -37.86 -20.51 -13.13
CA GLY C 168 -36.50 -20.20 -13.56
C GLY C 168 -35.49 -20.65 -12.53
N GLY C 169 -34.32 -21.08 -12.97
CA GLY C 169 -33.23 -21.47 -12.10
C GLY C 169 -32.58 -22.69 -12.72
N VAL C 170 -31.33 -22.94 -12.34
CA VAL C 170 -30.60 -24.09 -12.87
C VAL C 170 -30.41 -25.13 -11.77
N GLY C 171 -30.63 -26.39 -12.12
CA GLY C 171 -30.44 -27.49 -11.17
C GLY C 171 -29.07 -28.10 -11.37
N ILE C 172 -28.36 -28.27 -10.25
CA ILE C 172 -27.05 -28.91 -10.23
C ILE C 172 -27.09 -30.13 -9.32
N ASP C 173 -26.56 -31.24 -9.84
CA ASP C 173 -26.44 -32.50 -9.10
C ASP C 173 -24.95 -32.61 -8.79
N MET C 174 -24.58 -32.11 -7.61
CA MET C 174 -23.19 -32.03 -7.19
C MET C 174 -22.77 -33.24 -6.36
N SER C 175 -23.55 -34.32 -6.42
CA SER C 175 -23.23 -35.54 -5.68
C SER C 175 -21.98 -36.26 -6.20
N ASP C 176 -21.79 -36.32 -7.51
CA ASP C 176 -20.69 -37.11 -8.03
C ASP C 176 -19.32 -36.52 -7.79
N GLN C 177 -19.21 -35.19 -7.73
CA GLN C 177 -17.89 -34.59 -7.64
C GLN C 177 -17.25 -34.85 -6.27
N ASP C 178 -15.92 -34.79 -6.25
CA ASP C 178 -15.17 -35.05 -5.03
C ASP C 178 -15.22 -33.85 -4.10
N ALA C 179 -14.50 -33.96 -2.98
CA ALA C 179 -14.45 -32.89 -1.99
C ALA C 179 -13.54 -31.76 -2.45
N GLY C 180 -14.00 -30.53 -2.25
CA GLY C 180 -13.19 -29.37 -2.61
C GLY C 180 -14.02 -28.10 -2.54
N GLU C 181 -13.37 -27.00 -2.88
CA GLU C 181 -14.03 -25.70 -2.88
C GLU C 181 -14.33 -25.29 -4.33
N TYR C 182 -15.59 -25.05 -4.62
CA TYR C 182 -16.05 -24.77 -5.97
C TYR C 182 -16.61 -23.36 -6.03
N THR C 183 -16.42 -22.70 -7.16
CA THR C 183 -16.86 -21.32 -7.32
C THR C 183 -17.83 -21.23 -8.49
N ILE C 184 -19.02 -20.70 -8.23
CA ILE C 184 -20.01 -20.50 -9.28
C ILE C 184 -19.92 -19.06 -9.74
N ILE C 185 -19.75 -18.85 -11.04
CA ILE C 185 -19.55 -17.53 -11.59
C ILE C 185 -20.77 -17.17 -12.42
N LEU C 186 -21.33 -15.99 -12.18
CA LEU C 186 -22.46 -15.51 -12.95
C LEU C 186 -21.99 -14.28 -13.71
N GLU C 187 -22.29 -14.24 -15.00
CA GLU C 187 -21.87 -13.10 -15.81
C GLU C 187 -22.75 -13.00 -17.05
N GLY C 188 -22.78 -11.82 -17.66
CA GLY C 188 -23.66 -11.64 -18.80
C GLY C 188 -23.30 -12.55 -19.95
N ALA C 189 -24.28 -12.75 -20.83
CA ALA C 189 -24.11 -13.71 -21.93
C ALA C 189 -22.95 -13.31 -22.85
N GLU C 190 -22.90 -12.04 -23.25
CA GLU C 190 -21.92 -11.63 -24.25
C GLU C 190 -20.96 -10.56 -23.72
N ASP C 191 -21.46 -9.40 -23.32
CA ASP C 191 -20.60 -8.27 -22.98
C ASP C 191 -20.69 -7.84 -21.53
N LEU C 192 -21.83 -8.04 -20.87
CA LEU C 192 -22.01 -7.54 -19.51
C LEU C 192 -21.42 -8.54 -18.50
N ASP C 193 -20.09 -8.54 -18.45
CA ASP C 193 -19.37 -9.47 -17.57
C ASP C 193 -18.36 -8.74 -16.70
N PHE C 194 -18.38 -7.41 -16.69
CA PHE C 194 -17.42 -6.62 -15.94
C PHE C 194 -17.92 -6.46 -14.50
N GLY C 195 -17.29 -5.56 -13.75
CA GLY C 195 -17.68 -5.30 -12.38
C GLY C 195 -19.16 -5.03 -12.21
N ASP C 196 -19.70 -5.46 -11.07
CA ASP C 196 -21.11 -5.29 -10.71
C ASP C 196 -22.06 -6.05 -11.62
N ALA C 197 -21.56 -6.66 -12.70
CA ALA C 197 -22.37 -7.51 -13.54
C ALA C 197 -22.02 -8.98 -13.40
N THR C 198 -21.06 -9.32 -12.56
CA THR C 198 -20.63 -10.69 -12.37
C THR C 198 -20.52 -10.97 -10.86
N GLU C 199 -20.80 -12.21 -10.47
CA GLU C 199 -20.64 -12.56 -9.07
C GLU C 199 -20.04 -13.95 -8.91
N THR C 200 -19.13 -14.09 -7.96
CA THR C 200 -18.54 -15.39 -7.64
C THR C 200 -19.09 -15.86 -6.29
N MET C 201 -19.88 -16.93 -6.32
CA MET C 201 -20.45 -17.52 -5.12
C MET C 201 -19.69 -18.80 -4.78
N THR C 202 -19.17 -18.89 -3.56
CA THR C 202 -18.40 -20.07 -3.21
C THR C 202 -19.31 -21.18 -2.70
N LEU C 203 -18.77 -22.39 -2.67
CA LEU C 203 -19.47 -23.55 -2.13
C LEU C 203 -18.46 -24.62 -1.77
N THR C 204 -18.62 -25.24 -0.61
CA THR C 204 -17.65 -26.23 -0.15
C THR C 204 -18.28 -27.62 -0.17
N ILE C 205 -17.56 -28.58 -0.72
CA ILE C 205 -17.96 -29.98 -0.77
C ILE C 205 -17.04 -30.76 0.15
N SER C 206 -17.63 -31.59 1.00
CA SER C 206 -16.91 -32.34 2.02
C SER C 206 -17.72 -33.60 2.32
N SER C 207 -17.04 -34.64 2.79
CA SER C 207 -17.72 -35.90 3.06
C SER C 207 -17.59 -36.35 4.50
N GLN C 208 -16.71 -35.73 5.30
CA GLN C 208 -16.77 -35.94 6.72
C GLN C 208 -18.13 -35.34 7.06
N ASP C 209 -19.14 -36.16 7.37
CA ASP C 209 -20.48 -35.57 7.40
C ASP C 209 -21.29 -35.94 8.62
N GLU C 210 -20.70 -36.55 9.64
CA GLU C 210 -21.45 -36.74 10.87
C GLU C 210 -21.61 -35.39 11.53
N ILE C 211 -22.74 -35.17 12.19
CA ILE C 211 -22.90 -33.91 12.93
C ILE C 211 -21.77 -33.83 13.94
N GLY C 212 -20.94 -32.79 13.83
CA GLY C 212 -19.74 -32.71 14.63
C GLY C 212 -19.85 -31.71 15.76
N ILE C 213 -19.09 -31.96 16.83
CA ILE C 213 -19.07 -31.09 18.00
C ILE C 213 -17.62 -30.86 18.38
N GLU C 214 -17.27 -29.60 18.64
CA GLU C 214 -15.88 -29.29 18.99
C GLU C 214 -15.87 -28.34 20.17
N LEU C 215 -14.78 -28.39 20.92
CA LEU C 215 -14.57 -27.52 22.08
C LEU C 215 -13.27 -26.73 21.90
N ASP C 216 -13.30 -25.46 22.28
CA ASP C 216 -12.08 -24.67 22.20
C ASP C 216 -11.01 -25.17 23.18
N SER C 217 -11.41 -25.88 24.22
CA SER C 217 -10.51 -26.47 25.19
C SER C 217 -11.15 -27.74 25.73
N GLU C 218 -10.31 -28.71 26.12
CA GLU C 218 -10.81 -29.94 26.69
C GLU C 218 -10.54 -30.10 28.18
N SER C 219 -9.40 -29.60 28.67
CA SER C 219 -9.03 -29.73 30.07
C SER C 219 -9.26 -28.39 30.77
N VAL C 220 -10.31 -28.32 31.58
CA VAL C 220 -10.69 -27.09 32.26
C VAL C 220 -11.05 -27.40 33.71
N THR C 221 -11.14 -26.35 34.52
CA THR C 221 -11.56 -26.47 35.90
C THR C 221 -13.02 -26.04 36.03
N GLN C 222 -13.56 -26.14 37.24
CA GLN C 222 -14.92 -25.68 37.49
C GLN C 222 -15.04 -24.18 37.31
N GLY C 223 -16.20 -23.73 36.84
CA GLY C 223 -16.50 -22.33 36.69
C GLY C 223 -16.05 -21.72 35.38
N THR C 224 -15.07 -22.31 34.72
CA THR C 224 -14.57 -21.79 33.45
C THR C 224 -15.60 -22.07 32.35
N ASP C 225 -16.12 -21.00 31.74
CA ASP C 225 -17.11 -21.18 30.69
C ASP C 225 -16.41 -21.75 29.45
N VAL C 226 -17.07 -22.70 28.79
CA VAL C 226 -16.53 -23.32 27.59
C VAL C 226 -17.50 -23.15 26.43
N GLN C 227 -16.99 -22.74 25.27
CA GLN C 227 -17.83 -22.56 24.09
C GLN C 227 -17.72 -23.80 23.22
N TYR C 228 -18.85 -24.38 22.85
CA TYR C 228 -18.88 -25.55 22.00
C TYR C 228 -19.52 -25.22 20.65
N THR C 229 -18.99 -25.81 19.58
CA THR C 229 -19.50 -25.52 18.25
C THR C 229 -19.99 -26.79 17.57
N VAL C 230 -21.16 -26.71 16.94
CA VAL C 230 -21.70 -27.79 16.13
C VAL C 230 -21.40 -27.49 14.68
N THR C 231 -20.93 -28.51 13.96
CA THR C 231 -20.40 -28.37 12.61
C THR C 231 -21.06 -29.38 11.67
N ASN C 232 -21.13 -29.02 10.39
CA ASN C 232 -21.61 -29.89 9.30
C ASN C 232 -23.06 -30.33 9.51
N GLY C 233 -23.95 -29.35 9.56
CA GLY C 233 -25.36 -29.62 9.78
C GLY C 233 -26.21 -28.91 8.76
N ILE C 234 -27.45 -29.40 8.62
CA ILE C 234 -28.41 -28.79 7.71
C ILE C 234 -28.85 -27.44 8.25
N ASP C 235 -28.82 -26.42 7.38
CA ASP C 235 -29.24 -25.10 7.79
C ASP C 235 -30.76 -25.04 7.97
N GLY C 236 -31.20 -24.21 8.90
CA GLY C 236 -32.61 -24.02 9.14
C GLY C 236 -33.26 -25.06 10.01
N ASN C 237 -32.52 -26.03 10.54
CA ASN C 237 -33.08 -27.09 11.34
C ASN C 237 -32.52 -27.02 12.76
N GLU C 238 -33.32 -27.50 13.72
CA GLU C 238 -33.00 -27.39 15.14
C GLU C 238 -32.46 -28.71 15.69
N HIS C 239 -31.19 -28.70 16.11
CA HIS C 239 -30.61 -29.83 16.80
C HIS C 239 -30.92 -29.75 18.30
N VAL C 240 -30.51 -30.78 19.03
CA VAL C 240 -30.67 -30.84 20.48
C VAL C 240 -29.38 -31.31 21.13
N VAL C 241 -28.86 -30.50 22.06
CA VAL C 241 -27.69 -30.80 22.87
C VAL C 241 -28.16 -31.22 24.25
N ALA C 242 -27.73 -32.41 24.69
CA ALA C 242 -28.20 -33.03 25.91
C ALA C 242 -27.12 -33.02 27.00
N MET C 243 -27.57 -33.22 28.24
CA MET C 243 -26.73 -33.25 29.43
C MET C 243 -27.24 -34.31 30.38
N ASP C 244 -26.37 -35.25 30.77
CA ASP C 244 -26.75 -36.30 31.70
C ASP C 244 -26.84 -35.73 33.11
N LEU C 245 -27.97 -35.97 33.78
CA LEU C 245 -28.13 -35.40 35.11
C LEU C 245 -27.23 -36.08 36.14
N SER C 246 -26.67 -37.24 35.82
CA SER C 246 -25.73 -37.90 36.72
C SER C 246 -24.46 -37.09 36.94
N ASP C 247 -24.02 -36.37 35.91
CA ASP C 247 -22.81 -35.55 36.01
C ASP C 247 -22.99 -34.30 36.88
N LEU C 248 -24.22 -33.90 37.17
CA LEU C 248 -24.43 -32.72 37.99
C LEU C 248 -24.00 -32.99 39.42
N GLN C 249 -23.63 -31.91 40.11
CA GLN C 249 -23.27 -32.01 41.52
C GLN C 249 -24.49 -32.37 42.36
N ASN C 250 -24.25 -33.16 43.40
CA ASN C 250 -25.35 -33.66 44.22
C ASN C 250 -26.10 -32.55 44.94
N ASP C 251 -25.39 -31.51 45.38
CA ASP C 251 -25.98 -30.46 46.20
C ASP C 251 -26.67 -29.36 45.39
N ALA C 252 -27.00 -29.63 44.14
CA ALA C 252 -27.61 -28.60 43.31
C ALA C 252 -29.11 -28.49 43.62
N THR C 253 -29.66 -27.32 43.32
CA THR C 253 -31.09 -27.06 43.52
C THR C 253 -31.78 -26.99 42.16
N THR C 254 -33.10 -26.78 42.20
CA THR C 254 -33.86 -26.70 40.96
C THR C 254 -33.44 -25.49 40.14
N GLU C 255 -33.36 -24.32 40.78
CA GLU C 255 -32.91 -23.13 40.08
C GLU C 255 -31.43 -23.21 39.73
N GLN C 256 -30.66 -24.00 40.47
CA GLN C 256 -29.22 -24.10 40.23
C GLN C 256 -28.92 -24.92 38.99
N ALA C 257 -29.85 -25.78 38.56
CA ALA C 257 -29.62 -26.63 37.41
C ALA C 257 -30.09 -26.01 36.10
N LYS C 258 -30.90 -24.96 36.15
CA LYS C 258 -31.45 -24.39 34.92
C LYS C 258 -30.49 -23.40 34.28
N GLU C 259 -29.32 -23.19 34.87
CA GLU C 259 -28.33 -22.24 34.39
C GLU C 259 -27.07 -22.93 33.90
N VAL C 260 -27.13 -24.25 33.72
CA VAL C 260 -26.00 -24.98 33.18
C VAL C 260 -25.75 -24.59 31.73
N PHE C 261 -26.81 -24.48 30.93
CA PHE C 261 -26.71 -24.03 29.55
C PHE C 261 -27.04 -22.56 29.44
N ARG C 262 -26.21 -21.80 28.74
CA ARG C 262 -26.48 -20.39 28.52
C ARG C 262 -27.29 -20.23 27.24
N ASN C 263 -27.88 -19.05 27.07
CA ASN C 263 -28.60 -18.69 25.86
C ASN C 263 -27.67 -18.13 24.79
N ILE C 264 -26.36 -18.31 24.97
CA ILE C 264 -25.37 -17.76 24.07
C ILE C 264 -25.45 -18.39 22.69
N GLY C 265 -25.01 -17.62 21.70
CA GLY C 265 -24.96 -18.12 20.34
C GLY C 265 -26.34 -18.28 19.74
N ASP C 266 -26.53 -19.34 18.98
CA ASP C 266 -27.76 -19.56 18.24
C ASP C 266 -28.82 -20.29 19.04
N THR C 267 -28.55 -20.58 20.31
CA THR C 267 -29.49 -21.34 21.12
C THR C 267 -30.81 -20.60 21.25
N SER C 268 -31.91 -21.35 21.15
CA SER C 268 -33.25 -20.77 21.25
C SER C 268 -33.84 -21.00 22.63
N GLU C 269 -33.95 -22.25 23.05
CA GLU C 269 -34.57 -22.59 24.33
C GLU C 269 -33.64 -23.50 25.11
N VAL C 270 -33.68 -23.35 26.44
CA VAL C 270 -32.94 -24.16 27.38
C VAL C 270 -33.91 -24.73 28.41
N GLY C 271 -33.56 -25.87 28.98
CA GLY C 271 -34.38 -26.42 30.05
C GLY C 271 -33.98 -27.83 30.38
N ILE C 272 -34.78 -28.45 31.24
CA ILE C 272 -34.58 -29.82 31.69
C ILE C 272 -35.80 -30.62 31.28
N ALA C 273 -35.60 -31.86 30.87
CA ALA C 273 -36.69 -32.67 30.37
C ALA C 273 -36.69 -34.05 31.03
N ASN C 274 -37.89 -34.46 31.45
CA ASN C 274 -38.15 -35.80 31.93
C ASN C 274 -38.54 -36.64 30.72
N SER C 275 -38.82 -37.92 30.92
CA SER C 275 -39.12 -38.75 29.76
C SER C 275 -40.35 -38.24 29.03
N SER C 276 -41.37 -37.80 29.77
CA SER C 276 -42.63 -37.38 29.16
C SER C 276 -42.90 -35.88 29.28
N ALA C 277 -42.30 -35.19 30.26
CA ALA C 277 -42.57 -33.77 30.48
C ALA C 277 -41.28 -32.98 30.52
N THR C 278 -41.41 -31.67 30.31
CA THR C 278 -40.27 -30.77 30.29
C THR C 278 -40.52 -29.55 31.17
N ASN C 279 -39.43 -29.01 31.71
CA ASN C 279 -39.40 -27.80 32.53
C ASN C 279 -38.46 -26.85 31.80
N THR C 280 -39.03 -25.86 31.11
CA THR C 280 -38.21 -24.95 30.33
C THR C 280 -37.66 -23.84 31.21
N SER C 281 -36.77 -23.04 30.63
CA SER C 281 -36.19 -21.92 31.35
C SER C 281 -37.18 -20.79 31.59
N GLY C 282 -38.31 -20.80 30.89
CA GLY C 282 -39.32 -19.78 31.12
C GLY C 282 -39.92 -19.83 32.50
N SER C 283 -40.25 -21.04 32.97
CA SER C 283 -40.93 -21.18 34.26
C SER C 283 -40.55 -22.52 34.88
N SER C 284 -40.70 -22.57 36.21
CA SER C 284 -40.47 -23.79 36.98
C SER C 284 -41.80 -24.52 37.18
N THR C 285 -42.33 -25.03 36.07
CA THR C 285 -43.64 -25.69 36.08
C THR C 285 -43.56 -27.19 35.84
N GLY C 286 -42.59 -27.66 35.07
CA GLY C 286 -42.51 -29.07 34.74
C GLY C 286 -41.84 -29.86 35.83
N PRO C 287 -41.10 -30.90 35.44
CA PRO C 287 -40.47 -31.78 36.43
C PRO C 287 -39.41 -31.03 37.23
N THR C 288 -39.11 -31.58 38.41
CA THR C 288 -38.08 -31.01 39.26
C THR C 288 -36.73 -31.63 38.94
N VAL C 289 -35.69 -31.19 39.65
CA VAL C 289 -34.34 -31.67 39.37
C VAL C 289 -34.23 -33.16 39.63
N GLU C 290 -34.82 -33.64 40.72
CA GLU C 290 -34.83 -35.09 40.97
C GLU C 290 -35.77 -35.81 40.03
N THR C 291 -36.91 -35.19 39.68
CA THR C 291 -37.88 -35.86 38.81
C THR C 291 -37.36 -35.96 37.38
N ALA C 292 -36.75 -34.89 36.86
CA ALA C 292 -36.27 -34.89 35.50
C ALA C 292 -34.99 -35.72 35.39
N ASP C 293 -34.64 -36.10 34.16
CA ASP C 293 -33.48 -36.95 33.94
C ASP C 293 -32.50 -36.42 32.91
N ILE C 294 -32.89 -35.47 32.05
CA ILE C 294 -31.99 -34.96 31.03
C ILE C 294 -32.06 -33.44 31.04
N ALA C 295 -30.96 -32.80 30.67
CA ALA C 295 -30.96 -31.34 30.49
C ALA C 295 -30.69 -31.03 29.03
N TYR C 296 -31.53 -30.21 28.41
CA TYR C 296 -31.38 -30.01 26.99
C TYR C 296 -31.29 -28.53 26.67
N ALA C 297 -30.85 -28.25 25.44
CA ALA C 297 -30.79 -26.88 24.94
C ALA C 297 -30.97 -26.91 23.43
N VAL C 298 -32.19 -26.67 22.96
CA VAL C 298 -32.46 -26.75 21.53
C VAL C 298 -31.70 -25.63 20.83
N VAL C 299 -30.94 -25.97 19.80
CA VAL C 299 -30.07 -24.99 19.14
C VAL C 299 -30.29 -25.06 17.63
N GLU C 300 -30.47 -23.90 17.00
CA GLU C 300 -30.60 -23.85 15.56
C GLU C 300 -29.21 -23.74 14.95
N ILE C 301 -29.14 -23.54 13.63
CA ILE C 301 -27.88 -23.33 12.94
C ILE C 301 -28.08 -22.32 11.82
N ASP C 302 -27.18 -21.36 11.71
CA ASP C 302 -27.21 -20.35 10.65
C ASP C 302 -25.92 -20.50 9.84
N GLY C 303 -26.03 -21.14 8.69
CA GLY C 303 -24.86 -21.43 7.88
C GLY C 303 -24.46 -22.89 8.00
N ALA C 304 -23.16 -23.13 8.21
CA ALA C 304 -22.64 -24.47 8.37
C ALA C 304 -22.35 -24.84 9.83
N SER C 305 -22.36 -23.86 10.73
CA SER C 305 -21.99 -24.14 12.12
C SER C 305 -22.79 -23.24 13.06
N ALA C 306 -22.92 -23.71 14.30
CA ALA C 306 -23.57 -22.93 15.36
C ALA C 306 -22.73 -23.01 16.63
N VAL C 307 -22.82 -21.98 17.46
CA VAL C 307 -21.99 -21.89 18.67
C VAL C 307 -22.88 -21.79 19.90
N GLY C 308 -22.53 -22.55 20.94
CA GLY C 308 -23.19 -22.49 22.23
C GLY C 308 -22.17 -22.37 23.34
N GLY C 309 -22.60 -22.46 24.59
CA GLY C 309 -21.67 -22.43 25.71
C GLY C 309 -22.19 -23.17 26.92
N ILE C 310 -21.24 -23.63 27.75
CA ILE C 310 -21.56 -24.34 28.97
C ILE C 310 -20.82 -23.66 30.12
N GLU C 311 -21.29 -23.94 31.34
CA GLU C 311 -20.70 -23.44 32.59
C GLU C 311 -20.21 -24.61 33.43
N THR C 312 -18.90 -24.83 33.49
CA THR C 312 -18.36 -25.99 34.20
C THR C 312 -18.58 -25.93 35.71
N GLN C 313 -19.00 -24.79 36.25
CA GLN C 313 -19.31 -24.68 37.66
C GLN C 313 -20.46 -25.61 38.04
N TYR C 314 -20.42 -26.12 39.28
CA TYR C 314 -21.39 -27.11 39.77
C TYR C 314 -21.40 -28.38 38.92
N LEU C 315 -20.21 -28.86 38.56
CA LEU C 315 -20.07 -30.10 37.83
C LEU C 315 -19.06 -31.00 38.53
N ASP C 316 -19.35 -32.30 38.55
CA ASP C 316 -18.48 -33.24 39.26
C ASP C 316 -17.14 -33.31 38.55
N ASP C 317 -16.08 -33.57 39.33
CA ASP C 317 -14.72 -33.63 38.76
C ASP C 317 -14.50 -34.98 38.08
N SER C 318 -14.94 -35.07 36.83
CA SER C 318 -14.83 -36.33 36.10
C SER C 318 -15.01 -36.05 34.61
N GLU C 319 -15.08 -37.13 33.84
CA GLU C 319 -15.29 -37.02 32.40
C GLU C 319 -16.71 -36.58 32.11
N VAL C 320 -16.87 -35.58 31.25
CA VAL C 320 -18.17 -35.01 30.92
C VAL C 320 -18.38 -35.19 29.43
N ASP C 321 -19.56 -35.68 29.06
CA ASP C 321 -19.89 -35.97 27.68
C ASP C 321 -20.98 -35.02 27.19
N LEU C 322 -20.97 -34.77 25.88
CA LEU C 322 -21.98 -33.95 25.23
C LEU C 322 -22.58 -34.81 24.13
N GLU C 323 -23.91 -34.87 24.10
CA GLU C 323 -24.64 -35.74 23.18
C GLU C 323 -25.52 -34.87 22.29
N VAL C 324 -25.44 -35.07 20.98
CA VAL C 324 -26.29 -34.36 20.05
C VAL C 324 -27.34 -35.32 19.51
N TYR C 325 -28.42 -34.75 18.98
CA TYR C 325 -29.50 -35.59 18.48
C TYR C 325 -29.88 -35.13 17.08
N ASP C 326 -30.61 -35.99 16.37
CA ASP C 326 -30.95 -35.73 14.99
C ASP C 326 -31.92 -34.56 14.87
N ALA C 327 -31.92 -33.95 13.69
CA ALA C 327 -32.77 -32.78 13.47
C ALA C 327 -34.24 -33.19 13.55
N GLY C 328 -35.04 -32.33 14.17
CA GLY C 328 -36.47 -32.56 14.23
C GLY C 328 -36.95 -33.40 15.40
N VAL C 329 -36.03 -33.94 16.21
CA VAL C 329 -36.44 -34.72 17.37
C VAL C 329 -36.95 -33.78 18.46
N SER C 330 -37.94 -34.25 19.20
CA SER C 330 -38.46 -33.50 20.33
C SER C 330 -37.59 -33.73 21.56
N ALA C 331 -37.65 -32.79 22.50
CA ALA C 331 -36.89 -32.94 23.74
C ALA C 331 -37.40 -34.12 24.55
N THR C 332 -38.73 -34.24 24.68
CA THR C 332 -39.28 -35.32 25.49
C THR C 332 -39.02 -36.68 24.85
N ALA C 333 -39.12 -36.76 23.52
CA ALA C 333 -38.99 -38.03 22.83
C ALA C 333 -37.54 -38.48 22.67
N ALA C 334 -36.58 -37.64 23.03
CA ALA C 334 -35.17 -37.95 22.82
C ALA C 334 -34.52 -38.62 24.02
N VAL C 335 -35.29 -38.93 25.06
CA VAL C 335 -34.73 -39.50 26.28
C VAL C 335 -34.15 -40.89 26.02
N GLY C 336 -34.83 -41.69 25.22
CA GLY C 336 -34.36 -43.06 25.01
C GLY C 336 -33.50 -43.24 23.79
N GLN C 337 -33.73 -42.40 22.77
CA GLN C 337 -33.03 -42.56 21.50
C GLN C 337 -31.54 -42.29 21.67
N ASP C 338 -30.72 -43.06 20.97
CA ASP C 338 -29.29 -42.89 21.05
C ASP C 338 -28.87 -41.58 20.39
N ALA C 339 -27.76 -41.02 20.86
CA ALA C 339 -27.26 -39.77 20.33
C ALA C 339 -26.61 -40.00 18.97
N THR C 340 -26.82 -39.05 18.06
CA THR C 340 -26.15 -39.18 16.76
C THR C 340 -24.65 -39.06 16.93
N ASN C 341 -24.19 -38.15 17.78
CA ASN C 341 -22.76 -38.02 18.04
C ASN C 341 -22.54 -37.58 19.47
N ASP C 342 -21.28 -37.53 19.87
CA ASP C 342 -20.89 -37.19 21.23
C ASP C 342 -19.48 -36.64 21.23
N ILE C 343 -19.12 -35.96 22.32
CA ILE C 343 -17.77 -35.48 22.54
C ILE C 343 -17.50 -35.45 24.03
N THR C 344 -16.27 -35.74 24.45
CA THR C 344 -15.97 -35.82 25.88
C THR C 344 -14.82 -34.90 26.24
N LEU C 345 -14.91 -34.32 27.44
CA LEU C 345 -13.87 -33.46 28.00
C LEU C 345 -13.61 -33.84 29.44
N THR C 346 -12.43 -33.50 29.94
CA THR C 346 -12.03 -33.80 31.29
C THR C 346 -12.05 -32.54 32.15
N ILE C 347 -12.50 -32.68 33.39
CA ILE C 347 -12.60 -31.58 34.33
C ILE C 347 -11.82 -31.93 35.59
N GLU C 348 -10.99 -31.01 36.05
CA GLU C 348 -10.13 -31.19 37.21
C GLU C 348 -10.42 -30.10 38.23
N GLU C 349 -10.03 -30.36 39.47
CA GLU C 349 -10.26 -29.41 40.56
C GLU C 349 -9.25 -28.26 40.48
N GLY C 350 -9.54 -27.21 41.26
CA GLY C 350 -8.69 -26.04 41.26
C GLY C 350 -8.34 -25.66 42.69
N GLY C 351 -7.22 -24.97 42.82
CA GLY C 351 -6.70 -24.66 44.14
C GLY C 351 -6.83 -23.21 44.55
N THR C 352 -6.86 -22.96 45.86
CA THR C 352 -7.09 -21.62 46.41
C THR C 352 -6.24 -21.53 47.68
N THR C 353 -5.13 -20.81 47.59
CA THR C 353 -4.17 -20.75 48.69
C THR C 353 -3.87 -19.30 49.05
N LEU C 354 -3.40 -19.12 50.28
CA LEU C 354 -2.96 -17.83 50.78
C LEU C 354 -1.44 -17.78 50.79
N SER C 355 -0.90 -16.59 50.61
CA SER C 355 0.55 -16.40 50.52
C SER C 355 1.09 -15.51 51.61
N SER C 356 0.52 -14.33 51.79
CA SER C 356 1.08 -13.33 52.71
C SER C 356 0.74 -13.65 54.16
N PRO C 357 -0.51 -14.05 54.50
CA PRO C 357 -0.78 -14.29 55.94
C PRO C 357 -0.22 -15.62 56.42
N THR C 358 1.11 -15.72 56.47
CA THR C 358 1.76 -16.98 56.81
C THR C 358 2.99 -16.71 57.67
N GLY C 359 3.24 -17.60 58.62
CA GLY C 359 4.44 -17.58 59.42
C GLY C 359 4.38 -16.73 60.68
N GLN C 360 4.40 -15.41 60.50
CA GLN C 360 4.44 -14.48 61.63
C GLN C 360 3.47 -13.33 61.38
N TYR C 361 3.02 -12.72 62.48
CA TYR C 361 2.14 -11.56 62.41
C TYR C 361 2.27 -10.81 63.71
N VAL C 362 2.64 -9.53 63.64
CA VAL C 362 2.70 -8.71 64.85
C VAL C 362 1.29 -8.25 65.21
N VAL C 363 0.91 -8.46 66.48
CA VAL C 363 -0.44 -8.12 66.92
C VAL C 363 -0.65 -6.62 66.81
N GLY C 364 -1.77 -6.23 66.21
CA GLY C 364 -2.09 -4.84 66.01
C GLY C 364 -1.52 -4.22 64.76
N SER C 365 -0.66 -4.94 64.05
CA SER C 365 -0.05 -4.42 62.83
C SER C 365 -1.03 -4.56 61.67
N GLU C 366 -0.73 -3.87 60.58
CA GLU C 366 -1.55 -3.95 59.38
C GLU C 366 -0.79 -4.67 58.29
N VAL C 367 -1.50 -5.50 57.53
CA VAL C 367 -0.90 -6.30 56.47
C VAL C 367 -1.95 -6.50 55.40
N ASP C 368 -1.49 -6.70 54.17
CA ASP C 368 -2.39 -6.94 53.07
C ASP C 368 -2.76 -8.42 52.99
N ILE C 369 -3.85 -8.70 52.29
CA ILE C 369 -4.29 -10.07 52.07
C ILE C 369 -3.90 -10.43 50.64
N ASN C 370 -2.96 -11.36 50.51
CA ASN C 370 -2.42 -11.75 49.22
C ASN C 370 -2.60 -13.24 49.01
N GLY C 371 -3.08 -13.64 47.84
CA GLY C 371 -3.27 -15.06 47.60
C GLY C 371 -3.82 -15.32 46.22
N THR C 372 -4.11 -16.59 45.96
CA THR C 372 -4.63 -16.99 44.66
C THR C 372 -5.81 -17.92 44.83
N ALA C 373 -6.67 -17.94 43.81
CA ALA C 373 -7.87 -18.76 43.79
C ALA C 373 -8.19 -19.08 42.33
N THR C 374 -7.99 -20.33 41.93
CA THR C 374 -8.18 -20.70 40.53
C THR C 374 -9.64 -20.58 40.12
N SER C 375 -10.55 -21.16 40.89
CA SER C 375 -11.97 -21.16 40.57
C SER C 375 -12.71 -20.57 41.75
N SER C 376 -12.84 -19.24 41.76
CA SER C 376 -13.51 -18.54 42.85
C SER C 376 -14.03 -17.20 42.33
N ASP C 377 -15.08 -16.72 42.99
CA ASP C 377 -15.63 -15.40 42.73
C ASP C 377 -15.56 -14.50 43.96
N SER C 378 -15.98 -15.01 45.11
CA SER C 378 -15.89 -14.30 46.38
C SER C 378 -15.20 -15.19 47.39
N VAL C 379 -14.29 -14.63 48.16
CA VAL C 379 -13.51 -15.38 49.14
C VAL C 379 -13.62 -14.72 50.51
N ALA C 380 -13.58 -15.56 51.55
CA ALA C 380 -13.68 -15.10 52.93
C ALA C 380 -12.53 -15.69 53.73
N ILE C 381 -12.16 -14.97 54.79
CA ILE C 381 -11.03 -15.34 55.64
C ILE C 381 -11.56 -15.70 57.03
N TYR C 382 -11.11 -16.84 57.54
CA TYR C 382 -11.55 -17.35 58.83
C TYR C 382 -10.31 -17.63 59.67
N VAL C 383 -10.48 -17.54 60.99
CA VAL C 383 -9.40 -17.77 61.95
C VAL C 383 -9.84 -18.83 62.93
N ARG C 384 -8.96 -19.80 63.20
CA ARG C 384 -9.27 -20.91 64.08
C ARG C 384 -8.21 -21.03 65.16
N ASP C 385 -8.66 -21.35 66.38
CA ASP C 385 -7.73 -21.63 67.47
C ASP C 385 -8.48 -22.53 68.46
N ASP C 386 -8.15 -23.82 68.43
CA ASP C 386 -8.67 -24.85 69.36
C ASP C 386 -10.20 -24.82 69.43
N GLY C 387 -10.83 -24.73 68.26
CA GLY C 387 -12.28 -24.74 68.20
C GLY C 387 -12.88 -24.29 66.88
N ASP C 388 -13.88 -23.42 66.94
CA ASP C 388 -14.59 -23.02 65.73
C ASP C 388 -13.74 -22.09 64.86
N TRP C 389 -14.09 -22.03 63.58
CA TRP C 389 -13.50 -21.09 62.64
C TRP C 389 -14.29 -19.79 62.68
N GLN C 390 -13.82 -18.84 63.46
CA GLN C 390 -14.49 -17.56 63.57
C GLN C 390 -14.26 -16.74 62.30
N LEU C 391 -15.34 -16.20 61.76
CA LEU C 391 -15.26 -15.40 60.54
C LEU C 391 -14.51 -14.09 60.82
N LEU C 392 -13.64 -13.70 59.89
CA LEU C 392 -12.91 -12.45 59.99
C LEU C 392 -13.61 -11.41 59.12
N GLU C 393 -14.07 -10.33 59.75
CA GLU C 393 -14.85 -9.28 59.10
C GLU C 393 -13.90 -8.34 58.36
N ILE C 394 -13.58 -8.69 57.10
CA ILE C 394 -12.65 -7.90 56.32
C ILE C 394 -13.21 -6.50 56.03
N GLY C 395 -14.54 -6.36 56.02
CA GLY C 395 -15.13 -5.06 55.72
C GLY C 395 -16.21 -5.13 54.67
N GLY C 396 -15.98 -4.48 53.54
CA GLY C 396 -16.97 -4.38 52.48
C GLY C 396 -17.36 -5.71 51.88
N ASP C 397 -18.60 -6.14 52.15
CA ASP C 397 -19.23 -7.33 51.59
C ASP C 397 -18.56 -8.63 52.02
N ASN C 398 -17.51 -8.56 52.85
CA ASN C 398 -16.81 -9.74 53.35
C ASN C 398 -16.40 -10.68 52.23
N GLU C 399 -15.89 -10.10 51.15
CA GLU C 399 -15.48 -10.87 49.99
C GLU C 399 -14.43 -10.10 49.22
N ILE C 400 -13.67 -10.83 48.40
CA ILE C 400 -12.67 -10.26 47.52
C ILE C 400 -12.86 -10.86 46.13
N SER C 401 -12.89 -10.01 45.11
CA SER C 401 -13.03 -10.50 43.76
C SER C 401 -11.69 -11.05 43.27
N VAL C 402 -11.75 -11.89 42.24
CA VAL C 402 -10.57 -12.53 41.68
C VAL C 402 -10.40 -12.07 40.24
N ASP C 403 -9.16 -11.74 39.88
CA ASP C 403 -8.86 -11.26 38.53
C ASP C 403 -8.74 -12.45 37.59
N SER C 404 -8.36 -12.17 36.34
CA SER C 404 -8.18 -13.25 35.37
C SER C 404 -6.99 -14.13 35.71
N ASP C 405 -5.98 -13.58 36.39
CA ASP C 405 -4.79 -14.34 36.73
C ASP C 405 -5.03 -15.24 37.97
N ASP C 406 -6.28 -15.45 38.36
CA ASP C 406 -6.62 -16.31 39.49
C ASP C 406 -5.90 -15.86 40.75
N THR C 407 -5.82 -14.54 40.97
CA THR C 407 -5.14 -13.97 42.12
C THR C 407 -6.01 -12.89 42.74
N PHE C 408 -6.07 -12.89 44.07
CA PHE C 408 -6.82 -11.89 44.81
C PHE C 408 -5.92 -11.21 45.85
N GLU C 409 -6.19 -9.91 46.05
CA GLU C 409 -5.41 -9.08 46.94
C GLU C 409 -6.32 -8.07 47.61
N GLU C 410 -5.86 -7.57 48.75
CA GLU C 410 -6.56 -6.56 49.53
C GLU C 410 -5.52 -5.58 50.04
N GLU C 411 -5.98 -4.36 50.36
CA GLU C 411 -5.07 -3.33 50.84
C GLU C 411 -4.58 -3.70 52.24
N ASP C 412 -3.74 -2.84 52.80
CA ASP C 412 -3.16 -3.11 54.12
C ASP C 412 -4.25 -3.02 55.18
N ILE C 413 -4.52 -4.13 55.85
CA ILE C 413 -5.55 -4.23 56.87
C ILE C 413 -4.93 -4.71 58.17
N ALA C 414 -5.26 -4.02 59.27
CA ALA C 414 -4.85 -4.46 60.60
C ALA C 414 -5.83 -5.51 61.09
N LEU C 415 -5.36 -6.76 61.19
CA LEU C 415 -6.28 -7.85 61.57
C LEU C 415 -6.83 -7.61 62.97
N SER C 416 -5.93 -7.31 63.91
CA SER C 416 -6.35 -7.05 65.29
C SER C 416 -6.98 -5.67 65.41
N GLY C 417 -6.58 -4.74 64.54
CA GLY C 417 -7.06 -3.37 64.61
C GLY C 417 -8.54 -3.25 64.30
N LEU C 418 -9.04 -4.07 63.39
CA LEU C 418 -10.42 -3.95 62.95
C LEU C 418 -11.40 -4.30 64.06
N SER C 419 -12.58 -3.69 63.99
CA SER C 419 -13.59 -3.89 65.02
C SER C 419 -14.30 -5.21 64.76
N GLY C 420 -14.66 -5.89 65.84
CA GLY C 420 -15.34 -7.16 65.74
C GLY C 420 -14.80 -8.08 66.81
N ASP C 421 -15.57 -9.12 67.14
CA ASP C 421 -15.09 -10.09 68.10
C ASP C 421 -14.06 -11.04 67.49
N GLY C 422 -14.02 -11.16 66.17
CA GLY C 422 -13.01 -12.00 65.54
C GLY C 422 -11.60 -11.50 65.81
N SER C 423 -11.41 -10.18 65.72
CA SER C 423 -10.10 -9.59 65.98
C SER C 423 -9.67 -9.79 67.43
N SER C 424 -10.64 -9.94 68.34
CA SER C 424 -10.28 -10.06 69.75
C SER C 424 -9.47 -11.33 69.98
N ILE C 425 -9.71 -12.37 69.19
CA ILE C 425 -8.91 -13.58 69.35
C ILE C 425 -7.47 -13.27 69.00
N LEU C 426 -7.26 -12.52 67.90
CA LEU C 426 -5.91 -12.22 67.45
C LEU C 426 -5.25 -11.20 68.35
N SER C 427 -6.02 -10.53 69.22
CA SER C 427 -5.44 -9.51 70.08
C SER C 427 -4.44 -10.14 71.04
N LEU C 428 -4.78 -11.29 71.60
CA LEU C 428 -3.93 -11.97 72.56
C LEU C 428 -2.82 -12.71 71.85
N THR C 429 -1.65 -12.75 72.50
CA THR C 429 -0.48 -13.41 71.94
C THR C 429 -0.66 -14.93 71.91
N GLY C 430 -0.30 -15.54 70.80
CA GLY C 430 -0.39 -16.99 70.70
C GLY C 430 -0.24 -17.47 69.27
N THR C 431 -0.47 -18.77 69.11
CA THR C 431 -0.43 -19.44 67.80
C THR C 431 -1.82 -19.89 67.36
N TYR C 432 -2.22 -19.48 66.16
CA TYR C 432 -3.55 -19.69 65.62
C TYR C 432 -3.43 -20.27 64.21
N ARG C 433 -4.56 -20.35 63.51
CA ARG C 433 -4.62 -20.81 62.13
C ARG C 433 -5.48 -19.84 61.34
N ILE C 434 -5.13 -19.59 60.08
CA ILE C 434 -5.91 -18.69 59.24
C ILE C 434 -6.12 -19.36 57.90
N GLY C 435 -7.35 -19.29 57.39
CA GLY C 435 -7.69 -19.93 56.14
C GLY C 435 -8.64 -19.11 55.31
N VAL C 436 -8.69 -19.45 54.02
CA VAL C 436 -9.57 -18.81 53.07
C VAL C 436 -10.54 -19.87 52.54
N ILE C 437 -11.72 -19.40 52.16
CA ILE C 437 -12.80 -20.24 51.65
C ILE C 437 -13.54 -19.49 50.55
N ASP C 438 -14.02 -20.23 49.56
CA ASP C 438 -14.76 -19.63 48.46
C ASP C 438 -16.16 -19.23 48.94
N ALA C 439 -16.93 -18.61 48.05
CA ALA C 439 -18.31 -18.17 48.27
C ALA C 439 -19.30 -19.32 48.29
N SER C 440 -18.87 -20.58 48.30
CA SER C 440 -19.81 -21.69 48.37
C SER C 440 -20.62 -21.69 49.66
N ASP C 441 -20.13 -21.07 50.72
CA ASP C 441 -20.91 -20.96 51.95
C ASP C 441 -22.19 -20.16 51.73
N ALA C 442 -22.04 -18.88 51.38
CA ALA C 442 -23.18 -17.99 51.13
C ALA C 442 -24.17 -18.02 52.30
N ASP C 443 -23.64 -17.78 53.50
CA ASP C 443 -24.41 -17.87 54.74
C ASP C 443 -25.03 -19.26 54.90
N VAL C 444 -24.23 -20.29 54.58
CA VAL C 444 -24.58 -21.72 54.66
C VAL C 444 -26.00 -21.97 54.13
N GLY C 445 -26.42 -21.17 53.16
CA GLY C 445 -27.77 -21.27 52.63
C GLY C 445 -28.65 -20.13 53.09
N GLY C 446 -28.88 -19.16 52.22
CA GLY C 446 -29.70 -18.01 52.59
C GLY C 446 -29.33 -16.77 51.81
N ASP C 447 -29.18 -15.65 52.52
CA ASP C 447 -28.81 -14.39 51.89
C ASP C 447 -27.41 -14.47 51.32
N GLY C 448 -27.17 -13.71 50.25
CA GLY C 448 -25.89 -13.70 49.58
C GLY C 448 -24.82 -12.91 50.33
N SER C 449 -24.45 -13.40 51.51
CA SER C 449 -23.43 -12.75 52.31
C SER C 449 -22.78 -13.78 53.22
N VAL C 450 -21.47 -13.63 53.42
CA VAL C 450 -20.70 -14.56 54.25
C VAL C 450 -20.81 -14.07 55.69
N ASP C 451 -21.80 -14.61 56.42
CA ASP C 451 -22.00 -14.25 57.83
C ASP C 451 -22.36 -15.53 58.59
N ASP C 452 -21.34 -16.24 59.06
CA ASP C 452 -21.44 -17.45 59.86
C ASP C 452 -20.11 -17.69 60.56
N SER C 453 -20.05 -18.77 61.35
CA SER C 453 -18.81 -19.30 61.90
C SER C 453 -18.77 -20.79 61.59
N LEU C 454 -18.28 -21.14 60.39
CA LEU C 454 -18.32 -22.52 59.93
C LEU C 454 -17.44 -23.40 60.81
N THR C 455 -17.95 -24.59 61.14
CA THR C 455 -17.19 -25.53 61.97
C THR C 455 -16.14 -26.22 61.12
N THR C 456 -15.44 -27.19 61.71
CA THR C 456 -14.40 -27.90 60.98
C THR C 456 -14.97 -28.67 59.80
N SER C 457 -16.09 -29.36 59.99
CA SER C 457 -16.69 -30.12 58.91
C SER C 457 -17.18 -29.20 57.79
N GLU C 458 -17.84 -28.09 58.16
CA GLU C 458 -18.35 -27.18 57.14
C GLU C 458 -17.22 -26.50 56.40
N PHE C 459 -16.16 -26.09 57.12
CA PHE C 459 -15.04 -25.42 56.47
C PHE C 459 -14.29 -26.36 55.56
N THR C 460 -14.10 -27.61 55.99
CA THR C 460 -13.34 -28.57 55.18
C THR C 460 -14.16 -29.09 54.01
N SER C 461 -15.48 -29.16 54.15
CA SER C 461 -16.31 -29.75 53.10
C SER C 461 -16.19 -28.98 51.79
N GLY C 462 -16.26 -27.65 51.86
CA GLY C 462 -16.09 -26.84 50.69
C GLY C 462 -14.63 -26.65 50.34
N VAL C 463 -14.39 -25.99 49.21
CA VAL C 463 -13.02 -25.67 48.82
C VAL C 463 -12.48 -24.59 49.72
N SER C 464 -11.31 -24.83 50.30
CA SER C 464 -10.73 -23.92 51.29
C SER C 464 -9.27 -24.31 51.48
N SER C 465 -8.57 -23.52 52.29
CA SER C 465 -7.20 -23.86 52.65
C SER C 465 -6.79 -23.04 53.86
N SER C 466 -6.01 -23.64 54.75
CA SER C 466 -5.56 -22.97 55.97
C SER C 466 -4.08 -23.15 56.18
N ASN C 467 -3.47 -22.18 56.87
CA ASN C 467 -2.05 -22.20 57.19
C ASN C 467 -1.84 -21.65 58.59
N SER C 468 -0.80 -22.17 59.26
CA SER C 468 -0.51 -21.81 60.63
C SER C 468 0.05 -20.40 60.70
N ILE C 469 -0.44 -19.60 61.65
CA ILE C 469 0.03 -18.23 61.85
C ILE C 469 0.17 -18.00 63.35
N ARG C 470 1.18 -17.24 63.74
CA ARG C 470 1.30 -16.89 65.15
C ARG C 470 1.53 -15.38 65.28
N VAL C 471 1.00 -14.82 66.36
CA VAL C 471 1.06 -13.38 66.59
C VAL C 471 2.11 -13.09 67.66
N THR C 472 2.94 -12.09 67.39
CA THR C 472 4.02 -11.68 68.26
C THR C 472 3.69 -10.30 68.82
N ASP C 473 4.07 -10.05 70.06
CA ASP C 473 3.78 -8.77 70.67
C ASP C 473 4.60 -7.67 69.99
N GLN C 474 4.14 -6.43 70.15
CA GLN C 474 4.81 -5.30 69.50
C GLN C 474 6.17 -5.01 70.11
N GLU D 1 -47.99 1.82 10.10
CA GLU D 1 -47.83 3.22 9.69
C GLU D 1 -46.36 3.45 9.31
N ARG D 2 -46.11 4.51 8.55
CA ARG D 2 -44.75 4.91 8.18
C ARG D 2 -44.54 6.34 8.69
N GLY D 3 -43.45 6.55 9.41
CA GLY D 3 -43.23 7.82 10.07
C GLY D 3 -43.54 7.69 11.54
N ASN D 4 -44.57 6.92 11.86
CA ASN D 4 -44.94 6.57 13.23
C ASN D 4 -44.90 5.05 13.29
N LEU D 5 -43.68 4.52 13.44
CA LEU D 5 -43.46 3.08 13.32
C LEU D 5 -44.03 2.32 14.51
N ASP D 6 -43.90 2.88 15.71
CA ASP D 6 -44.34 2.17 16.91
C ASP D 6 -45.83 2.31 17.18
N ALA D 7 -46.55 3.16 16.44
CA ALA D 7 -48.00 3.21 16.59
C ALA D 7 -48.65 1.86 16.29
N ASP D 8 -48.00 1.01 15.50
CA ASP D 8 -48.56 -0.28 15.12
C ASP D 8 -47.68 -1.44 15.54
N SER D 9 -46.66 -1.19 16.36
CA SER D 9 -45.74 -2.23 16.86
C SER D 9 -45.04 -2.97 15.73
N GLU D 10 -45.00 -2.38 14.54
CA GLU D 10 -44.32 -2.98 13.41
C GLU D 10 -42.84 -2.61 13.43
N SER D 11 -41.97 -3.63 13.26
CA SER D 11 -40.55 -3.35 13.23
C SER D 11 -40.16 -2.54 11.99
N PHE D 12 -40.81 -2.78 10.86
CA PHE D 12 -40.45 -2.13 9.62
C PHE D 12 -41.70 -1.95 8.78
N ASN D 13 -41.66 -0.96 7.88
CA ASN D 13 -42.76 -0.73 6.96
C ASN D 13 -42.17 -0.39 5.60
N LYS D 14 -42.68 -1.03 4.55
CA LYS D 14 -42.10 -0.83 3.22
C LYS D 14 -43.13 -0.41 2.19
N THR D 15 -44.26 0.12 2.62
CA THR D 15 -45.26 0.67 1.71
C THR D 15 -45.07 2.18 1.67
N ILE D 16 -44.81 2.72 0.49
CA ILE D 16 -44.47 4.14 0.36
C ILE D 16 -45.67 4.87 -0.22
N GLN D 17 -46.06 5.96 0.42
CA GLN D 17 -47.11 6.83 -0.11
C GLN D 17 -46.48 8.04 -0.80
N SER D 18 -47.27 8.65 -1.68
CA SER D 18 -46.79 9.80 -2.45
C SER D 18 -46.31 10.89 -1.50
N GLY D 19 -45.13 11.45 -1.77
CA GLY D 19 -44.66 12.59 -1.01
C GLY D 19 -43.64 12.27 0.05
N ASP D 20 -43.48 11.00 0.40
CA ASP D 20 -42.65 10.60 1.52
C ASP D 20 -41.17 10.60 1.13
N ARG D 21 -40.32 10.14 2.04
CA ARG D 21 -38.89 10.04 1.82
C ARG D 21 -38.48 8.58 1.73
N VAL D 22 -37.50 8.30 0.87
CA VAL D 22 -36.97 6.96 0.69
C VAL D 22 -35.46 7.03 0.84
N PHE D 23 -34.87 6.00 1.43
CA PHE D 23 -33.44 5.98 1.70
C PHE D 23 -32.71 5.10 0.68
N LEU D 24 -31.38 5.09 0.78
CA LEU D 24 -30.56 4.49 -0.26
C LEU D 24 -30.67 2.97 -0.29
N GLY D 25 -30.63 2.32 0.87
CA GLY D 25 -30.58 0.87 0.84
C GLY D 25 -31.91 0.18 0.96
N GLU D 26 -33.00 0.91 0.75
CA GLU D 26 -34.31 0.33 0.97
C GLU D 26 -34.65 -0.69 -0.11
N GLU D 27 -35.65 -1.51 0.18
CA GLU D 27 -36.21 -2.47 -0.78
C GLU D 27 -37.71 -2.25 -0.79
N ILE D 28 -38.18 -1.30 -1.60
CA ILE D 28 -39.60 -0.96 -1.65
C ILE D 28 -40.45 -2.21 -1.85
N SER D 29 -41.64 -2.23 -1.27
CA SER D 29 -42.57 -3.34 -1.46
C SER D 29 -43.42 -3.09 -2.70
N THR D 30 -43.48 -4.09 -3.57
CA THR D 30 -44.26 -3.99 -4.80
C THR D 30 -45.68 -4.49 -4.65
N ASP D 31 -46.03 -5.06 -3.49
CA ASP D 31 -47.35 -5.65 -3.31
C ASP D 31 -48.45 -4.60 -3.33
N ALA D 32 -48.23 -3.48 -2.65
CA ALA D 32 -49.28 -2.47 -2.49
C ALA D 32 -48.63 -1.09 -2.43
N GLY D 33 -49.44 -0.06 -2.59
CA GLY D 33 -48.93 1.29 -2.49
C GLY D 33 -48.24 1.70 -3.77
N LEU D 34 -47.24 2.57 -3.61
CA LEU D 34 -46.51 3.13 -4.76
C LEU D 34 -45.38 2.20 -5.18
N GLY D 35 -45.69 0.91 -5.28
CA GLY D 35 -44.74 -0.09 -5.70
C GLY D 35 -45.31 -0.88 -6.86
N ALA D 36 -46.61 -0.74 -7.05
CA ALA D 36 -47.32 -1.33 -8.18
C ALA D 36 -48.10 -0.31 -8.99
N SER D 37 -48.40 0.86 -8.42
CA SER D 37 -49.11 1.93 -9.10
C SER D 37 -48.19 2.81 -9.92
N ASN D 38 -46.88 2.75 -9.67
CA ASN D 38 -45.90 3.51 -10.45
C ASN D 38 -44.51 2.94 -10.18
N PRO D 39 -44.15 1.83 -10.84
CA PRO D 39 -42.87 1.17 -10.54
C PRO D 39 -41.62 1.99 -10.81
N LEU D 40 -41.56 2.72 -11.92
CA LEU D 40 -40.37 3.49 -12.25
C LEU D 40 -40.65 4.99 -12.30
N LEU D 41 -39.67 5.78 -11.88
CA LEU D 41 -39.75 7.22 -11.78
C LEU D 41 -38.49 7.81 -12.40
N THR D 42 -38.53 9.12 -12.67
CA THR D 42 -37.39 9.80 -13.29
C THR D 42 -37.04 11.05 -12.51
N GLY D 43 -35.81 11.52 -12.69
CA GLY D 43 -35.35 12.68 -11.94
C GLY D 43 -36.07 13.94 -12.38
N THR D 44 -36.17 14.89 -11.46
CA THR D 44 -36.91 16.12 -11.77
C THR D 44 -36.01 17.32 -12.02
N ALA D 45 -35.05 17.59 -11.12
CA ALA D 45 -34.24 18.79 -11.24
C ALA D 45 -32.84 18.52 -10.72
N GLY D 46 -31.90 19.37 -11.15
CA GLY D 46 -30.54 19.27 -10.66
C GLY D 46 -29.80 18.08 -11.22
N ASN D 47 -28.88 17.55 -10.42
CA ASN D 47 -28.08 16.42 -10.85
C ASN D 47 -28.97 15.21 -11.15
N SER D 48 -30.03 15.04 -10.36
CA SER D 48 -30.93 13.91 -10.54
C SER D 48 -31.66 13.95 -11.87
N GLU D 49 -31.74 15.12 -12.50
CA GLU D 49 -32.54 15.29 -13.70
C GLU D 49 -32.09 14.33 -14.79
N GLY D 50 -33.06 13.62 -15.37
CA GLY D 50 -32.83 12.71 -16.46
C GLY D 50 -32.54 11.29 -16.04
N VAL D 51 -32.15 11.07 -14.79
CA VAL D 51 -31.79 9.73 -14.34
C VAL D 51 -33.06 8.96 -14.02
N SER D 52 -32.96 7.63 -14.00
CA SER D 52 -34.13 6.78 -13.81
C SER D 52 -33.98 5.99 -12.53
N LEU D 53 -35.03 5.97 -11.72
CA LEU D 53 -35.10 5.19 -10.49
C LEU D 53 -36.13 4.09 -10.67
N ASP D 54 -35.74 2.84 -10.46
CA ASP D 54 -36.68 1.73 -10.52
C ASP D 54 -36.98 1.26 -9.10
N LEU D 55 -38.23 1.44 -8.67
CA LEU D 55 -38.60 1.08 -7.30
C LEU D 55 -38.54 -0.41 -7.07
N SER D 56 -38.88 -1.21 -8.08
CA SER D 56 -38.96 -2.66 -7.91
C SER D 56 -37.63 -3.25 -7.46
N SER D 57 -36.55 -2.85 -8.11
CA SER D 57 -35.24 -3.36 -7.73
C SER D 57 -34.71 -2.60 -6.52
N PRO D 58 -33.81 -3.22 -5.74
CA PRO D 58 -33.21 -2.51 -4.61
C PRO D 58 -32.48 -1.25 -5.07
N ILE D 59 -32.74 -0.16 -4.38
CA ILE D 59 -32.10 1.11 -4.76
C ILE D 59 -30.59 0.99 -4.55
N PRO D 60 -29.78 1.39 -5.53
CA PRO D 60 -28.32 1.25 -5.38
C PRO D 60 -27.79 2.12 -4.26
N GLN D 61 -26.70 1.64 -3.67
CA GLN D 61 -25.93 2.37 -2.67
C GLN D 61 -24.89 3.20 -3.41
N THR D 62 -23.91 3.76 -2.68
CA THR D 62 -22.69 4.45 -3.12
C THR D 62 -22.97 5.86 -3.61
N THR D 63 -24.22 6.26 -3.81
CA THR D 63 -24.62 7.61 -4.20
C THR D 63 -24.01 8.01 -5.54
N GLU D 64 -23.47 7.05 -6.28
CA GLU D 64 -22.97 7.23 -7.63
C GLU D 64 -23.87 6.40 -8.53
N ASN D 65 -24.13 6.93 -9.74
CA ASN D 65 -25.02 6.30 -10.71
C ASN D 65 -26.48 6.44 -10.27
N GLN D 66 -26.70 6.92 -9.05
CA GLN D 66 -28.04 7.24 -8.56
C GLN D 66 -27.97 8.51 -7.73
N PRO D 67 -27.87 9.66 -8.40
CA PRO D 67 -27.71 10.93 -7.67
C PRO D 67 -28.91 11.28 -6.81
N LEU D 68 -28.64 11.85 -5.65
CA LEU D 68 -29.68 12.24 -4.71
C LEU D 68 -30.53 13.38 -5.27
N GLY D 69 -31.82 13.35 -4.96
CA GLY D 69 -32.73 14.35 -5.49
C GLY D 69 -34.18 13.91 -5.34
N THR D 70 -35.05 14.58 -6.07
CA THR D 70 -36.47 14.28 -6.09
C THR D 70 -36.83 13.61 -7.41
N TYR D 71 -37.68 12.60 -7.34
CA TYR D 71 -38.03 11.81 -8.51
C TYR D 71 -39.53 11.85 -8.75
N ASP D 72 -39.90 12.07 -10.01
CA ASP D 72 -41.27 12.22 -10.49
C ASP D 72 -41.45 11.31 -11.70
N VAL D 73 -42.61 10.67 -11.81
CA VAL D 73 -42.80 9.71 -12.90
C VAL D 73 -42.75 10.39 -14.26
N ASP D 74 -43.42 11.54 -14.38
CA ASP D 74 -43.53 12.20 -15.69
C ASP D 74 -42.18 12.67 -16.19
N GLY D 75 -41.35 13.23 -15.31
CA GLY D 75 -40.11 13.85 -15.73
C GLY D 75 -39.94 15.12 -14.94
N SER D 76 -39.25 16.12 -15.49
CA SER D 76 -39.16 17.40 -14.82
C SER D 76 -40.58 17.98 -14.73
N GLY D 77 -41.00 18.30 -13.51
CA GLY D 77 -42.34 18.79 -13.29
C GLY D 77 -42.47 19.52 -11.97
N SER D 78 -43.52 20.32 -11.87
CA SER D 78 -43.85 20.97 -10.62
C SER D 78 -45.30 20.74 -10.21
N ALA D 79 -46.08 20.05 -11.04
CA ALA D 79 -47.47 19.78 -10.74
C ALA D 79 -47.53 18.64 -9.74
N THR D 80 -48.63 18.55 -8.99
CA THR D 80 -48.75 17.41 -8.09
C THR D 80 -48.79 16.13 -8.89
N THR D 81 -47.90 15.21 -8.55
CA THR D 81 -47.78 13.91 -9.20
C THR D 81 -47.09 12.97 -8.21
N PRO D 82 -47.19 11.64 -8.39
CA PRO D 82 -46.39 10.77 -7.51
C PRO D 82 -44.92 11.17 -7.54
N ASN D 83 -44.40 11.59 -6.39
CA ASN D 83 -43.01 12.02 -6.29
C ASN D 83 -42.43 11.54 -4.96
N VAL D 84 -41.10 11.45 -4.91
CA VAL D 84 -40.42 10.98 -3.71
C VAL D 84 -39.03 11.59 -3.65
N THR D 85 -38.54 11.82 -2.45
CA THR D 85 -37.25 12.46 -2.23
C THR D 85 -36.27 11.48 -1.63
N LEU D 86 -35.14 11.27 -2.31
CA LEU D 86 -34.13 10.32 -1.87
C LEU D 86 -33.23 10.96 -0.83
N LEU D 87 -33.01 10.27 0.29
CA LEU D 87 -32.11 10.80 1.30
C LEU D 87 -31.18 9.70 1.76
N ALA D 88 -30.00 10.11 2.24
CA ALA D 88 -29.01 9.15 2.73
C ALA D 88 -29.28 8.73 4.17
N PRO D 89 -28.94 7.49 4.52
CA PRO D 89 -29.04 7.08 5.92
C PRO D 89 -27.86 7.61 6.72
N ARG D 90 -28.05 7.68 8.03
CA ARG D 90 -27.10 8.26 9.00
C ARG D 90 -27.60 7.96 10.41
N ILE D 91 -26.66 7.85 11.33
CA ILE D 91 -26.93 7.86 12.77
C ILE D 91 -26.01 8.91 13.39
N THR D 92 -26.60 10.00 13.88
CA THR D 92 -25.78 11.16 14.19
C THR D 92 -24.95 10.96 15.45
N ASP D 93 -25.47 10.26 16.45
CA ASP D 93 -24.70 10.15 17.68
C ASP D 93 -25.08 8.91 18.47
N SER D 94 -24.13 8.36 19.22
CA SER D 94 -24.43 7.19 20.03
C SER D 94 -23.57 7.23 21.29
N GLU D 95 -24.10 6.69 22.39
CA GLU D 95 -23.35 6.73 23.63
C GLU D 95 -23.86 5.66 24.59
N ILE D 96 -23.00 5.34 25.56
CA ILE D 96 -23.31 4.43 26.65
C ILE D 96 -23.16 5.22 27.94
N LEU D 97 -24.25 5.39 28.67
CA LEU D 97 -24.24 6.19 29.89
C LEU D 97 -24.52 5.33 31.12
N THR D 98 -23.80 5.63 32.20
CA THR D 98 -24.06 4.97 33.47
C THR D 98 -25.39 5.48 34.03
N SER D 99 -25.96 4.74 34.97
CA SER D 99 -27.28 5.12 35.45
C SER D 99 -27.25 6.51 36.06
N SER D 100 -26.19 6.84 36.79
CA SER D 100 -26.03 8.19 37.31
C SER D 100 -25.90 9.19 36.16
N GLY D 101 -25.22 8.79 35.11
CA GLY D 101 -24.91 9.63 33.97
C GLY D 101 -23.41 9.72 33.74
N GLY D 102 -23.06 10.24 32.56
CA GLY D 102 -21.66 10.27 32.22
C GLY D 102 -21.23 9.19 31.26
N ASP D 103 -20.51 9.54 30.21
CA ASP D 103 -20.12 8.58 29.20
C ASP D 103 -19.00 7.70 29.74
N VAL D 104 -19.03 6.42 29.35
CA VAL D 104 -17.95 5.50 29.70
C VAL D 104 -17.52 4.75 28.46
N THR D 105 -17.94 5.22 27.29
CA THR D 105 -17.63 4.51 26.05
C THR D 105 -16.13 4.48 25.82
N GLY D 106 -15.65 3.37 25.27
CA GLY D 106 -14.25 3.24 24.94
C GLY D 106 -13.33 3.21 26.14
N SER D 107 -13.89 3.03 27.34
CA SER D 107 -13.13 3.08 28.59
C SER D 107 -13.53 1.92 29.48
N ALA D 108 -12.56 1.37 30.20
CA ALA D 108 -12.82 0.25 31.08
C ALA D 108 -13.68 0.68 32.26
N ILE D 109 -14.61 -0.19 32.66
CA ILE D 109 -15.52 0.07 33.77
C ILE D 109 -15.45 -1.10 34.74
N SER D 110 -15.58 -0.79 36.03
CA SER D 110 -15.59 -1.83 37.05
C SER D 110 -16.78 -2.77 36.85
N SER D 111 -16.54 -4.06 37.12
CA SER D 111 -17.61 -5.05 36.98
C SER D 111 -18.75 -4.77 37.96
N SER D 112 -18.41 -4.31 39.16
CA SER D 112 -19.43 -4.04 40.17
C SER D 112 -20.39 -2.94 39.72
N ASP D 113 -19.86 -1.87 39.13
CA ASP D 113 -20.70 -0.74 38.75
C ASP D 113 -21.34 -0.91 37.39
N ALA D 114 -20.91 -1.90 36.61
CA ALA D 114 -21.46 -2.12 35.27
C ALA D 114 -22.71 -2.98 35.35
N GLY D 115 -23.70 -2.51 36.11
CA GLY D 115 -24.90 -3.29 36.28
C GLY D 115 -26.17 -2.59 35.86
N ASN D 116 -26.08 -1.29 35.58
CA ASN D 116 -27.25 -0.51 35.18
C ASN D 116 -26.91 0.39 34.00
N LEU D 117 -26.11 -0.11 33.06
CA LEU D 117 -25.69 0.73 31.95
C LEU D 117 -26.86 0.96 30.99
N TYR D 118 -26.78 2.04 30.23
CA TYR D 118 -27.79 2.35 29.23
C TYR D 118 -27.10 2.69 27.92
N VAL D 119 -27.80 2.42 26.82
CA VAL D 119 -27.35 2.77 25.48
C VAL D 119 -28.40 3.66 24.83
N ASN D 120 -27.97 4.82 24.36
CA ASN D 120 -28.84 5.80 23.71
C ASN D 120 -28.19 6.30 22.44
N ALA D 121 -29.02 6.70 21.49
CA ALA D 121 -28.48 7.15 20.20
C ALA D 121 -29.47 8.05 19.49
N ASP D 122 -28.96 8.81 18.53
CA ASP D 122 -29.75 9.67 17.65
C ASP D 122 -29.43 9.26 16.22
N TYR D 123 -30.47 8.94 15.44
CA TYR D 123 -30.32 8.47 14.08
C TYR D 123 -31.28 9.20 13.15
N ASN D 124 -30.90 9.25 11.86
CA ASN D 124 -31.73 9.96 10.89
C ASN D 124 -32.91 9.13 10.40
N TYR D 125 -32.75 7.81 10.26
CA TYR D 125 -33.78 6.96 9.66
C TYR D 125 -34.73 6.43 10.73
N GLU D 126 -35.68 7.27 11.13
CA GLU D 126 -36.69 6.85 12.08
C GLU D 126 -38.03 6.53 11.45
N SER D 127 -38.34 7.11 10.29
CA SER D 127 -39.61 6.83 9.65
C SER D 127 -39.68 5.42 9.07
N ALA D 128 -38.55 4.83 8.68
CA ALA D 128 -38.60 3.54 8.00
C ALA D 128 -38.28 2.36 8.92
N GLU D 129 -37.11 2.36 9.55
CA GLU D 129 -36.69 1.21 10.34
C GLU D 129 -36.03 1.64 11.63
N LYS D 130 -36.27 0.88 12.70
CA LYS D 130 -35.54 1.17 13.93
C LYS D 130 -34.14 0.58 13.82
N VAL D 131 -33.28 0.91 14.78
CA VAL D 131 -31.88 0.47 14.74
C VAL D 131 -31.64 -0.55 15.84
N GLU D 132 -31.02 -1.66 15.47
CA GLU D 132 -30.78 -2.78 16.36
C GLU D 132 -29.48 -2.57 17.10
N VAL D 133 -29.39 -3.24 18.26
CA VAL D 133 -28.19 -3.32 19.08
C VAL D 133 -27.80 -4.78 19.24
N THR D 134 -26.52 -5.08 19.04
CA THR D 134 -26.01 -6.44 19.18
C THR D 134 -24.70 -6.39 19.96
N VAL D 135 -24.72 -6.91 21.18
CA VAL D 135 -23.52 -6.98 22.00
C VAL D 135 -22.72 -8.21 21.62
N GLU D 136 -21.41 -8.05 21.42
CA GLU D 136 -20.54 -9.13 21.02
C GLU D 136 -19.43 -9.29 22.03
N ASP D 137 -19.19 -10.53 22.46
CA ASP D 137 -18.12 -10.87 23.37
C ASP D 137 -16.77 -10.79 22.67
N PRO D 138 -15.67 -10.75 23.42
CA PRO D 138 -14.35 -10.76 22.76
C PRO D 138 -14.14 -11.99 21.91
N SER D 139 -14.81 -13.11 22.24
CA SER D 139 -14.75 -14.30 21.41
C SER D 139 -15.48 -14.12 20.09
N GLY D 140 -16.39 -13.15 20.00
CA GLY D 140 -17.11 -12.88 18.78
C GLY D 140 -18.42 -13.64 18.69
N THR D 141 -19.29 -13.44 19.69
CA THR D 141 -20.57 -14.12 19.75
C THR D 141 -21.62 -13.14 20.27
N ASP D 142 -22.84 -13.27 19.75
CA ASP D 142 -23.92 -12.36 20.09
C ASP D 142 -24.40 -12.68 21.49
N ILE D 143 -24.19 -11.75 22.43
CA ILE D 143 -24.60 -11.94 23.81
C ILE D 143 -25.77 -11.02 24.17
N THR D 144 -26.52 -10.53 23.18
CA THR D 144 -27.55 -9.54 23.47
C THR D 144 -28.64 -10.10 24.38
N ASN D 145 -29.05 -11.34 24.15
CA ASN D 145 -30.16 -11.92 24.92
C ASN D 145 -29.82 -12.12 26.38
N GLU D 146 -28.53 -12.22 26.72
CA GLU D 146 -28.13 -12.47 28.10
C GLU D 146 -28.14 -11.21 28.94
N VAL D 147 -27.73 -10.07 28.37
CA VAL D 147 -27.60 -8.85 29.14
C VAL D 147 -28.83 -7.96 29.04
N LEU D 148 -29.77 -8.25 28.15
CA LEU D 148 -30.96 -7.43 28.00
C LEU D 148 -31.72 -7.38 29.34
N SER D 149 -32.34 -6.23 29.63
CA SER D 149 -33.02 -6.06 30.91
C SER D 149 -34.43 -5.48 30.76
N GLY D 150 -35.36 -6.29 30.26
CA GLY D 150 -36.76 -5.86 30.23
C GLY D 150 -37.20 -4.93 29.12
N THR D 151 -36.38 -4.66 28.12
CA THR D 151 -36.77 -3.74 27.05
C THR D 151 -36.47 -4.35 25.70
N ASP D 152 -37.33 -4.07 24.73
CA ASP D 152 -37.10 -4.59 23.39
C ASP D 152 -35.83 -4.00 22.79
N THR D 153 -35.27 -4.73 21.83
CA THR D 153 -34.00 -4.37 21.22
C THR D 153 -34.05 -3.00 20.55
N PHE D 154 -35.24 -2.56 20.16
CA PHE D 154 -35.38 -1.32 19.41
C PHE D 154 -35.16 -0.11 20.30
N VAL D 155 -34.28 0.79 19.88
CA VAL D 155 -34.04 2.05 20.58
C VAL D 155 -34.69 3.16 19.77
N ASP D 156 -35.28 4.14 20.46
CA ASP D 156 -36.04 5.16 19.76
C ASP D 156 -35.15 6.33 19.34
N ASP D 157 -35.71 7.22 18.54
CA ASP D 157 -35.01 8.43 18.12
C ASP D 157 -34.92 9.41 19.28
N GLY D 158 -33.93 10.29 19.21
CA GLY D 158 -33.71 11.19 20.33
C GLY D 158 -33.31 10.39 21.55
N SER D 159 -33.89 10.74 22.70
CA SER D 159 -33.68 10.01 23.95
C SER D 159 -32.21 9.93 24.33
N ILE D 160 -31.39 10.85 23.82
CA ILE D 160 -30.00 10.93 24.24
C ILE D 160 -29.94 11.69 25.56
N GLY D 161 -29.19 11.14 26.50
CA GLY D 161 -29.13 11.67 27.85
C GLY D 161 -30.14 11.06 28.79
N SER D 162 -30.87 10.04 28.34
CA SER D 162 -31.90 9.40 29.14
C SER D 162 -31.27 8.42 30.11
N THR D 163 -31.35 8.71 31.40
CA THR D 163 -30.77 7.86 32.42
C THR D 163 -31.78 6.88 33.02
N SER D 164 -33.01 6.89 32.51
CA SER D 164 -34.08 6.07 33.03
C SER D 164 -34.67 5.23 31.91
N SER D 165 -35.25 4.09 32.29
CA SER D 165 -35.85 3.20 31.30
C SER D 165 -37.12 3.79 30.68
N THR D 166 -37.70 4.82 31.28
CA THR D 166 -38.89 5.45 30.70
C THR D 166 -38.59 6.02 29.33
N GLY D 167 -37.46 6.71 29.19
CA GLY D 167 -37.08 7.23 27.90
C GLY D 167 -36.52 6.16 26.99
N GLY D 168 -36.48 6.45 25.69
CA GLY D 168 -35.88 5.52 24.76
C GLY D 168 -34.47 5.16 25.18
N GLY D 169 -34.06 3.93 24.94
CA GLY D 169 -32.71 3.47 25.22
C GLY D 169 -32.81 2.06 25.76
N VAL D 170 -31.72 1.31 25.65
CA VAL D 170 -31.72 -0.07 26.13
C VAL D 170 -30.84 -0.18 27.37
N GLY D 171 -31.33 -0.91 28.38
CA GLY D 171 -30.59 -1.12 29.61
C GLY D 171 -29.85 -2.45 29.54
N ILE D 172 -28.56 -2.41 29.87
CA ILE D 172 -27.72 -3.60 29.93
C ILE D 172 -27.17 -3.75 31.34
N ASP D 173 -27.27 -4.98 31.87
CA ASP D 173 -26.73 -5.35 33.17
C ASP D 173 -25.51 -6.21 32.84
N MET D 174 -24.36 -5.56 32.77
CA MET D 174 -23.11 -6.20 32.36
C MET D 174 -22.30 -6.68 33.56
N SER D 175 -22.94 -6.80 34.73
CA SER D 175 -22.26 -7.28 35.93
C SER D 175 -21.87 -8.75 35.87
N ASP D 176 -22.73 -9.60 35.29
CA ASP D 176 -22.43 -11.03 35.36
C ASP D 176 -21.29 -11.47 34.45
N GLN D 177 -21.08 -10.78 33.33
CA GLN D 177 -20.10 -11.27 32.38
C GLN D 177 -18.68 -11.10 32.91
N ASP D 178 -17.77 -11.93 32.39
CA ASP D 178 -16.39 -11.90 32.84
C ASP D 178 -15.63 -10.73 32.22
N ALA D 179 -14.34 -10.65 32.50
CA ALA D 179 -13.49 -9.58 31.99
C ALA D 179 -13.15 -9.80 30.52
N GLY D 180 -13.22 -8.73 29.74
CA GLY D 180 -12.86 -8.81 28.34
C GLY D 180 -13.28 -7.55 27.61
N GLU D 181 -13.02 -7.55 26.31
CA GLU D 181 -13.37 -6.41 25.47
C GLU D 181 -14.60 -6.77 24.65
N TYR D 182 -15.66 -5.97 24.79
CA TYR D 182 -16.95 -6.24 24.18
C TYR D 182 -17.26 -5.14 23.17
N THR D 183 -17.93 -5.50 22.09
CA THR D 183 -18.24 -4.54 21.04
C THR D 183 -19.75 -4.48 20.85
N ILE D 184 -20.32 -3.30 20.94
CA ILE D 184 -21.74 -3.10 20.71
C ILE D 184 -21.91 -2.61 19.28
N ILE D 185 -22.75 -3.30 18.52
CA ILE D 185 -22.94 -3.01 17.11
C ILE D 185 -24.35 -2.45 16.93
N LEU D 186 -24.46 -1.32 16.24
CA LEU D 186 -25.75 -0.73 15.94
C LEU D 186 -25.92 -0.76 14.43
N GLU D 187 -27.07 -1.25 13.98
CA GLU D 187 -27.31 -1.33 12.54
C GLU D 187 -28.81 -1.35 12.28
N GLY D 188 -29.21 -1.02 11.05
CA GLY D 188 -30.62 -0.95 10.76
C GLY D 188 -31.30 -2.29 10.92
N ALA D 189 -32.63 -2.24 11.08
CA ALA D 189 -33.39 -3.45 11.37
C ALA D 189 -33.27 -4.47 10.25
N GLU D 190 -33.44 -4.03 9.00
CA GLU D 190 -33.51 -4.97 7.89
C GLU D 190 -32.41 -4.74 6.86
N ASP D 191 -32.37 -3.57 6.23
CA ASP D 191 -31.46 -3.32 5.12
C ASP D 191 -30.42 -2.26 5.38
N LEU D 192 -30.69 -1.28 6.24
CA LEU D 192 -29.77 -0.17 6.43
C LEU D 192 -28.70 -0.57 7.46
N ASP D 193 -27.77 -1.40 7.00
CA ASP D 193 -26.71 -1.91 7.86
C ASP D 193 -25.33 -1.71 7.25
N PHE D 194 -25.24 -0.97 6.15
CA PHE D 194 -23.99 -0.77 5.44
C PHE D 194 -23.25 0.42 6.07
N GLY D 195 -22.21 0.89 5.39
CA GLY D 195 -21.43 2.01 5.88
C GLY D 195 -22.26 3.21 6.27
N ASP D 196 -21.81 3.94 7.30
CA ASP D 196 -22.47 5.14 7.81
C ASP D 196 -23.84 4.86 8.43
N ALA D 197 -24.34 3.63 8.31
CA ALA D 197 -25.58 3.25 8.98
C ALA D 197 -25.34 2.28 10.13
N THR D 198 -24.09 1.93 10.41
CA THR D 198 -23.76 1.00 11.48
C THR D 198 -22.60 1.58 12.27
N GLU D 199 -22.57 1.30 13.58
CA GLU D 199 -21.45 1.75 14.39
C GLU D 199 -21.03 0.68 15.39
N THR D 200 -19.72 0.53 15.57
CA THR D 200 -19.18 -0.40 16.56
C THR D 200 -18.58 0.42 17.71
N MET D 201 -19.20 0.33 18.88
CA MET D 201 -18.75 1.02 20.08
C MET D 201 -18.06 0.02 21.01
N THR D 202 -16.82 0.28 21.38
CA THR D 202 -16.13 -0.69 22.23
C THR D 202 -16.43 -0.43 23.70
N LEU D 203 -16.13 -1.42 24.53
CA LEU D 203 -16.28 -1.30 25.97
C LEU D 203 -15.42 -2.36 26.64
N THR D 204 -14.71 -1.98 27.68
CA THR D 204 -13.80 -2.90 28.36
C THR D 204 -14.32 -3.25 29.74
N ILE D 205 -14.32 -4.54 30.06
CA ILE D 205 -14.72 -5.07 31.36
C ILE D 205 -13.48 -5.60 32.04
N SER D 206 -13.29 -5.22 33.30
CA SER D 206 -12.11 -5.56 34.08
C SER D 206 -12.51 -5.54 35.55
N SER D 207 -11.78 -6.31 36.36
CA SER D 207 -12.13 -6.42 37.76
C SER D 207 -11.00 -5.98 38.69
N GLN D 208 -9.79 -5.79 38.17
CA GLN D 208 -8.77 -5.11 38.95
C GLN D 208 -9.39 -3.71 39.09
N ASP D 209 -9.89 -3.34 40.26
CA ASP D 209 -10.71 -2.14 40.28
C ASP D 209 -10.37 -1.15 41.38
N GLU D 210 -9.26 -1.34 42.09
CA GLU D 210 -8.87 -0.30 43.03
C GLU D 210 -8.39 0.90 42.22
N ILE D 211 -8.64 2.11 42.73
CA ILE D 211 -8.11 3.27 42.03
C ILE D 211 -6.60 3.13 41.97
N GLY D 212 -6.05 3.09 40.75
CA GLY D 212 -4.65 2.78 40.56
C GLY D 212 -3.81 4.00 40.23
N ILE D 213 -2.54 3.93 40.60
CA ILE D 213 -1.59 5.02 40.34
C ILE D 213 -0.33 4.40 39.76
N GLU D 214 0.19 4.99 38.69
CA GLU D 214 1.39 4.45 38.07
C GLU D 214 2.35 5.58 37.74
N LEU D 215 3.64 5.25 37.70
CA LEU D 215 4.69 6.19 37.35
C LEU D 215 5.47 5.68 36.16
N ASP D 216 5.83 6.60 35.25
CA ASP D 216 6.64 6.20 34.11
C ASP D 216 8.03 5.75 34.54
N SER D 217 8.49 6.18 35.70
CA SER D 217 9.78 5.79 36.27
C SER D 217 9.66 5.78 37.79
N GLU D 218 10.45 4.93 38.43
CA GLU D 218 10.45 4.89 39.89
C GLU D 218 11.72 5.42 40.51
N SER D 219 12.88 5.21 39.89
CA SER D 219 14.16 5.64 40.43
C SER D 219 14.61 6.89 39.68
N VAL D 220 14.53 8.05 40.34
CA VAL D 220 14.86 9.32 39.73
C VAL D 220 15.68 10.15 40.72
N THR D 221 16.30 11.21 40.20
CA THR D 221 17.03 12.16 41.01
C THR D 221 16.18 13.40 41.24
N GLN D 222 16.72 14.35 42.01
CA GLN D 222 16.03 15.60 42.24
C GLN D 222 15.93 16.40 40.95
N GLY D 223 14.84 17.15 40.82
CA GLY D 223 14.62 18.03 39.70
C GLY D 223 13.99 17.38 38.48
N THR D 224 14.11 16.07 38.35
CA THR D 224 13.53 15.36 37.21
C THR D 224 12.02 15.29 37.37
N ASP D 225 11.28 15.89 36.43
CA ASP D 225 9.83 15.86 36.50
C ASP D 225 9.34 14.45 36.23
N VAL D 226 8.34 14.01 36.99
CA VAL D 226 7.77 12.68 36.82
C VAL D 226 6.28 12.79 36.56
N GLN D 227 5.78 12.06 35.56
CA GLN D 227 4.37 12.08 35.23
C GLN D 227 3.70 10.87 35.87
N TYR D 228 2.63 11.10 36.63
CA TYR D 228 1.89 10.04 37.27
C TYR D 228 0.50 9.91 36.67
N THR D 229 0.01 8.67 36.54
CA THR D 229 -1.30 8.46 35.94
C THR D 229 -2.22 7.72 36.91
N VAL D 230 -3.46 8.19 37.01
CA VAL D 230 -4.50 7.53 37.79
C VAL D 230 -5.35 6.72 36.82
N THR D 231 -5.65 5.48 37.21
CA THR D 231 -6.29 4.50 36.36
C THR D 231 -7.50 3.88 37.07
N ASN D 232 -8.47 3.44 36.26
CA ASN D 232 -9.66 2.71 36.72
C ASN D 232 -10.50 3.51 37.71
N GLY D 233 -10.99 4.65 37.23
CA GLY D 233 -11.78 5.54 38.07
C GLY D 233 -13.06 5.93 37.37
N ILE D 234 -14.01 6.40 38.18
CA ILE D 234 -15.29 6.87 37.65
C ILE D 234 -15.08 8.18 36.90
N ASP D 235 -15.64 8.25 35.69
CA ASP D 235 -15.53 9.46 34.90
C ASP D 235 -16.40 10.57 35.48
N GLY D 236 -15.93 11.81 35.33
CA GLY D 236 -16.69 12.95 35.79
C GLY D 236 -16.55 13.28 37.25
N ASN D 237 -15.73 12.55 38.00
CA ASN D 237 -15.58 12.76 39.43
C ASN D 237 -14.15 13.19 39.74
N GLU D 238 -14.01 13.95 40.82
CA GLU D 238 -12.74 14.56 41.19
C GLU D 238 -12.05 13.78 42.31
N HIS D 239 -10.90 13.19 42.01
CA HIS D 239 -10.07 12.56 43.03
C HIS D 239 -9.17 13.60 43.69
N VAL D 240 -8.41 13.16 44.70
CA VAL D 240 -7.45 14.01 45.40
C VAL D 240 -6.14 13.25 45.59
N VAL D 241 -5.05 13.85 45.09
CA VAL D 241 -3.69 13.35 45.24
C VAL D 241 -3.00 14.16 46.33
N ALA D 242 -2.48 13.48 47.35
CA ALA D 242 -1.92 14.09 48.55
C ALA D 242 -0.40 13.98 48.57
N MET D 243 0.21 14.81 49.41
CA MET D 243 1.66 14.87 49.62
C MET D 243 1.94 15.15 51.08
N ASP D 244 2.74 14.27 51.70
CA ASP D 244 3.11 14.44 53.10
C ASP D 244 4.13 15.55 53.23
N LEU D 245 3.86 16.52 54.12
CA LEU D 245 4.79 17.63 54.25
C LEU D 245 6.10 17.23 54.90
N SER D 246 6.16 16.06 55.54
CA SER D 246 7.41 15.57 56.11
C SER D 246 8.47 15.31 55.06
N ASP D 247 8.06 14.86 53.87
CA ASP D 247 8.99 14.58 52.78
C ASP D 247 9.60 15.84 52.16
N LEU D 248 9.02 17.01 52.40
CA LEU D 248 9.57 18.22 51.81
C LEU D 248 10.91 18.57 52.46
N GLN D 249 11.75 19.27 51.71
CA GLN D 249 13.03 19.74 52.22
C GLN D 249 12.81 20.77 53.32
N ASN D 250 13.69 20.74 54.32
CA ASN D 250 13.53 21.61 55.49
C ASN D 250 13.65 23.09 55.12
N ASP D 251 14.51 23.43 54.17
CA ASP D 251 14.81 24.82 53.86
C ASP D 251 13.83 25.43 52.85
N ALA D 252 12.64 24.84 52.68
CA ALA D 252 11.70 25.36 51.71
C ALA D 252 10.94 26.55 52.29
N THR D 253 10.43 27.39 51.40
CA THR D 253 9.65 28.56 51.78
C THR D 253 8.19 28.33 51.42
N THR D 254 7.35 29.32 51.75
CA THR D 254 5.93 29.20 51.46
C THR D 254 5.69 29.15 49.96
N GLU D 255 6.31 30.07 49.21
CA GLU D 255 6.17 30.06 47.76
C GLU D 255 6.88 28.87 47.14
N GLN D 256 7.88 28.32 47.83
CA GLN D 256 8.65 27.22 47.29
C GLN D 256 7.88 25.91 47.36
N ALA D 257 6.89 25.82 48.24
CA ALA D 257 6.12 24.59 48.39
C ALA D 257 4.88 24.54 47.52
N LYS D 258 4.46 25.67 46.95
CA LYS D 258 3.22 25.69 46.17
C LYS D 258 3.44 25.26 44.73
N GLU D 259 4.68 24.93 44.38
CA GLU D 259 5.05 24.55 43.01
C GLU D 259 5.47 23.09 42.94
N VAL D 260 5.21 22.32 43.99
CA VAL D 260 5.51 20.89 43.95
C VAL D 260 4.61 20.18 42.94
N PHE D 261 3.32 20.51 42.91
CA PHE D 261 2.40 19.94 41.94
C PHE D 261 2.20 20.90 40.79
N ARG D 262 2.29 20.40 39.57
CA ARG D 262 2.03 21.24 38.41
C ARG D 262 0.56 21.17 38.03
N ASN D 263 0.13 22.10 37.20
CA ASN D 263 -1.23 22.13 36.67
C ASN D 263 -1.36 21.26 35.43
N ILE D 264 -0.36 20.41 35.18
CA ILE D 264 -0.33 19.58 33.97
C ILE D 264 -1.47 18.57 33.97
N GLY D 265 -1.86 18.16 32.76
CA GLY D 265 -2.87 17.13 32.61
C GLY D 265 -4.24 17.64 33.01
N ASP D 266 -5.01 16.77 33.66
CA ASP D 266 -6.40 17.06 33.98
C ASP D 266 -6.55 17.78 35.31
N THR D 267 -5.45 18.12 35.97
CA THR D 267 -5.53 18.74 37.28
C THR D 267 -6.26 20.07 37.20
N SER D 268 -7.12 20.33 38.20
CA SER D 268 -7.89 21.56 38.24
C SER D 268 -7.27 22.56 39.21
N GLU D 269 -7.12 22.18 40.48
CA GLU D 269 -6.61 23.07 41.50
C GLU D 269 -5.47 22.38 42.24
N VAL D 270 -4.51 23.20 42.67
CA VAL D 270 -3.37 22.77 43.46
C VAL D 270 -3.28 23.63 44.71
N GLY D 271 -2.71 23.10 45.77
CA GLY D 271 -2.50 23.90 46.96
C GLY D 271 -2.08 23.05 48.13
N ILE D 272 -2.02 23.69 49.29
CA ILE D 272 -1.66 23.05 50.54
C ILE D 272 -2.83 23.18 51.50
N ALA D 273 -3.08 22.16 52.29
CA ALA D 273 -4.24 22.17 53.17
C ALA D 273 -3.85 21.77 54.58
N ASN D 274 -4.36 22.54 55.54
CA ASN D 274 -4.27 22.24 56.96
C ASN D 274 -5.49 21.40 57.30
N SER D 275 -5.62 20.98 58.57
CA SER D 275 -6.74 20.11 58.90
C SER D 275 -8.06 20.80 58.62
N SER D 276 -8.16 22.10 58.93
CA SER D 276 -9.41 22.83 58.79
C SER D 276 -9.41 23.88 57.68
N ALA D 277 -8.23 24.38 57.29
CA ALA D 277 -8.16 25.45 56.30
C ALA D 277 -7.21 25.06 55.17
N THR D 278 -7.36 25.75 54.04
CA THR D 278 -6.55 25.49 52.86
C THR D 278 -5.98 26.78 52.29
N ASN D 279 -4.81 26.65 51.67
CA ASN D 279 -4.10 27.72 50.98
C ASN D 279 -3.95 27.25 49.54
N THR D 280 -4.77 27.78 48.64
CA THR D 280 -4.73 27.33 47.26
C THR D 280 -3.64 28.05 46.49
N SER D 281 -3.43 27.60 45.25
CA SER D 281 -2.41 28.21 44.41
C SER D 281 -2.83 29.60 43.92
N GLY D 282 -4.11 29.96 44.06
CA GLY D 282 -4.54 31.28 43.66
C GLY D 282 -3.90 32.38 44.49
N SER D 283 -3.86 32.20 45.81
CA SER D 283 -3.37 33.24 46.70
C SER D 283 -2.74 32.60 47.94
N SER D 284 -1.86 33.37 48.58
CA SER D 284 -1.22 32.96 49.83
C SER D 284 -2.01 33.54 51.01
N THR D 285 -3.22 33.02 51.18
CA THR D 285 -4.13 33.51 52.21
C THR D 285 -4.36 32.52 53.34
N GLY D 286 -4.32 31.23 53.07
CA GLY D 286 -4.61 30.23 54.07
C GLY D 286 -3.42 29.94 54.94
N PRO D 287 -3.28 28.69 55.37
CA PRO D 287 -2.19 28.33 56.28
C PRO D 287 -0.83 28.46 55.60
N THR D 288 0.20 28.60 56.43
CA THR D 288 1.56 28.70 55.92
C THR D 288 2.17 27.31 55.80
N VAL D 289 3.43 27.26 55.35
CA VAL D 289 4.07 25.96 55.14
C VAL D 289 4.25 25.22 56.45
N GLU D 290 4.62 25.92 57.53
CA GLU D 290 4.70 25.27 58.83
C GLU D 290 3.32 24.99 59.40
N THR D 291 2.36 25.88 59.16
CA THR D 291 1.01 25.69 59.70
C THR D 291 0.29 24.54 59.02
N ALA D 292 0.39 24.44 57.70
CA ALA D 292 -0.30 23.40 56.96
C ALA D 292 0.41 22.06 57.15
N ASP D 293 -0.30 20.99 56.83
CA ASP D 293 0.25 19.65 57.03
C ASP D 293 0.18 18.76 55.79
N ILE D 294 -0.65 19.07 54.80
CA ILE D 294 -0.78 18.22 53.63
C ILE D 294 -0.72 19.10 52.39
N ALA D 295 -0.22 18.53 51.29
CA ALA D 295 -0.23 19.23 50.01
C ALA D 295 -1.12 18.45 49.05
N TYR D 296 -2.09 19.12 48.42
CA TYR D 296 -3.03 18.37 47.62
C TYR D 296 -3.10 18.95 46.21
N ALA D 297 -3.70 18.16 45.32
CA ALA D 297 -3.93 18.61 43.95
C ALA D 297 -5.18 17.89 43.42
N VAL D 298 -6.33 18.57 43.48
CA VAL D 298 -7.57 17.94 43.06
C VAL D 298 -7.51 17.70 41.56
N VAL D 299 -7.78 16.46 41.14
CA VAL D 299 -7.64 16.08 39.74
C VAL D 299 -8.91 15.39 39.27
N GLU D 300 -9.42 15.81 38.11
CA GLU D 300 -10.57 15.15 37.52
C GLU D 300 -10.09 13.98 36.66
N ILE D 301 -11.01 13.35 35.94
CA ILE D 301 -10.67 12.27 35.02
C ILE D 301 -11.57 12.36 33.79
N ASP D 302 -10.98 12.23 32.61
CA ASP D 302 -11.72 12.25 31.34
C ASP D 302 -11.47 10.91 30.68
N GLY D 303 -12.44 10.01 30.77
CA GLY D 303 -12.30 8.66 30.26
C GLY D 303 -12.03 7.67 31.38
N ALA D 304 -11.03 6.80 31.18
CA ALA D 304 -10.66 5.83 32.20
C ALA D 304 -9.41 6.21 32.98
N SER D 305 -8.67 7.23 32.55
CA SER D 305 -7.42 7.57 33.20
C SER D 305 -7.19 9.08 33.13
N ALA D 306 -6.39 9.57 34.07
CA ALA D 306 -5.98 10.97 34.09
C ALA D 306 -4.48 11.06 34.37
N VAL D 307 -3.84 12.12 33.87
CA VAL D 307 -2.39 12.27 33.99
C VAL D 307 -2.06 13.56 34.74
N GLY D 308 -1.10 13.47 35.66
CA GLY D 308 -0.60 14.61 36.39
C GLY D 308 0.92 14.61 36.36
N GLY D 309 1.56 15.50 37.11
CA GLY D 309 3.01 15.50 37.19
C GLY D 309 3.52 16.08 38.49
N ILE D 310 4.72 15.66 38.87
CA ILE D 310 5.38 16.13 40.08
C ILE D 310 6.77 16.62 39.71
N GLU D 311 7.35 17.43 40.61
CA GLU D 311 8.70 17.98 40.49
C GLU D 311 9.58 17.47 41.64
N THR D 312 10.47 16.52 41.35
CA THR D 312 11.28 15.93 42.41
C THR D 312 12.25 16.91 43.06
N GLN D 313 12.45 18.08 42.48
CA GLN D 313 13.32 19.10 43.09
C GLN D 313 12.76 19.54 44.44
N TYR D 314 13.67 19.89 45.35
CA TYR D 314 13.33 20.24 46.73
C TYR D 314 12.60 19.10 47.45
N LEU D 315 13.08 17.89 47.27
CA LEU D 315 12.54 16.72 47.97
C LEU D 315 13.68 15.96 48.62
N ASP D 316 13.42 15.45 49.83
CA ASP D 316 14.45 14.75 50.58
C ASP D 316 14.81 13.45 49.86
N ASP D 317 16.08 13.04 50.01
CA ASP D 317 16.55 11.83 49.32
C ASP D 317 16.10 10.58 50.09
N SER D 318 14.87 10.16 49.83
CA SER D 318 14.31 9.02 50.54
C SER D 318 13.11 8.50 49.77
N GLU D 319 12.41 7.54 50.38
CA GLU D 319 11.21 6.98 49.77
C GLU D 319 10.08 7.99 49.81
N VAL D 320 9.40 8.17 48.68
CA VAL D 320 8.34 9.16 48.55
C VAL D 320 7.08 8.41 48.17
N ASP D 321 5.99 8.71 48.87
CA ASP D 321 4.71 8.04 48.66
C ASP D 321 3.69 9.00 48.07
N LEU D 322 2.75 8.43 47.32
CA LEU D 322 1.65 9.17 46.74
C LEU D 322 0.36 8.53 47.24
N GLU D 323 -0.54 9.34 47.77
CA GLU D 323 -1.77 8.86 48.37
C GLU D 323 -2.96 9.43 47.62
N VAL D 324 -3.88 8.56 47.22
CA VAL D 324 -5.10 9.02 46.56
C VAL D 324 -6.27 8.88 47.52
N TYR D 325 -7.34 9.61 47.23
CA TYR D 325 -8.49 9.60 48.12
C TYR D 325 -9.76 9.35 47.30
N ASP D 326 -10.83 8.98 48.01
CA ASP D 326 -12.06 8.60 47.34
C ASP D 326 -12.72 9.81 46.67
N ALA D 327 -13.55 9.53 45.68
CA ALA D 327 -14.20 10.59 44.93
C ALA D 327 -15.13 11.37 45.85
N GLY D 328 -15.15 12.68 45.68
CA GLY D 328 -16.07 13.52 46.42
C GLY D 328 -15.58 13.99 47.77
N VAL D 329 -14.41 13.53 48.22
CA VAL D 329 -13.88 13.99 49.49
C VAL D 329 -13.34 15.41 49.34
N SER D 330 -13.48 16.20 50.40
CA SER D 330 -12.94 17.54 50.41
C SER D 330 -11.46 17.50 50.79
N ALA D 331 -10.74 18.55 50.41
CA ALA D 331 -9.32 18.64 50.76
C ALA D 331 -9.14 18.74 52.27
N THR D 332 -9.93 19.61 52.92
CA THR D 332 -9.78 19.82 54.35
C THR D 332 -10.18 18.58 55.13
N ALA D 333 -11.23 17.89 54.69
CA ALA D 333 -11.75 16.74 55.42
C ALA D 333 -10.93 15.47 55.20
N ALA D 334 -9.96 15.49 54.29
CA ALA D 334 -9.20 14.30 53.95
C ALA D 334 -7.92 14.15 54.75
N VAL D 335 -7.69 15.03 55.72
CA VAL D 335 -6.45 15.01 56.48
C VAL D 335 -6.35 13.74 57.33
N GLY D 336 -7.46 13.31 57.93
CA GLY D 336 -7.39 12.16 58.81
C GLY D 336 -7.75 10.85 58.15
N GLN D 337 -8.60 10.90 57.13
CA GLN D 337 -9.09 9.70 56.48
C GLN D 337 -7.94 8.97 55.78
N ASP D 338 -7.98 7.64 55.84
CA ASP D 338 -6.94 6.85 55.19
C ASP D 338 -7.07 6.94 53.68
N ALA D 339 -5.94 6.78 53.00
CA ALA D 339 -5.92 6.85 51.55
C ALA D 339 -6.50 5.59 50.95
N THR D 340 -7.27 5.74 49.87
CA THR D 340 -7.79 4.57 49.19
C THR D 340 -6.66 3.73 48.61
N ASN D 341 -5.65 4.37 48.03
CA ASN D 341 -4.51 3.65 47.50
C ASN D 341 -3.27 4.52 47.64
N ASP D 342 -2.12 3.93 47.30
CA ASP D 342 -0.83 4.60 47.42
C ASP D 342 0.15 3.96 46.44
N ILE D 343 1.24 4.69 46.19
CA ILE D 343 2.34 4.19 45.38
C ILE D 343 3.64 4.83 45.87
N THR D 344 4.74 4.09 45.83
CA THR D 344 5.99 4.61 46.36
C THR D 344 7.10 4.56 45.32
N LEU D 345 7.97 5.56 45.35
CA LEU D 345 9.14 5.65 44.48
C LEU D 345 10.36 6.05 45.30
N THR D 346 11.53 5.72 44.77
CA THR D 346 12.79 6.02 45.44
C THR D 346 13.49 7.17 44.73
N ILE D 347 14.10 8.05 45.53
CA ILE D 347 14.82 9.22 45.03
C ILE D 347 16.25 9.18 45.56
N GLU D 348 17.20 9.39 44.66
CA GLU D 348 18.62 9.35 44.96
C GLU D 348 19.27 10.67 44.57
N GLU D 349 20.44 10.94 45.16
CA GLU D 349 21.15 12.18 44.88
C GLU D 349 21.85 12.11 43.53
N GLY D 350 22.30 13.27 43.07
CA GLY D 350 22.95 13.37 41.79
C GLY D 350 24.28 14.10 41.92
N GLY D 351 25.17 13.82 40.99
CA GLY D 351 26.52 14.35 41.08
C GLY D 351 26.84 15.44 40.08
N THR D 352 27.81 16.29 40.42
CA THR D 352 28.15 17.46 39.61
C THR D 352 29.66 17.64 39.72
N THR D 353 30.39 17.26 38.69
CA THR D 353 31.84 17.25 38.73
C THR D 353 32.43 18.04 37.57
N LEU D 354 33.67 18.47 37.74
CA LEU D 354 34.41 19.16 36.70
C LEU D 354 35.45 18.21 36.11
N SER D 355 35.76 18.41 34.84
CA SER D 355 36.66 17.52 34.12
C SER D 355 37.90 18.23 33.61
N SER D 356 37.73 19.34 32.90
CA SER D 356 38.85 20.01 32.24
C SER D 356 39.69 20.83 33.22
N PRO D 357 39.08 21.61 34.16
CA PRO D 357 39.95 22.41 35.04
C PRO D 357 40.60 21.57 36.15
N THR D 358 41.50 20.69 35.76
CA THR D 358 42.10 19.77 36.71
C THR D 358 43.57 19.56 36.39
N GLY D 359 44.38 19.43 37.44
CA GLY D 359 45.78 19.08 37.29
C GLY D 359 46.73 20.24 37.12
N GLN D 360 46.71 20.86 35.94
CA GLN D 360 47.63 21.94 35.60
C GLN D 360 46.89 23.07 34.90
N TYR D 361 47.44 24.27 35.00
CA TYR D 361 46.88 25.43 34.31
C TYR D 361 48.00 26.46 34.17
N VAL D 362 48.29 26.88 32.95
CA VAL D 362 49.28 27.93 32.74
C VAL D 362 48.64 29.28 33.02
N VAL D 363 49.31 30.08 33.85
CA VAL D 363 48.76 31.37 34.23
C VAL D 363 48.65 32.28 33.01
N GLY D 364 47.48 32.90 32.86
CA GLY D 364 47.22 33.76 31.73
C GLY D 364 46.72 33.05 30.49
N SER D 365 46.71 31.72 30.48
CA SER D 365 46.24 30.98 29.34
C SER D 365 44.73 30.91 29.34
N GLU D 366 44.15 30.51 28.20
CA GLU D 366 42.72 30.37 28.08
C GLU D 366 42.37 28.89 27.96
N VAL D 367 41.27 28.51 28.61
CA VAL D 367 40.83 27.12 28.63
C VAL D 367 39.31 27.12 28.74
N ASP D 368 38.69 26.06 28.24
CA ASP D 368 37.25 25.94 28.31
C ASP D 368 36.85 25.32 29.66
N ILE D 369 35.58 25.52 30.01
CA ILE D 369 35.03 24.94 31.22
C ILE D 369 34.20 23.73 30.81
N ASN D 370 34.66 22.54 31.19
CA ASN D 370 34.04 21.29 30.78
C ASN D 370 33.67 20.49 32.02
N GLY D 371 32.44 19.96 32.05
CA GLY D 371 32.05 19.19 33.20
C GLY D 371 30.63 18.67 33.06
N THR D 372 30.15 18.04 34.12
CA THR D 372 28.81 17.46 34.11
C THR D 372 28.09 17.81 35.40
N ALA D 373 26.76 17.81 35.30
CA ALA D 373 25.88 18.13 36.43
C ALA D 373 24.57 17.41 36.22
N THR D 374 24.32 16.37 37.02
CA THR D 374 23.13 15.55 36.83
C THR D 374 21.85 16.34 37.10
N SER D 375 21.78 17.03 38.24
CA SER D 375 20.60 17.78 38.63
C SER D 375 21.03 19.22 38.89
N SER D 376 21.03 20.03 37.83
CA SER D 376 21.45 21.42 37.93
C SER D 376 20.81 22.21 36.80
N ASP D 377 20.64 23.51 37.05
CA ASP D 377 20.17 24.45 36.03
C ASP D 377 21.19 25.54 35.76
N SER D 378 21.74 26.15 36.81
CA SER D 378 22.79 27.15 36.70
C SER D 378 23.94 26.76 37.61
N VAL D 379 25.16 26.88 37.11
CA VAL D 379 26.34 26.48 37.86
C VAL D 379 27.34 27.64 37.91
N ALA D 380 28.07 27.71 39.01
CA ALA D 380 29.06 28.75 39.22
C ALA D 380 30.38 28.12 39.63
N ILE D 381 31.47 28.82 39.33
CA ILE D 381 32.83 28.35 39.56
C ILE D 381 33.49 29.23 40.62
N TYR D 382 34.08 28.58 41.62
CA TYR D 382 34.72 29.27 42.74
C TYR D 382 36.14 28.77 42.86
N VAL D 383 37.02 29.63 43.39
CA VAL D 383 38.43 29.30 43.57
C VAL D 383 38.79 29.53 45.02
N ARG D 384 39.51 28.59 45.62
CA ARG D 384 39.89 28.65 47.02
C ARG D 384 41.39 28.47 47.17
N ASP D 385 41.97 29.22 48.10
CA ASP D 385 43.38 29.05 48.43
C ASP D 385 43.55 29.58 49.85
N ASP D 386 43.66 28.65 50.81
CA ASP D 386 43.93 28.92 52.23
C ASP D 386 42.97 29.96 52.81
N GLY D 387 41.68 29.80 52.49
CA GLY D 387 40.67 30.70 53.00
C GLY D 387 39.32 30.63 52.31
N ASP D 388 38.76 31.79 51.97
CA ASP D 388 37.42 31.83 51.40
C ASP D 388 37.41 31.32 49.96
N TRP D 389 36.22 30.90 49.53
CA TRP D 389 35.98 30.53 48.13
C TRP D 389 35.58 31.77 47.35
N GLN D 390 36.55 32.40 46.70
CA GLN D 390 36.26 33.60 45.92
C GLN D 390 35.53 33.21 44.63
N LEU D 391 34.44 33.93 44.36
CA LEU D 391 33.65 33.65 43.16
C LEU D 391 34.45 34.03 41.91
N LEU D 392 34.36 33.18 40.89
CA LEU D 392 35.01 33.44 39.61
C LEU D 392 33.98 34.00 38.64
N GLU D 393 34.21 35.23 38.17
CA GLU D 393 33.28 35.95 37.30
C GLU D 393 33.43 35.45 35.87
N ILE D 394 32.69 34.39 35.55
CA ILE D 394 32.78 33.81 34.21
C ILE D 394 32.29 34.77 33.14
N GLY D 395 31.41 35.72 33.49
CA GLY D 395 30.88 36.64 32.51
C GLY D 395 29.37 36.75 32.54
N GLY D 396 28.73 36.35 31.45
CA GLY D 396 27.29 36.49 31.29
C GLY D 396 26.49 35.70 32.31
N ASP D 397 25.83 36.41 33.22
CA ASP D 397 24.92 35.88 34.22
C ASP D 397 25.60 34.96 35.24
N ASN D 398 26.91 34.76 35.13
CA ASN D 398 27.68 33.93 36.08
C ASN D 398 27.05 32.56 36.24
N GLU D 399 26.63 31.97 35.12
CA GLU D 399 25.98 30.66 35.16
C GLU D 399 26.16 29.99 33.81
N ILE D 400 26.00 28.66 33.81
CA ILE D 400 26.06 27.86 32.60
C ILE D 400 24.87 26.92 32.61
N SER D 401 24.14 26.86 31.51
CA SER D 401 23.00 25.96 31.40
C SER D 401 23.50 24.54 31.18
N VAL D 402 22.64 23.58 31.48
CA VAL D 402 22.95 22.16 31.35
C VAL D 402 22.04 21.54 30.32
N ASP D 403 22.62 20.72 29.44
CA ASP D 403 21.86 20.07 28.38
C ASP D 403 21.14 18.85 28.94
N SER D 404 20.50 18.08 28.07
CA SER D 404 19.81 16.87 28.51
C SER D 404 20.80 15.80 28.94
N ASP D 405 22.01 15.81 28.39
CA ASP D 405 23.01 14.79 28.74
C ASP D 405 23.70 15.10 30.07
N ASP D 406 23.14 16.02 30.86
CA ASP D 406 23.71 16.37 32.17
C ASP D 406 25.16 16.83 32.04
N THR D 407 25.45 17.60 31.00
CA THR D 407 26.80 18.09 30.74
C THR D 407 26.77 19.57 30.41
N PHE D 408 27.71 20.32 30.97
CA PHE D 408 27.83 21.74 30.72
C PHE D 408 29.24 22.07 30.25
N GLU D 409 29.31 23.05 29.34
CA GLU D 409 30.55 23.47 28.72
C GLU D 409 30.50 24.97 28.48
N GLU D 410 31.69 25.55 28.36
CA GLU D 410 31.88 26.96 28.10
C GLU D 410 33.02 27.10 27.09
N GLU D 411 33.03 28.23 26.38
CA GLU D 411 34.07 28.45 25.38
C GLU D 411 35.42 28.67 26.07
N ASP D 412 36.45 28.90 25.28
CA ASP D 412 37.79 29.08 25.82
C ASP D 412 37.86 30.41 26.58
N ILE D 413 38.11 30.32 27.89
CA ILE D 413 38.17 31.48 28.77
C ILE D 413 39.52 31.51 29.47
N ALA D 414 40.16 32.67 29.46
CA ALA D 414 41.39 32.88 30.22
C ALA D 414 41.04 33.21 31.66
N LEU D 415 41.33 32.27 32.58
CA LEU D 415 40.93 32.48 33.97
C LEU D 415 41.61 33.70 34.55
N SER D 416 42.93 33.79 34.35
CA SER D 416 43.69 34.93 34.85
C SER D 416 43.47 36.16 33.98
N GLY D 417 43.15 35.93 32.69
CA GLY D 417 42.98 37.03 31.76
C GLY D 417 41.77 37.90 32.08
N LEU D 418 40.70 37.29 32.58
CA LEU D 418 39.46 38.03 32.79
C LEU D 418 39.62 39.06 33.89
N SER D 419 38.81 40.12 33.81
CA SER D 419 38.90 41.22 34.75
C SER D 419 38.14 40.83 36.01
N GLY D 420 38.65 41.25 37.15
CA GLY D 420 38.04 40.95 38.42
C GLY D 420 39.15 40.67 39.43
N ASP D 421 38.79 40.78 40.71
CA ASP D 421 39.75 40.45 41.75
C ASP D 421 39.93 38.94 41.91
N GLY D 422 38.95 38.15 41.46
CA GLY D 422 39.10 36.70 41.53
C GLY D 422 40.27 36.20 40.71
N SER D 423 40.42 36.74 39.49
CA SER D 423 41.53 36.35 38.63
C SER D 423 42.87 36.73 39.23
N SER D 424 42.90 37.76 40.08
CA SER D 424 44.18 38.21 40.62
C SER D 424 44.81 37.13 41.48
N ILE D 425 43.99 36.29 42.12
CA ILE D 425 44.55 35.20 42.90
C ILE D 425 45.27 34.25 41.97
N LEU D 426 44.65 33.93 40.82
CA LEU D 426 45.23 32.98 39.89
C LEU D 426 46.41 33.59 39.15
N SER D 427 46.59 34.91 39.24
CA SER D 427 47.69 35.55 38.53
C SER D 427 49.02 35.06 39.07
N LEU D 428 49.13 34.96 40.39
CA LEU D 428 50.37 34.55 41.04
C LEU D 428 50.53 33.04 40.96
N THR D 429 51.78 32.61 40.83
CA THR D 429 52.09 31.19 40.71
C THR D 429 51.85 30.46 42.04
N GLY D 430 51.22 29.30 41.97
CA GLY D 430 50.99 28.52 43.17
C GLY D 430 49.99 27.40 42.95
N THR D 431 49.62 26.77 44.04
CA THR D 431 48.64 25.69 44.06
C THR D 431 47.35 26.11 44.76
N TYR D 432 46.22 25.95 44.08
CA TYR D 432 44.92 26.42 44.52
C TYR D 432 43.90 25.27 44.39
N ARG D 433 42.63 25.59 44.57
CA ARG D 433 41.53 24.65 44.42
C ARG D 433 40.44 25.32 43.61
N ILE D 434 39.76 24.55 42.75
CA ILE D 434 38.68 25.10 41.95
C ILE D 434 37.49 24.16 42.04
N GLY D 435 36.30 24.73 42.22
CA GLY D 435 35.11 23.93 42.39
C GLY D 435 33.91 24.56 41.70
N VAL D 436 32.90 23.72 41.49
CA VAL D 436 31.65 24.13 40.88
C VAL D 436 30.54 23.91 41.90
N ILE D 437 29.50 24.73 41.79
CA ILE D 437 28.35 24.70 42.69
C ILE D 437 27.09 25.01 41.89
N ASP D 438 25.98 24.40 42.28
CA ASP D 438 24.71 24.62 41.59
C ASP D 438 24.16 26.00 41.97
N ALA D 439 23.04 26.36 41.36
CA ALA D 439 22.31 27.61 41.59
C ALA D 439 21.59 27.65 42.93
N SER D 440 21.79 26.69 43.83
CA SER D 440 21.15 26.73 45.13
C SER D 440 21.55 27.94 45.96
N ASP D 441 22.72 28.52 45.69
CA ASP D 441 23.12 29.73 46.39
C ASP D 441 22.16 30.89 46.10
N ALA D 442 22.08 31.30 44.83
CA ALA D 442 21.21 32.40 44.40
C ALA D 442 21.41 33.64 45.26
N ASP D 443 22.68 34.07 45.36
CA ASP D 443 23.08 35.18 46.22
C ASP D 443 22.68 34.90 47.68
N VAL D 444 22.91 33.66 48.12
CA VAL D 444 22.63 33.16 49.47
C VAL D 444 21.29 33.65 49.99
N GLY D 445 20.34 33.86 49.08
CA GLY D 445 19.04 34.39 49.45
C GLY D 445 18.87 35.83 49.01
N GLY D 446 18.15 36.05 47.91
CA GLY D 446 17.95 37.39 47.41
C GLY D 446 17.70 37.42 45.91
N ASP D 447 18.41 38.31 45.22
CA ASP D 447 18.27 38.42 43.78
C ASP D 447 18.78 37.16 43.08
N GLY D 448 18.19 36.85 41.93
CA GLY D 448 18.55 35.67 41.18
C GLY D 448 19.87 35.79 40.43
N SER D 449 20.97 35.92 41.18
CA SER D 449 22.29 36.03 40.58
C SER D 449 23.33 35.54 41.58
N VAL D 450 24.36 34.88 41.06
CA VAL D 450 25.42 34.31 41.89
C VAL D 450 26.45 35.41 42.12
N ASP D 451 26.29 36.15 43.21
CA ASP D 451 27.22 37.23 43.58
C ASP D 451 27.46 37.17 45.09
N ASP D 452 28.45 36.36 45.48
CA ASP D 452 28.89 36.19 46.87
C ASP D 452 30.28 35.57 46.87
N SER D 453 30.82 35.37 48.07
CA SER D 453 32.02 34.56 48.28
C SER D 453 31.71 33.56 49.38
N LEU D 454 31.13 32.42 49.01
CA LEU D 454 30.67 31.45 49.98
C LEU D 454 31.84 30.87 50.76
N THR D 455 31.67 30.72 52.07
CA THR D 455 32.71 30.16 52.92
C THR D 455 32.74 28.65 52.77
N THR D 456 33.58 27.97 53.57
CA THR D 456 33.67 26.53 53.48
C THR D 456 32.36 25.84 53.84
N SER D 457 31.71 26.32 54.92
CA SER D 457 30.45 25.71 55.33
C SER D 457 29.36 25.94 54.28
N GLU D 458 29.27 27.16 53.75
CA GLU D 458 28.25 27.45 52.76
C GLU D 458 28.49 26.69 51.47
N PHE D 459 29.75 26.61 51.04
CA PHE D 459 30.07 25.91 49.81
C PHE D 459 29.83 24.41 49.94
N THR D 460 30.18 23.84 51.09
CA THR D 460 30.03 22.41 51.28
C THR D 460 28.57 22.02 51.53
N SER D 461 27.79 22.92 52.14
CA SER D 461 26.42 22.58 52.51
C SER D 461 25.59 22.23 51.30
N GLY D 462 25.68 23.04 50.24
CA GLY D 462 24.97 22.75 49.01
C GLY D 462 25.71 21.71 48.19
N VAL D 463 25.07 21.32 47.08
CA VAL D 463 25.70 20.39 46.16
C VAL D 463 26.82 21.11 45.41
N SER D 464 28.01 20.53 45.42
CA SER D 464 29.19 21.16 44.85
C SER D 464 30.29 20.11 44.72
N SER D 465 31.41 20.51 44.13
CA SER D 465 32.57 19.63 44.06
C SER D 465 33.79 20.45 43.72
N SER D 466 34.94 20.09 44.29
CA SER D 466 36.18 20.82 44.06
C SER D 466 37.32 19.86 43.76
N ASN D 467 38.29 20.36 43.01
CA ASN D 467 39.47 19.60 42.63
C ASN D 467 40.70 20.50 42.68
N SER D 468 41.84 19.90 42.99
CA SER D 468 43.09 20.64 43.14
C SER D 468 43.61 21.08 41.78
N ILE D 469 44.05 22.32 41.69
CA ILE D 469 44.60 22.88 40.45
C ILE D 469 45.82 23.70 40.82
N ARG D 470 46.84 23.68 39.98
CA ARG D 470 48.00 24.54 40.20
C ARG D 470 48.35 25.28 38.92
N VAL D 471 48.84 26.50 39.07
CA VAL D 471 49.15 27.36 37.95
C VAL D 471 50.67 27.41 37.76
N THR D 472 51.08 27.27 36.51
CA THR D 472 52.48 27.25 36.13
C THR D 472 52.78 28.51 35.32
N ASP D 473 53.97 29.06 35.48
CA ASP D 473 54.32 30.28 34.76
C ASP D 473 54.43 29.98 33.26
N GLN D 474 54.34 31.03 32.45
CA GLN D 474 54.37 30.87 31.00
C GLN D 474 55.75 30.48 30.51
N GLU E 1 -24.39 37.48 20.16
CA GLU E 1 -24.49 37.91 18.77
C GLU E 1 -23.78 36.89 17.89
N ARG E 2 -24.10 36.88 16.59
CA ARG E 2 -23.44 36.03 15.62
C ARG E 2 -22.83 36.93 14.56
N GLY E 3 -21.54 36.73 14.27
CA GLY E 3 -20.83 37.63 13.40
C GLY E 3 -19.94 38.55 14.21
N ASN E 4 -20.46 38.96 15.37
CA ASN E 4 -19.70 39.74 16.36
C ASN E 4 -19.73 38.92 17.63
N LEU E 5 -18.85 37.92 17.69
CA LEU E 5 -18.90 36.94 18.77
C LEU E 5 -18.44 37.53 20.09
N ASP E 6 -17.42 38.39 20.07
CA ASP E 6 -16.88 38.93 21.31
C ASP E 6 -17.67 40.11 21.85
N ALA E 7 -18.63 40.65 21.11
CA ALA E 7 -19.48 41.69 21.66
C ALA E 7 -20.23 41.22 22.90
N ASP E 8 -20.45 39.92 23.05
CA ASP E 8 -21.19 39.38 24.18
C ASP E 8 -20.37 38.39 25.00
N SER E 9 -19.06 38.30 24.76
CA SER E 9 -18.15 37.42 25.48
C SER E 9 -18.57 35.95 25.38
N GLU E 10 -19.39 35.62 24.40
CA GLU E 10 -19.82 34.25 24.18
C GLU E 10 -18.79 33.49 23.35
N SER E 11 -18.41 32.30 23.81
CA SER E 11 -17.47 31.50 23.03
C SER E 11 -18.07 31.03 21.72
N PHE E 12 -19.37 30.73 21.70
CA PHE E 12 -19.99 30.17 20.52
C PHE E 12 -21.44 30.64 20.47
N ASN E 13 -22.00 30.68 19.27
CA ASN E 13 -23.41 31.02 19.11
C ASN E 13 -24.00 30.11 18.06
N LYS E 14 -25.17 29.52 18.35
CA LYS E 14 -25.75 28.54 17.44
C LYS E 14 -27.17 28.90 17.03
N THR E 15 -27.58 30.16 17.18
CA THR E 15 -28.88 30.61 16.72
C THR E 15 -28.68 31.28 15.37
N ILE E 16 -29.34 30.78 14.34
CA ILE E 16 -29.12 31.26 12.98
C ILE E 16 -30.29 32.14 12.57
N GLN E 17 -29.99 33.32 12.05
CA GLN E 17 -31.03 34.19 11.50
C GLN E 17 -31.04 34.08 9.98
N SER E 18 -32.18 34.46 9.39
CA SER E 18 -32.35 34.35 7.95
C SER E 18 -31.25 35.13 7.24
N GLY E 19 -30.63 34.54 6.23
CA GLY E 19 -29.67 35.25 5.41
C GLY E 19 -28.22 34.98 5.74
N ASP E 20 -27.95 34.37 6.88
CA ASP E 20 -26.58 34.21 7.37
C ASP E 20 -25.90 33.04 6.68
N ARG E 21 -24.68 32.73 7.12
CA ARG E 21 -23.89 31.63 6.58
C ARG E 21 -23.79 30.52 7.62
N VAL E 22 -23.79 29.28 7.15
CA VAL E 22 -23.67 28.11 8.00
C VAL E 22 -22.54 27.23 7.45
N PHE E 23 -21.79 26.60 8.35
CA PHE E 23 -20.63 25.81 7.95
C PHE E 23 -20.97 24.33 7.99
N LEU E 24 -20.00 23.51 7.56
CA LEU E 24 -20.27 22.09 7.34
C LEU E 24 -20.47 21.33 8.64
N GLY E 25 -19.63 21.56 9.64
CA GLY E 25 -19.72 20.73 10.82
C GLY E 25 -20.57 21.28 11.93
N GLU E 26 -21.39 22.28 11.64
CA GLU E 26 -22.15 22.93 12.69
C GLU E 26 -23.24 22.02 13.23
N GLU E 27 -23.76 22.38 14.40
CA GLU E 27 -24.90 21.71 15.02
C GLU E 27 -25.90 22.80 15.39
N ILE E 28 -26.75 23.18 14.43
CA ILE E 28 -27.71 24.27 14.64
C ILE E 28 -28.51 24.03 15.91
N SER E 29 -28.88 25.11 16.59
CA SER E 29 -29.71 25.00 17.79
C SER E 29 -31.18 25.02 17.39
N THR E 30 -31.95 24.06 17.89
CA THR E 30 -33.37 23.97 17.60
C THR E 30 -34.23 24.69 18.60
N ASP E 31 -33.64 25.23 19.68
CA ASP E 31 -34.43 25.86 20.73
C ASP E 31 -35.11 27.13 20.24
N ALA E 32 -34.38 27.97 19.50
CA ALA E 32 -34.89 29.27 19.10
C ALA E 32 -34.31 29.63 17.74
N GLY E 33 -34.90 30.64 17.11
CA GLY E 33 -34.40 31.10 15.84
C GLY E 33 -34.86 30.19 14.71
N LEU E 34 -34.01 30.09 13.68
CA LEU E 34 -34.34 29.32 12.48
C LEU E 34 -33.96 27.85 12.67
N GLY E 35 -34.33 27.30 13.83
CA GLY E 35 -34.08 25.91 14.15
C GLY E 35 -35.38 25.23 14.54
N ALA E 36 -36.38 26.06 14.82
CA ALA E 36 -37.73 25.59 15.12
C ALA E 36 -38.78 26.23 14.21
N SER E 37 -38.46 27.36 13.59
CA SER E 37 -39.38 28.04 12.68
C SER E 37 -39.31 27.48 11.26
N ASN E 38 -38.26 26.73 10.93
CA ASN E 38 -38.13 26.10 9.63
C ASN E 38 -37.04 25.03 9.71
N PRO E 39 -37.37 23.84 10.24
CA PRO E 39 -36.34 22.81 10.44
C PRO E 39 -35.65 22.31 9.19
N LEU E 40 -36.38 22.06 8.10
CA LEU E 40 -35.78 21.54 6.88
C LEU E 40 -35.91 22.51 5.71
N LEU E 41 -34.87 22.52 4.86
CA LEU E 41 -34.75 23.41 3.72
C LEU E 41 -34.34 22.59 2.51
N THR E 42 -34.47 23.17 1.32
CA THR E 42 -34.12 22.48 0.09
C THR E 42 -33.23 23.35 -0.77
N GLY E 43 -32.51 22.71 -1.69
CA GLY E 43 -31.56 23.43 -2.52
C GLY E 43 -32.28 24.35 -3.49
N THR E 44 -31.60 25.43 -3.88
CA THR E 44 -32.24 26.41 -4.76
C THR E 44 -31.74 26.34 -6.20
N ALA E 45 -30.42 26.35 -6.40
CA ALA E 45 -29.88 26.41 -7.75
C ALA E 45 -28.58 25.63 -7.83
N GLY E 46 -28.21 25.25 -9.06
CA GLY E 46 -26.95 24.57 -9.28
C GLY E 46 -26.96 23.14 -8.77
N ASN E 47 -25.78 22.69 -8.34
CA ASN E 47 -25.64 21.32 -7.86
C ASN E 47 -26.54 21.08 -6.65
N SER E 48 -26.69 22.11 -5.80
CA SER E 48 -27.50 21.98 -4.60
C SER E 48 -28.97 21.76 -4.91
N GLU E 49 -29.40 22.13 -6.12
CA GLU E 49 -30.82 22.10 -6.45
C GLU E 49 -31.39 20.71 -6.25
N GLY E 50 -32.51 20.64 -5.54
CA GLY E 50 -33.23 19.40 -5.32
C GLY E 50 -32.84 18.67 -4.06
N VAL E 51 -31.66 18.97 -3.50
CA VAL E 51 -31.18 18.25 -2.33
C VAL E 51 -31.84 18.82 -1.09
N SER E 52 -31.86 18.05 -0.01
CA SER E 52 -32.55 18.44 1.21
C SER E 52 -31.55 18.60 2.34
N LEU E 53 -31.65 19.70 3.07
CA LEU E 53 -30.84 19.97 4.25
C LEU E 53 -31.74 19.95 5.47
N ASP E 54 -31.41 19.13 6.47
CA ASP E 54 -32.16 19.11 7.71
C ASP E 54 -31.33 19.79 8.79
N LEU E 55 -31.84 20.94 9.27
CA LEU E 55 -31.09 21.71 10.25
C LEU E 55 -30.99 20.99 11.59
N SER E 56 -32.02 20.23 11.96
CA SER E 56 -32.05 19.60 13.28
C SER E 56 -30.87 18.65 13.46
N SER E 57 -30.60 17.81 12.48
CA SER E 57 -29.48 16.90 12.57
C SER E 57 -28.17 17.61 12.24
N PRO E 58 -27.04 17.10 12.74
CA PRO E 58 -25.75 17.69 12.39
C PRO E 58 -25.53 17.66 10.89
N ILE E 59 -25.10 18.79 10.35
CA ILE E 59 -24.87 18.86 8.90
C ILE E 59 -23.73 17.93 8.52
N PRO E 60 -23.88 17.10 7.50
CA PRO E 60 -22.81 16.16 7.14
C PRO E 60 -21.55 16.88 6.68
N GLN E 61 -20.42 16.22 6.91
CA GLN E 61 -19.12 16.66 6.44
C GLN E 61 -18.92 16.04 5.06
N THR E 62 -17.70 16.09 4.53
CA THR E 62 -17.16 15.44 3.34
C THR E 62 -17.60 16.12 2.04
N THR E 63 -18.56 17.05 2.08
CA THR E 63 -19.02 17.83 0.94
C THR E 63 -19.58 16.94 -0.16
N GLU E 64 -19.83 15.69 0.15
CA GLU E 64 -20.49 14.73 -0.73
C GLU E 64 -21.82 14.39 -0.09
N ASN E 65 -22.85 14.20 -0.92
CA ASN E 65 -24.20 13.92 -0.46
C ASN E 65 -24.84 15.17 0.13
N GLN E 66 -24.05 16.23 0.31
CA GLN E 66 -24.56 17.53 0.74
C GLN E 66 -23.81 18.62 -0.02
N PRO E 67 -24.16 18.83 -1.29
CA PRO E 67 -23.43 19.79 -2.12
C PRO E 67 -23.58 21.22 -1.62
N LEU E 68 -22.48 21.98 -1.73
CA LEU E 68 -22.46 23.37 -1.27
C LEU E 68 -23.35 24.24 -2.15
N GLY E 69 -23.99 25.23 -1.53
CA GLY E 69 -24.93 26.07 -2.25
C GLY E 69 -25.80 26.86 -1.29
N THR E 70 -26.88 27.40 -1.83
CA THR E 70 -27.86 28.15 -1.07
C THR E 70 -29.13 27.32 -0.92
N TYR E 71 -29.72 27.35 0.28
CA TYR E 71 -30.87 26.53 0.59
C TYR E 71 -32.05 27.40 1.00
N ASP E 72 -33.21 27.08 0.44
CA ASP E 72 -34.47 27.80 0.63
C ASP E 72 -35.54 26.77 0.96
N VAL E 73 -36.45 27.13 1.88
CA VAL E 73 -37.45 26.15 2.30
C VAL E 73 -38.38 25.77 1.15
N ASP E 74 -38.84 26.76 0.39
CA ASP E 74 -39.83 26.48 -0.65
C ASP E 74 -39.27 25.60 -1.75
N GLY E 75 -38.03 25.83 -2.15
CA GLY E 75 -37.47 25.14 -3.30
C GLY E 75 -36.69 26.15 -4.11
N SER E 76 -36.56 25.94 -5.41
CA SER E 76 -35.92 26.95 -6.24
C SER E 76 -36.75 28.23 -6.18
N GLY E 77 -36.10 29.32 -5.80
CA GLY E 77 -36.80 30.58 -5.63
C GLY E 77 -35.86 31.75 -5.65
N SER E 78 -36.43 32.93 -5.90
CA SER E 78 -35.67 34.16 -5.81
C SER E 78 -36.36 35.19 -4.91
N ALA E 79 -37.53 34.89 -4.39
CA ALA E 79 -38.26 35.80 -3.53
C ALA E 79 -37.64 35.75 -2.15
N THR E 80 -37.83 36.81 -1.37
CA THR E 80 -37.32 36.76 -0.01
C THR E 80 -38.02 35.65 0.75
N THR E 81 -37.24 34.75 1.34
CA THR E 81 -37.74 33.64 2.13
C THR E 81 -36.60 33.20 3.05
N PRO E 82 -36.90 32.45 4.14
CA PRO E 82 -35.78 31.92 4.93
C PRO E 82 -34.79 31.18 4.05
N ASN E 83 -33.56 31.67 3.96
CA ASN E 83 -32.53 31.06 3.14
C ASN E 83 -31.19 31.12 3.87
N VAL E 84 -30.28 30.24 3.47
CA VAL E 84 -28.96 30.19 4.11
C VAL E 84 -27.95 29.65 3.11
N THR E 85 -26.70 30.10 3.24
CA THR E 85 -25.64 29.72 2.31
C THR E 85 -24.60 28.86 3.02
N LEU E 86 -24.37 27.66 2.50
CA LEU E 86 -23.45 26.73 3.11
C LEU E 86 -22.03 27.04 2.67
N LEU E 87 -21.10 27.12 3.62
CA LEU E 87 -19.71 27.37 3.26
C LEU E 87 -18.82 26.40 4.03
N ALA E 88 -17.65 26.12 3.45
CA ALA E 88 -16.70 25.21 4.07
C ALA E 88 -15.84 25.92 5.12
N PRO E 89 -15.43 25.23 6.18
CA PRO E 89 -14.49 25.82 7.13
C PRO E 89 -13.08 25.76 6.58
N ARG E 90 -12.21 26.62 7.13
CA ARG E 90 -10.84 26.82 6.69
C ARG E 90 -10.15 27.74 7.68
N ILE E 91 -8.83 27.56 7.81
CA ILE E 91 -7.94 28.51 8.49
C ILE E 91 -6.80 28.81 7.53
N THR E 92 -6.76 30.04 7.03
CA THR E 92 -5.90 30.31 5.89
C THR E 92 -4.42 30.34 6.27
N ASP E 93 -4.08 30.81 7.45
CA ASP E 93 -2.65 30.92 7.77
C ASP E 93 -2.41 30.90 9.26
N SER E 94 -1.27 30.39 9.67
CA SER E 94 -0.94 30.39 11.09
C SER E 94 0.57 30.52 11.26
N GLU E 95 0.99 31.16 12.35
CA GLU E 95 2.42 31.35 12.55
C GLU E 95 2.72 31.60 14.02
N ILE E 96 3.99 31.39 14.37
CA ILE E 96 4.53 31.68 15.70
C ILE E 96 5.64 32.70 15.50
N LEU E 97 5.47 33.89 16.06
CA LEU E 97 6.43 34.96 15.87
C LEU E 97 7.10 35.33 17.19
N THR E 98 8.40 35.61 17.13
CA THR E 98 9.13 36.09 18.28
C THR E 98 8.69 37.52 18.57
N SER E 99 8.95 38.00 19.79
CA SER E 99 8.46 39.32 20.16
C SER E 99 9.02 40.38 19.23
N SER E 100 10.30 40.26 18.86
CA SER E 100 10.88 41.17 17.88
C SER E 100 10.19 41.01 16.53
N GLY E 101 9.83 39.78 16.18
CA GLY E 101 9.25 39.44 14.91
C GLY E 101 10.08 38.39 14.18
N GLY E 102 9.48 37.83 13.15
CA GLY E 102 10.17 36.75 12.46
C GLY E 102 9.66 35.37 12.83
N ASP E 103 9.39 34.53 11.84
CA ASP E 103 8.83 33.22 12.09
C ASP E 103 9.91 32.30 12.64
N VAL E 104 9.52 31.42 13.55
CA VAL E 104 10.44 30.42 14.08
C VAL E 104 9.75 29.05 14.05
N THR E 105 8.64 28.96 13.32
CA THR E 105 7.88 27.72 13.31
C THR E 105 8.71 26.61 12.68
N GLY E 106 8.53 25.39 13.21
CA GLY E 106 9.22 24.24 12.67
C GLY E 106 10.71 24.27 12.86
N SER E 107 11.23 25.17 13.69
CA SER E 107 12.66 25.37 13.88
C SER E 107 12.97 25.47 15.36
N ALA E 108 14.12 24.93 15.76
CA ALA E 108 14.52 24.96 17.15
C ALA E 108 14.85 26.38 17.59
N ILE E 109 14.47 26.71 18.81
CA ILE E 109 14.71 28.04 19.38
C ILE E 109 15.38 27.89 20.73
N SER E 110 16.28 28.82 21.05
CA SER E 110 16.95 28.80 22.34
C SER E 110 15.95 28.96 23.47
N SER E 111 16.21 28.25 24.58
CA SER E 111 15.34 28.33 25.73
C SER E 111 15.32 29.74 26.32
N SER E 112 16.47 30.42 26.30
CA SER E 112 16.55 31.76 26.85
C SER E 112 15.66 32.75 26.11
N ASP E 113 15.65 32.66 24.78
CA ASP E 113 14.89 33.62 23.98
C ASP E 113 13.43 33.22 23.81
N ALA E 114 13.08 31.99 24.16
CA ALA E 114 11.70 31.51 24.01
C ALA E 114 10.86 31.90 25.22
N GLY E 115 10.81 33.20 25.48
CA GLY E 115 10.08 33.65 26.66
C GLY E 115 8.96 34.63 26.36
N ASN E 116 8.90 35.12 25.13
CA ASN E 116 7.89 36.09 24.74
C ASN E 116 7.30 35.73 23.39
N LEU E 117 7.10 34.45 23.13
CA LEU E 117 6.61 34.04 21.82
C LEU E 117 5.15 34.42 21.66
N TYR E 118 4.71 34.54 20.41
CA TYR E 118 3.31 34.84 20.12
C TYR E 118 2.81 33.88 19.05
N VAL E 119 1.52 33.60 19.09
CA VAL E 119 0.86 32.77 18.08
C VAL E 119 -0.26 33.59 17.46
N ASN E 120 -0.25 33.69 16.13
CA ASN E 120 -1.24 34.45 15.38
C ASN E 120 -1.72 33.62 14.20
N ALA E 121 -2.96 33.87 13.77
CA ALA E 121 -3.51 33.08 12.67
C ALA E 121 -4.64 33.85 12.00
N ASP E 122 -4.96 33.41 10.78
CA ASP E 122 -6.08 33.92 10.00
C ASP E 122 -6.95 32.72 9.64
N TYR E 123 -8.25 32.82 9.97
CA TYR E 123 -9.20 31.73 9.76
C TYR E 123 -10.47 32.25 9.12
N ASN E 124 -11.17 31.36 8.41
CA ASN E 124 -12.40 31.76 7.74
C ASN E 124 -13.61 31.82 8.65
N TYR E 125 -13.69 30.92 9.64
CA TYR E 125 -14.88 30.81 10.49
C TYR E 125 -14.76 31.71 11.72
N GLU E 126 -15.04 32.99 11.52
CA GLU E 126 -15.03 33.93 12.63
C GLU E 126 -16.43 34.29 13.13
N SER E 127 -17.45 34.18 12.28
CA SER E 127 -18.79 34.53 12.72
C SER E 127 -19.37 33.49 13.69
N ALA E 128 -18.95 32.23 13.61
CA ALA E 128 -19.57 31.20 14.44
C ALA E 128 -18.76 30.83 15.69
N GLU E 129 -17.51 30.41 15.52
CA GLU E 129 -16.72 29.93 16.64
C GLU E 129 -15.29 30.43 16.57
N LYS E 130 -14.71 30.73 17.72
CA LYS E 130 -13.30 31.08 17.71
C LYS E 130 -12.48 29.79 17.66
N VAL E 131 -11.17 29.92 17.45
CA VAL E 131 -10.30 28.76 17.29
C VAL E 131 -9.40 28.63 18.51
N GLU E 132 -9.33 27.42 19.06
CA GLU E 132 -8.60 27.14 20.27
C GLU E 132 -7.15 26.80 19.92
N VAL E 133 -6.29 26.99 20.91
CA VAL E 133 -4.88 26.61 20.87
C VAL E 133 -4.60 25.66 22.03
N THR E 134 -3.92 24.55 21.72
CA THR E 134 -3.57 23.55 22.72
C THR E 134 -2.11 23.15 22.52
N VAL E 135 -1.26 23.53 23.47
CA VAL E 135 0.14 23.14 23.41
C VAL E 135 0.31 21.76 24.01
N GLU E 136 1.04 20.89 23.31
CA GLU E 136 1.25 19.51 23.73
C GLU E 136 2.74 19.25 23.86
N ASP E 137 3.12 18.65 24.99
CA ASP E 137 4.49 18.26 25.25
C ASP E 137 4.86 17.04 24.41
N PRO E 138 6.17 16.76 24.27
CA PRO E 138 6.56 15.55 23.54
C PRO E 138 5.98 14.29 24.15
N SER E 139 5.71 14.29 25.45
CA SER E 139 5.05 13.17 26.09
C SER E 139 3.59 13.03 25.67
N GLY E 140 2.99 14.10 25.15
CA GLY E 140 1.61 14.06 24.70
C GLY E 140 0.63 14.46 25.78
N THR E 141 0.81 15.66 26.33
CA THR E 141 -0.04 16.16 27.40
C THR E 141 -0.30 17.64 27.18
N ASP E 142 -1.50 18.09 27.51
CA ASP E 142 -1.92 19.47 27.28
C ASP E 142 -1.22 20.35 28.30
N ILE E 143 -0.31 21.21 27.83
CA ILE E 143 0.42 22.12 28.70
C ILE E 143 -0.02 23.57 28.51
N THR E 144 -1.22 23.79 27.97
CA THR E 144 -1.64 25.15 27.63
C THR E 144 -1.71 26.04 28.88
N ASN E 145 -2.25 25.52 29.97
CA ASN E 145 -2.46 26.33 31.17
C ASN E 145 -1.16 26.78 31.81
N GLU E 146 -0.06 26.06 31.56
CA GLU E 146 1.21 26.40 32.19
C GLU E 146 1.92 27.54 31.48
N VAL E 147 1.85 27.58 30.15
CA VAL E 147 2.60 28.58 29.37
C VAL E 147 1.76 29.81 29.04
N LEU E 148 0.46 29.78 29.28
CA LEU E 148 -0.39 30.93 28.96
C LEU E 148 0.09 32.15 29.74
N SER E 149 -0.02 33.34 29.13
CA SER E 149 0.50 34.56 29.75
C SER E 149 -0.53 35.71 29.73
N GLY E 150 -1.58 35.61 30.54
CA GLY E 150 -2.49 36.72 30.68
C GLY E 150 -3.54 36.94 29.62
N THR E 151 -3.73 36.01 28.67
CA THR E 151 -4.71 36.20 27.61
C THR E 151 -5.56 34.95 27.46
N ASP E 152 -6.84 35.15 27.15
CA ASP E 152 -7.71 34.00 26.96
C ASP E 152 -7.27 33.18 25.76
N THR E 153 -7.66 31.91 25.77
CA THR E 153 -7.23 30.95 24.76
C THR E 153 -7.67 31.37 23.36
N PHE E 154 -8.73 32.17 23.26
CA PHE E 154 -9.29 32.53 21.97
C PHE E 154 -8.40 33.54 21.25
N VAL E 155 -8.06 33.22 19.99
CA VAL E 155 -7.30 34.13 19.14
C VAL E 155 -8.25 34.72 18.11
N ASP E 156 -8.08 36.00 17.79
CA ASP E 156 -9.02 36.67 16.94
C ASP E 156 -8.64 36.51 15.47
N ASP E 157 -9.57 36.93 14.59
CA ASP E 157 -9.33 36.91 13.16
C ASP E 157 -8.34 38.00 12.78
N GLY E 158 -7.67 37.81 11.64
CA GLY E 158 -6.63 38.74 11.28
C GLY E 158 -5.51 38.70 12.29
N SER E 159 -5.02 39.88 12.67
CA SER E 159 -4.01 40.00 13.72
C SER E 159 -2.75 39.22 13.40
N ILE E 160 -2.52 38.91 12.13
CA ILE E 160 -1.27 38.27 11.72
C ILE E 160 -0.20 39.35 11.61
N GLY E 161 0.97 39.06 12.17
CA GLY E 161 2.05 40.03 12.25
C GLY E 161 2.02 40.85 13.51
N SER E 162 1.14 40.54 14.44
CA SER E 162 0.99 41.29 15.69
C SER E 162 2.07 40.86 16.67
N THR E 163 2.98 41.76 16.99
CA THR E 163 4.08 41.46 17.91
C THR E 163 3.77 41.90 19.33
N SER E 164 2.58 42.44 19.56
CA SER E 164 2.19 42.97 20.86
C SER E 164 0.91 42.30 21.32
N SER E 165 0.72 42.25 22.64
CA SER E 165 -0.47 41.63 23.21
C SER E 165 -1.73 42.44 22.91
N THR E 166 -1.60 43.71 22.52
CA THR E 166 -2.78 44.51 22.20
C THR E 166 -3.56 43.89 21.04
N GLY E 167 -2.86 43.46 19.99
CA GLY E 167 -3.53 42.80 18.89
C GLY E 167 -3.90 41.38 19.23
N GLY E 168 -4.82 40.82 18.43
CA GLY E 168 -5.18 39.42 18.62
C GLY E 168 -3.95 38.54 18.56
N GLY E 169 -3.95 37.47 19.34
CA GLY E 169 -2.87 36.50 19.35
C GLY E 169 -2.64 36.09 20.79
N VAL E 170 -2.03 34.92 20.98
CA VAL E 170 -1.77 34.43 22.32
C VAL E 170 -0.27 34.45 22.60
N GLY E 171 0.09 34.90 23.80
CA GLY E 171 1.48 34.96 24.20
C GLY E 171 1.83 33.72 25.01
N ILE E 172 2.94 33.10 24.64
CA ILE E 172 3.46 31.93 25.36
C ILE E 172 4.86 32.23 25.86
N ASP E 173 5.11 31.92 27.13
CA ASP E 173 6.40 32.06 27.78
C ASP E 173 6.91 30.63 27.93
N MET E 174 7.68 30.19 26.93
CA MET E 174 8.16 28.82 26.84
C MET E 174 9.56 28.67 27.44
N SER E 175 9.99 29.64 28.25
CA SER E 175 11.30 29.59 28.88
C SER E 175 11.41 28.49 29.95
N ASP E 176 10.36 28.28 30.75
CA ASP E 176 10.50 27.34 31.85
C ASP E 176 10.55 25.88 31.43
N GLN E 177 9.92 25.52 30.32
CA GLN E 177 9.83 24.12 29.98
C GLN E 177 11.18 23.57 29.54
N ASP E 178 11.35 22.26 29.68
CA ASP E 178 12.60 21.60 29.34
C ASP E 178 12.73 21.43 27.82
N ALA E 179 13.81 20.78 27.40
CA ALA E 179 14.07 20.54 25.99
C ALA E 179 13.19 19.42 25.45
N GLY E 180 12.64 19.63 24.26
CA GLY E 180 11.83 18.60 23.63
C GLY E 180 11.10 19.17 22.44
N GLU E 181 10.29 18.32 21.81
CA GLU E 181 9.52 18.72 20.64
C GLU E 181 8.06 18.89 21.05
N TYR E 182 7.52 20.08 20.83
CA TYR E 182 6.18 20.44 21.28
C TYR E 182 5.32 20.71 20.06
N THR E 183 4.04 20.37 20.17
CA THR E 183 3.11 20.53 19.06
C THR E 183 1.97 21.44 19.49
N ILE E 184 1.74 22.51 18.73
CA ILE E 184 0.64 23.41 18.99
C ILE E 184 -0.50 23.03 18.07
N ILE E 185 -1.67 22.80 18.64
CA ILE E 185 -2.83 22.33 17.89
C ILE E 185 -3.86 23.44 17.86
N LEU E 186 -4.36 23.76 16.68
CA LEU E 186 -5.41 24.75 16.54
C LEU E 186 -6.64 24.05 16.02
N GLU E 187 -7.78 24.29 16.66
CA GLU E 187 -9.01 23.64 16.22
C GLU E 187 -10.21 24.46 16.69
N GLY E 188 -11.36 24.24 16.06
CA GLY E 188 -12.51 25.05 16.39
C GLY E 188 -12.94 24.85 17.83
N ALA E 189 -13.70 25.82 18.34
CA ALA E 189 -14.08 25.81 19.75
C ALA E 189 -14.91 24.58 20.10
N GLU E 190 -15.92 24.27 19.29
CA GLU E 190 -16.85 23.20 19.64
C GLU E 190 -16.86 22.07 18.64
N ASP E 191 -17.22 22.34 17.39
CA ASP E 191 -17.43 21.29 16.40
C ASP E 191 -16.46 21.33 15.23
N LEU E 192 -15.94 22.51 14.86
CA LEU E 192 -15.10 22.62 13.67
C LEU E 192 -13.66 22.25 14.03
N ASP E 193 -13.43 20.95 14.20
CA ASP E 193 -12.12 20.44 14.59
C ASP E 193 -11.65 19.33 13.66
N PHE E 194 -12.35 19.09 12.56
CA PHE E 194 -12.03 18.01 11.64
C PHE E 194 -10.98 18.51 10.65
N GLY E 195 -10.76 17.73 9.59
CA GLY E 195 -9.80 18.09 8.56
C GLY E 195 -9.98 19.49 8.03
N ASP E 196 -8.87 20.13 7.67
CA ASP E 196 -8.84 21.49 7.12
C ASP E 196 -9.32 22.56 8.10
N ALA E 197 -9.83 22.15 9.27
CA ALA E 197 -10.18 23.10 10.31
C ALA E 197 -9.24 23.04 11.49
N THR E 198 -8.22 22.18 11.45
CA THR E 198 -7.27 22.03 12.54
C THR E 198 -5.86 22.02 11.96
N GLU E 199 -4.90 22.54 12.72
CA GLU E 199 -3.52 22.49 12.26
C GLU E 199 -2.57 22.17 13.40
N THR E 200 -1.58 21.33 13.13
CA THR E 200 -0.55 21.01 14.11
C THR E 200 0.76 21.67 13.67
N MET E 201 1.21 22.65 14.45
CA MET E 201 2.46 23.37 14.19
C MET E 201 3.53 22.87 15.16
N THR E 202 4.66 22.42 14.65
CA THR E 202 5.68 21.89 15.54
C THR E 202 6.58 23.01 16.03
N LEU E 203 7.33 22.72 17.09
CA LEU E 203 8.31 23.65 17.65
C LEU E 203 9.31 22.86 18.47
N THR E 204 10.58 23.17 18.33
CA THR E 204 11.63 22.43 19.03
C THR E 204 12.27 23.32 20.08
N ILE E 205 12.42 22.79 21.29
CA ILE E 205 13.08 23.44 22.41
C ILE E 205 14.39 22.71 22.67
N SER E 206 15.47 23.47 22.80
CA SER E 206 16.81 22.94 22.97
C SER E 206 17.63 23.98 23.71
N SER E 207 18.68 23.53 24.41
CA SER E 207 19.48 24.45 25.20
C SER E 207 20.94 24.44 24.79
N GLN E 208 21.38 23.48 23.98
CA GLN E 208 22.69 23.62 23.36
C GLN E 208 22.47 24.84 22.47
N ASP E 209 23.03 26.00 22.82
CA ASP E 209 22.59 27.19 22.12
C ASP E 209 23.70 28.10 21.62
N GLU E 210 24.95 27.65 21.66
CA GLU E 210 25.99 28.46 21.03
C GLU E 210 25.78 28.36 19.53
N ILE E 211 26.08 29.45 18.81
CA ILE E 211 25.99 29.37 17.36
C ILE E 211 26.95 28.28 16.90
N GLY E 212 26.40 27.26 16.23
CA GLY E 212 27.17 26.07 15.90
C GLY E 212 27.57 26.02 14.45
N ILE E 213 28.69 25.35 14.18
CA ILE E 213 29.20 25.19 12.83
C ILE E 213 29.57 23.72 12.64
N GLU E 214 29.18 23.14 11.52
CA GLU E 214 29.47 21.74 11.28
C GLU E 214 29.94 21.56 9.85
N LEU E 215 30.74 20.51 9.64
CA LEU E 215 31.26 20.17 8.32
C LEU E 215 30.85 18.74 7.97
N ASP E 216 30.48 18.52 6.71
CA ASP E 216 30.15 17.16 6.28
C ASP E 216 31.36 16.25 6.32
N SER E 217 32.57 16.81 6.27
CA SER E 217 33.81 16.05 6.36
C SER E 217 34.86 16.95 7.02
N GLU E 218 35.81 16.32 7.71
CA GLU E 218 36.88 17.06 8.34
C GLU E 218 38.24 16.85 7.69
N SER E 219 38.53 15.66 7.18
CA SER E 219 39.82 15.35 6.57
C SER E 219 39.65 15.33 5.05
N VAL E 220 40.16 16.37 4.38
CA VAL E 220 40.02 16.51 2.94
C VAL E 220 41.35 16.97 2.36
N THR E 221 41.45 16.86 1.03
CA THR E 221 42.61 17.34 0.30
C THR E 221 42.31 18.69 -0.34
N GLN E 222 43.30 19.25 -1.01
CA GLN E 222 43.09 20.51 -1.71
C GLN E 222 42.13 20.32 -2.88
N GLY E 223 41.35 21.38 -3.15
CA GLY E 223 40.44 21.39 -4.27
C GLY E 223 39.07 20.80 -3.98
N THR E 224 38.97 19.94 -2.98
CA THR E 224 37.68 19.33 -2.65
C THR E 224 36.79 20.35 -1.96
N ASP E 225 35.65 20.65 -2.59
CA ASP E 225 34.73 21.61 -2.00
C ASP E 225 34.09 21.02 -0.75
N VAL E 226 33.97 21.84 0.29
CA VAL E 226 33.36 21.40 1.55
C VAL E 226 32.18 22.29 1.89
N GLN E 227 31.07 21.68 2.28
CA GLN E 227 29.87 22.44 2.65
C GLN E 227 29.82 22.55 4.16
N TYR E 228 29.69 23.78 4.67
CA TYR E 228 29.60 24.02 6.10
C TYR E 228 28.22 24.53 6.48
N THR E 229 27.71 24.11 7.63
CA THR E 229 26.37 24.53 8.04
C THR E 229 26.42 25.24 9.39
N VAL E 230 25.70 26.35 9.49
CA VAL E 230 25.55 27.08 10.74
C VAL E 230 24.21 26.67 11.34
N THR E 231 24.21 26.41 12.64
CA THR E 231 23.08 25.84 13.36
C THR E 231 22.76 26.66 14.60
N ASN E 232 21.49 26.62 15.00
CA ASN E 232 20.99 27.24 16.24
C ASN E 232 21.21 28.75 16.27
N GLY E 233 20.61 29.45 15.30
CA GLY E 233 20.76 30.87 15.19
C GLY E 233 19.42 31.55 15.05
N ILE E 234 19.42 32.86 15.33
CA ILE E 234 18.21 33.66 15.19
C ILE E 234 17.87 33.84 13.72
N ASP E 235 16.61 33.60 13.36
CA ASP E 235 16.18 33.75 11.99
C ASP E 235 16.12 35.23 11.62
N GLY E 236 16.40 35.53 10.35
CA GLY E 236 16.31 36.88 9.86
C GLY E 236 17.51 37.75 10.12
N ASN E 237 18.56 37.21 10.74
CA ASN E 237 19.74 37.99 11.09
C ASN E 237 20.96 37.47 10.34
N GLU E 238 21.91 38.36 10.09
CA GLU E 238 23.08 38.06 9.26
C GLU E 238 24.30 37.80 10.12
N HIS E 239 24.81 36.56 10.08
CA HIS E 239 26.07 36.23 10.71
C HIS E 239 27.24 36.55 9.77
N VAL E 240 28.46 36.36 10.27
CA VAL E 240 29.68 36.57 9.51
C VAL E 240 30.64 35.40 9.73
N VAL E 241 31.04 34.77 8.63
CA VAL E 241 32.02 33.69 8.61
C VAL E 241 33.35 34.27 8.12
N ALA E 242 34.40 34.09 8.92
CA ALA E 242 35.70 34.70 8.69
C ALA E 242 36.74 33.67 8.24
N MET E 243 37.82 34.17 7.65
CA MET E 243 38.93 33.38 7.16
C MET E 243 40.24 34.11 7.43
N ASP E 244 41.17 33.45 8.12
CA ASP E 244 42.46 34.05 8.41
C ASP E 244 43.32 34.06 7.15
N LEU E 245 43.87 35.23 6.81
CA LEU E 245 44.65 35.30 5.59
C LEU E 245 45.99 34.58 5.71
N SER E 246 46.42 34.24 6.93
CA SER E 246 47.65 33.48 7.12
C SER E 246 47.55 32.09 6.52
N ASP E 247 46.36 31.47 6.57
CA ASP E 247 46.17 30.13 6.01
C ASP E 247 46.19 30.09 4.49
N LEU E 248 46.06 31.24 3.81
CA LEU E 248 46.08 31.22 2.36
C LEU E 248 47.48 30.88 1.85
N GLN E 249 47.52 30.32 0.64
CA GLN E 249 48.79 30.02 0.00
C GLN E 249 49.53 31.30 -0.34
N ASN E 250 50.87 31.26 -0.24
CA ASN E 250 51.68 32.45 -0.43
C ASN E 250 51.59 32.98 -1.85
N ASP E 251 51.48 32.10 -2.84
CA ASP E 251 51.54 32.49 -4.25
C ASP E 251 50.19 32.93 -4.81
N ALA E 252 49.24 33.29 -3.95
CA ALA E 252 47.93 33.67 -4.43
C ALA E 252 47.93 35.11 -4.92
N THR E 253 46.98 35.43 -5.80
CA THR E 253 46.82 36.77 -6.33
C THR E 253 45.57 37.41 -5.76
N THR E 254 45.33 38.66 -6.15
CA THR E 254 44.15 39.36 -5.64
C THR E 254 42.87 38.69 -6.12
N GLU E 255 42.79 38.39 -7.42
CA GLU E 255 41.62 37.71 -7.96
C GLU E 255 41.55 36.27 -7.46
N GLN E 256 42.70 35.69 -7.11
CA GLN E 256 42.73 34.30 -6.68
C GLN E 256 42.18 34.12 -5.26
N ALA E 257 42.17 35.19 -4.47
CA ALA E 257 41.69 35.10 -3.10
C ALA E 257 40.20 35.42 -2.97
N LYS E 258 39.57 36.01 -3.98
CA LYS E 258 38.18 36.40 -3.85
C LYS E 258 37.22 35.26 -4.17
N GLU E 259 37.76 34.08 -4.50
CA GLU E 259 36.98 32.91 -4.86
C GLU E 259 37.09 31.80 -3.83
N VAL E 260 37.65 32.12 -2.66
CA VAL E 260 37.72 31.14 -1.59
C VAL E 260 36.33 30.78 -1.07
N PHE E 261 35.47 31.79 -0.89
CA PHE E 261 34.10 31.56 -0.47
C PHE E 261 33.17 31.60 -1.69
N ARG E 262 32.28 30.62 -1.79
CA ARG E 262 31.31 30.62 -2.86
C ARG E 262 30.05 31.34 -2.42
N ASN E 263 29.20 31.68 -3.39
CA ASN E 263 27.91 32.30 -3.11
C ASN E 263 26.85 31.25 -2.85
N ILE E 264 27.26 30.00 -2.60
CA ILE E 264 26.34 28.90 -2.42
C ILE E 264 25.50 29.07 -1.16
N GLY E 265 24.32 28.47 -1.17
CA GLY E 265 23.46 28.49 0.00
C GLY E 265 22.87 29.86 0.24
N ASP E 266 22.79 30.24 1.52
CA ASP E 266 22.12 31.47 1.91
C ASP E 266 23.06 32.66 1.91
N THR E 267 24.31 32.49 1.50
CA THR E 267 25.27 33.57 1.53
C THR E 267 24.82 34.73 0.66
N SER E 268 24.99 35.95 1.16
CA SER E 268 24.60 37.15 0.43
C SER E 268 25.80 37.81 -0.24
N GLU E 269 26.81 38.18 0.54
CA GLU E 269 27.98 38.87 0.02
C GLU E 269 29.23 38.16 0.48
N VAL E 270 30.25 38.21 -0.37
CA VAL E 270 31.57 37.65 -0.11
C VAL E 270 32.61 38.74 -0.36
N GLY E 271 33.75 38.62 0.31
CA GLY E 271 34.82 39.56 0.05
C GLY E 271 35.91 39.46 1.09
N ILE E 272 36.86 40.38 1.00
CA ILE E 272 37.99 40.46 1.91
C ILE E 272 37.93 41.80 2.63
N ALA E 273 38.27 41.84 3.90
CA ALA E 273 38.15 43.05 4.67
C ALA E 273 39.43 43.34 5.43
N ASN E 274 39.87 44.60 5.36
CA ASN E 274 40.95 45.13 6.16
C ASN E 274 40.34 45.65 7.45
N SER E 275 41.15 46.18 8.36
CA SER E 275 40.59 46.61 9.63
C SER E 275 39.56 47.70 9.42
N SER E 276 39.81 48.63 8.50
CA SER E 276 38.91 49.76 8.30
C SER E 276 38.18 49.74 6.97
N ALA E 277 38.70 49.05 5.96
CA ALA E 277 38.10 49.04 4.63
C ALA E 277 37.86 47.62 4.14
N THR E 278 36.97 47.49 3.16
CA THR E 278 36.62 46.20 2.61
C THR E 278 36.67 46.22 1.09
N ASN E 279 36.97 45.06 0.51
CA ASN E 279 37.00 44.81 -0.92
C ASN E 279 36.01 43.69 -1.17
N THR E 280 34.82 44.04 -1.68
CA THR E 280 33.80 43.04 -1.88
C THR E 280 34.01 42.30 -3.19
N SER E 281 33.20 41.26 -3.40
CA SER E 281 33.28 40.49 -4.63
C SER E 281 32.74 41.25 -5.83
N GLY E 282 32.02 42.35 -5.62
CA GLY E 282 31.53 43.13 -6.73
C GLY E 282 32.66 43.76 -7.54
N SER E 283 33.64 44.34 -6.86
CA SER E 283 34.70 45.06 -7.55
C SER E 283 35.99 44.98 -6.74
N SER E 284 37.11 45.15 -7.45
CA SER E 284 38.43 45.18 -6.83
C SER E 284 38.83 46.64 -6.54
N THR E 285 38.10 47.23 -5.59
CA THR E 285 38.31 48.64 -5.26
C THR E 285 38.92 48.85 -3.88
N GLY E 286 38.65 47.98 -2.93
CA GLY E 286 39.13 48.15 -1.57
C GLY E 286 40.56 47.68 -1.42
N PRO E 287 40.88 47.15 -0.24
CA PRO E 287 42.26 46.73 0.03
C PRO E 287 42.67 45.55 -0.86
N THR E 288 43.97 45.40 -1.01
CA THR E 288 44.51 44.30 -1.81
C THR E 288 44.74 43.08 -0.91
N VAL E 289 45.24 42.01 -1.50
CA VAL E 289 45.42 40.77 -0.75
C VAL E 289 46.46 40.95 0.34
N GLU E 290 47.56 41.66 0.05
CA GLU E 290 48.53 41.94 1.10
C GLU E 290 48.02 42.99 2.07
N THR E 291 47.26 43.98 1.58
CA THR E 291 46.75 45.03 2.46
C THR E 291 45.67 44.52 3.41
N ALA E 292 44.76 43.70 2.91
CA ALA E 292 43.68 43.19 3.73
C ALA E 292 44.20 42.10 4.67
N ASP E 293 43.42 41.81 5.71
CA ASP E 293 43.84 40.83 6.70
C ASP E 293 42.81 39.73 6.98
N ILE E 294 41.54 39.92 6.61
CA ILE E 294 40.52 38.91 6.90
C ILE E 294 39.71 38.68 5.63
N ALA E 295 39.19 37.47 5.46
CA ALA E 295 38.28 37.18 4.37
C ALA E 295 36.91 36.83 4.96
N TYR E 296 35.85 37.47 4.50
CA TYR E 296 34.58 37.26 5.15
C TYR E 296 33.52 36.87 4.11
N ALA E 297 32.41 36.35 4.63
CA ALA E 297 31.26 36.01 3.78
C ALA E 297 29.99 36.16 4.61
N VAL E 298 29.32 37.30 4.49
CA VAL E 298 28.13 37.55 5.30
C VAL E 298 27.05 36.57 4.87
N VAL E 299 26.46 35.86 5.84
CA VAL E 299 25.50 34.81 5.53
C VAL E 299 24.25 35.01 6.38
N GLU E 300 23.08 34.95 5.75
CA GLU E 300 21.83 35.02 6.49
C GLU E 300 21.44 33.62 6.94
N ILE E 301 20.24 33.48 7.51
CA ILE E 301 19.71 32.19 7.91
C ILE E 301 18.21 32.17 7.66
N ASP E 302 17.71 31.09 7.07
CA ASP E 302 16.29 30.91 6.82
C ASP E 302 15.86 29.66 7.58
N GLY E 303 15.22 29.85 8.72
CA GLY E 303 14.85 28.75 9.59
C GLY E 303 15.78 28.64 10.78
N ALA E 304 16.25 27.41 11.05
CA ALA E 304 17.18 27.18 12.15
C ALA E 304 18.61 27.00 11.68
N SER E 305 18.86 26.84 10.39
CA SER E 305 20.20 26.56 9.91
C SER E 305 20.41 27.19 8.54
N ALA E 306 21.67 27.44 8.21
CA ALA E 306 22.06 27.94 6.89
C ALA E 306 23.27 27.17 6.39
N VAL E 307 23.40 27.06 5.07
CA VAL E 307 24.46 26.28 4.47
C VAL E 307 25.32 27.15 3.57
N GLY E 308 26.64 26.98 3.67
CA GLY E 308 27.60 27.65 2.82
C GLY E 308 28.60 26.64 2.25
N GLY E 309 29.64 27.11 1.58
CA GLY E 309 30.66 26.21 1.08
C GLY E 309 32.00 26.90 0.94
N ILE E 310 33.06 26.09 1.00
CA ILE E 310 34.43 26.56 0.86
C ILE E 310 35.12 25.72 -0.21
N GLU E 311 36.23 26.26 -0.72
CA GLU E 311 37.08 25.62 -1.73
C GLU E 311 38.48 25.40 -1.16
N THR E 312 38.80 24.16 -0.81
CA THR E 312 40.08 23.87 -0.18
C THR E 312 41.28 24.11 -1.08
N GLN E 313 41.06 24.31 -2.38
CA GLN E 313 42.16 24.62 -3.29
C GLN E 313 42.82 25.93 -2.91
N TYR E 314 44.14 26.03 -3.17
CA TYR E 314 44.95 27.18 -2.77
C TYR E 314 44.92 27.42 -1.27
N LEU E 315 45.03 26.34 -0.49
CA LEU E 315 45.10 26.43 0.95
C LEU E 315 46.30 25.64 1.45
N ASP E 316 46.98 26.16 2.46
CA ASP E 316 48.18 25.51 2.97
C ASP E 316 47.80 24.19 3.63
N ASP E 317 48.71 23.23 3.58
CA ASP E 317 48.44 21.89 4.14
C ASP E 317 48.62 21.92 5.65
N SER E 318 47.58 22.34 6.35
CA SER E 318 47.66 22.48 7.80
C SER E 318 46.24 22.56 8.37
N GLU E 319 46.16 22.81 9.67
CA GLU E 319 44.87 22.97 10.34
C GLU E 319 44.22 24.28 9.92
N VAL E 320 42.95 24.20 9.55
CA VAL E 320 42.21 25.36 9.07
C VAL E 320 41.03 25.58 10.00
N ASP E 321 40.84 26.81 10.43
CA ASP E 321 39.80 27.17 11.38
C ASP E 321 38.74 28.04 10.71
N LEU E 322 37.52 27.94 11.22
CA LEU E 322 36.40 28.75 10.76
C LEU E 322 35.88 29.50 11.97
N GLU E 323 35.72 30.82 11.85
CA GLU E 323 35.31 31.67 12.94
C GLU E 323 33.99 32.34 12.59
N VAL E 324 33.03 32.27 13.49
CA VAL E 324 31.76 32.95 13.29
C VAL E 324 31.69 34.15 14.23
N TYR E 325 30.81 35.09 13.89
CA TYR E 325 30.70 36.30 14.68
C TYR E 325 29.23 36.56 15.02
N ASP E 326 29.02 37.42 16.01
CA ASP E 326 27.68 37.67 16.51
C ASP E 326 26.82 38.38 15.46
N ALA E 327 25.51 38.24 15.61
CA ALA E 327 24.60 38.84 14.65
C ALA E 327 24.70 40.36 14.71
N GLY E 328 24.67 41.00 13.55
CA GLY E 328 24.66 42.44 13.49
C GLY E 328 26.01 43.10 13.47
N VAL E 329 27.10 42.33 13.60
CA VAL E 329 28.42 42.91 13.53
C VAL E 329 28.78 43.25 12.10
N SER E 330 29.52 44.34 11.93
CA SER E 330 29.99 44.72 10.60
C SER E 330 31.25 43.94 10.25
N ALA E 331 31.52 43.83 8.94
CA ALA E 331 32.73 43.15 8.51
C ALA E 331 33.98 43.90 8.96
N THR E 332 33.99 45.22 8.78
CA THR E 332 35.16 46.01 9.14
C THR E 332 35.40 46.01 10.64
N ALA E 333 34.32 46.08 11.42
CA ALA E 333 34.45 46.18 12.87
C ALA E 333 34.73 44.84 13.54
N ALA E 334 34.71 43.74 12.81
CA ALA E 334 34.86 42.42 13.39
C ALA E 334 36.32 41.94 13.36
N VAL E 335 37.25 42.79 12.94
CA VAL E 335 38.64 42.36 12.82
C VAL E 335 39.24 42.06 14.19
N GLY E 336 38.92 42.86 15.19
CA GLY E 336 39.54 42.68 16.49
C GLY E 336 38.72 41.83 17.45
N GLN E 337 37.40 41.87 17.29
CA GLN E 337 36.52 41.19 18.23
C GLN E 337 36.71 39.68 18.13
N ASP E 338 36.64 39.01 19.27
CA ASP E 338 36.79 37.57 19.30
C ASP E 338 35.58 36.89 18.64
N ALA E 339 35.82 35.71 18.09
CA ALA E 339 34.78 34.96 17.43
C ALA E 339 33.85 34.33 18.47
N THR E 340 32.55 34.34 18.17
CA THR E 340 31.61 33.68 19.07
C THR E 340 31.88 32.18 19.12
N ASN E 341 32.16 31.57 17.98
CA ASN E 341 32.48 30.16 17.95
C ASN E 341 33.47 29.89 16.81
N ASP E 342 33.94 28.65 16.75
CA ASP E 342 34.94 28.24 15.78
C ASP E 342 34.83 26.73 15.55
N ILE E 343 35.41 26.29 14.44
CA ILE E 343 35.51 24.86 14.12
C ILE E 343 36.78 24.64 13.31
N THR E 344 37.44 23.50 13.51
CA THR E 344 38.71 23.25 12.85
C THR E 344 38.66 21.95 12.05
N LEU E 345 39.34 21.95 10.91
CA LEU E 345 39.48 20.78 10.05
C LEU E 345 40.93 20.63 9.60
N THR E 346 41.29 19.41 9.23
CA THR E 346 42.65 19.11 8.79
C THR E 346 42.67 18.91 7.29
N ILE E 347 43.73 19.41 6.66
CA ILE E 347 43.92 19.31 5.21
C ILE E 347 45.26 18.65 4.93
N GLU E 348 45.24 17.66 4.04
CA GLU E 348 46.42 16.88 3.68
C GLU E 348 46.65 16.97 2.18
N GLU E 349 47.88 16.67 1.77
CA GLU E 349 48.24 16.74 0.35
C GLU E 349 47.70 15.53 -0.39
N GLY E 350 47.74 15.62 -1.72
CA GLY E 350 47.22 14.56 -2.56
C GLY E 350 48.26 14.18 -3.61
N GLY E 351 48.14 12.94 -4.08
CA GLY E 351 49.14 12.40 -4.97
C GLY E 351 48.68 12.26 -6.42
N THR E 352 49.65 12.27 -7.34
CA THR E 352 49.36 12.25 -8.77
C THR E 352 50.46 11.43 -9.43
N THR E 353 50.14 10.19 -9.81
CA THR E 353 51.15 9.27 -10.32
C THR E 353 50.73 8.70 -11.66
N LEU E 354 51.72 8.23 -12.41
CA LEU E 354 51.49 7.56 -13.68
C LEU E 354 51.67 6.06 -13.50
N SER E 355 50.94 5.29 -14.31
CA SER E 355 50.96 3.83 -14.18
C SER E 355 51.46 3.15 -15.44
N SER E 356 50.89 3.49 -16.60
CA SER E 356 51.21 2.76 -17.83
C SER E 356 52.54 3.19 -18.42
N PRO E 357 52.88 4.51 -18.47
CA PRO E 357 54.18 4.84 -19.09
C PRO E 357 55.36 4.56 -18.18
N THR E 358 55.63 3.29 -17.94
CA THR E 358 56.67 2.90 -16.99
C THR E 358 57.39 1.67 -17.50
N GLY E 359 58.71 1.62 -17.25
CA GLY E 359 59.50 0.45 -17.53
C GLY E 359 60.09 0.37 -18.93
N GLN E 360 59.24 0.09 -19.92
CA GLN E 360 59.69 -0.10 -21.29
C GLN E 360 58.75 0.62 -22.25
N TYR E 361 59.28 0.97 -23.42
CA TYR E 361 58.48 1.60 -24.46
C TYR E 361 59.19 1.36 -25.79
N VAL E 362 58.49 0.75 -26.75
CA VAL E 362 59.06 0.56 -28.07
C VAL E 362 58.94 1.86 -28.85
N VAL E 363 60.07 2.30 -29.43
CA VAL E 363 60.08 3.57 -30.16
C VAL E 363 59.15 3.48 -31.36
N GLY E 364 58.30 4.50 -31.52
CA GLY E 364 57.36 4.53 -32.61
C GLY E 364 56.05 3.81 -32.34
N SER E 365 55.95 3.09 -31.22
CA SER E 365 54.73 2.37 -30.89
C SER E 365 53.72 3.34 -30.28
N GLU E 366 52.47 2.88 -30.20
CA GLU E 366 51.41 3.67 -29.60
C GLU E 366 50.99 3.03 -28.29
N VAL E 367 50.71 3.88 -27.31
CA VAL E 367 50.33 3.42 -25.98
C VAL E 367 49.40 4.46 -25.38
N ASP E 368 48.55 4.02 -24.47
CA ASP E 368 47.63 4.93 -23.80
C ASP E 368 48.31 5.58 -22.60
N ILE E 369 47.75 6.69 -22.14
CA ILE E 369 48.24 7.39 -20.96
C ILE E 369 47.30 7.04 -19.82
N ASN E 370 47.80 6.30 -18.85
CA ASN E 370 46.99 5.81 -17.74
C ASN E 370 47.61 6.27 -16.42
N GLY E 371 46.78 6.80 -15.52
CA GLY E 371 47.32 7.25 -14.26
C GLY E 371 46.23 7.81 -13.37
N THR E 372 46.65 8.33 -12.23
CA THR E 372 45.72 8.89 -11.26
C THR E 372 46.22 10.24 -10.77
N ALA E 373 45.26 11.05 -10.31
CA ALA E 373 45.54 12.39 -9.80
C ALA E 373 44.45 12.74 -8.80
N THR E 374 44.81 12.77 -7.52
CA THR E 374 43.81 13.00 -6.47
C THR E 374 43.22 14.40 -6.56
N SER E 375 44.06 15.42 -6.64
CA SER E 375 43.61 16.81 -6.68
C SER E 375 44.19 17.45 -7.94
N SER E 376 43.47 17.32 -9.04
CA SER E 376 43.91 17.85 -10.32
C SER E 376 42.71 18.10 -11.21
N ASP E 377 42.86 19.05 -12.13
CA ASP E 377 41.87 19.32 -13.16
C ASP E 377 42.43 19.11 -14.56
N SER E 378 43.62 19.64 -14.84
CA SER E 378 44.29 19.45 -16.11
C SER E 378 45.71 18.98 -15.83
N VAL E 379 46.16 17.98 -16.58
CA VAL E 379 47.48 17.39 -16.37
C VAL E 379 48.26 17.40 -17.69
N ALA E 380 49.57 17.55 -17.57
CA ALA E 380 50.46 17.58 -18.72
C ALA E 380 51.61 16.60 -18.50
N ILE E 381 52.15 16.12 -19.61
CA ILE E 381 53.19 15.10 -19.62
C ILE E 381 54.48 15.71 -20.16
N TYR E 382 55.58 15.52 -19.44
CA TYR E 382 56.88 16.06 -19.79
C TYR E 382 57.88 14.94 -19.85
N VAL E 383 58.92 15.11 -20.66
CA VAL E 383 59.97 14.12 -20.84
C VAL E 383 61.31 14.79 -20.57
N ARG E 384 62.16 14.11 -19.81
CA ARG E 384 63.46 14.66 -19.42
C ARG E 384 64.55 13.66 -19.76
N ASP E 385 65.69 14.19 -20.23
CA ASP E 385 66.87 13.36 -20.47
C ASP E 385 68.07 14.29 -20.38
N ASP E 386 68.79 14.23 -19.25
CA ASP E 386 70.04 14.95 -19.00
C ASP E 386 69.89 16.45 -19.28
N GLY E 387 68.79 17.03 -18.81
CA GLY E 387 68.56 18.44 -18.99
C GLY E 387 67.15 18.92 -18.72
N ASP E 388 66.60 19.74 -19.62
CA ASP E 388 65.29 20.32 -19.39
C ASP E 388 64.17 19.29 -19.55
N TRP E 389 63.03 19.60 -18.95
CA TRP E 389 61.82 18.80 -19.11
C TRP E 389 61.05 19.32 -20.32
N GLN E 390 61.26 18.69 -21.47
CA GLN E 390 60.57 19.11 -22.68
C GLN E 390 59.10 18.69 -22.61
N LEU E 391 58.21 19.64 -22.92
CA LEU E 391 56.78 19.37 -22.90
C LEU E 391 56.41 18.39 -24.01
N LEU E 392 55.54 17.44 -23.69
CA LEU E 392 55.04 16.47 -24.66
C LEU E 392 53.67 16.94 -25.15
N GLU E 393 53.57 17.20 -26.45
CA GLU E 393 52.36 17.74 -27.07
C GLU E 393 51.36 16.61 -27.29
N ILE E 394 50.53 16.34 -26.26
CA ILE E 394 49.57 15.25 -26.35
C ILE E 394 48.51 15.52 -27.41
N GLY E 395 48.25 16.79 -27.73
CA GLY E 395 47.23 17.11 -28.72
C GLY E 395 46.26 18.17 -28.25
N GLY E 396 44.99 17.79 -28.12
CA GLY E 396 43.93 18.71 -27.77
C GLY E 396 44.10 19.34 -26.41
N ASP E 397 44.39 20.65 -26.38
CA ASP E 397 44.49 21.49 -25.19
C ASP E 397 45.63 21.09 -24.27
N ASN E 398 46.41 20.06 -24.62
CA ASN E 398 47.56 19.63 -23.83
C ASN E 398 47.18 19.38 -22.37
N GLU E 399 46.02 18.73 -22.18
CA GLU E 399 45.52 18.47 -20.84
C GLU E 399 44.60 17.26 -20.90
N ILE E 400 44.40 16.65 -19.73
CA ILE E 400 43.49 15.53 -19.56
C ILE E 400 42.62 15.79 -18.33
N SER E 401 41.32 15.65 -18.48
CA SER E 401 40.43 15.84 -17.35
C SER E 401 40.49 14.62 -16.43
N VAL E 402 40.07 14.83 -15.19
CA VAL E 402 40.09 13.78 -14.17
C VAL E 402 38.67 13.48 -13.73
N ASP E 403 38.35 12.20 -13.61
CA ASP E 403 37.01 11.78 -13.23
C ASP E 403 36.87 11.88 -11.71
N SER E 404 35.72 11.41 -11.20
CA SER E 404 35.52 11.43 -9.75
C SER E 404 36.42 10.44 -9.04
N ASP E 405 36.82 9.36 -9.71
CA ASP E 405 37.67 8.35 -9.09
C ASP E 405 39.14 8.78 -9.06
N ASP E 406 39.42 10.07 -9.30
CA ASP E 406 40.79 10.58 -9.27
C ASP E 406 41.70 9.82 -10.23
N THR E 407 41.17 9.50 -11.41
CA THR E 407 41.93 8.75 -12.42
C THR E 407 41.75 9.40 -13.78
N PHE E 408 42.86 9.49 -14.52
CA PHE E 408 42.83 10.04 -15.86
C PHE E 408 43.45 9.07 -16.85
N GLU E 409 42.89 9.07 -18.05
CA GLU E 409 43.29 8.16 -19.12
C GLU E 409 43.18 8.88 -20.45
N GLU E 410 43.94 8.36 -21.42
CA GLU E 410 43.96 8.86 -22.79
C GLU E 410 43.98 7.66 -23.73
N GLU E 411 43.54 7.88 -24.96
CA GLU E 411 43.51 6.81 -25.93
C GLU E 411 44.94 6.42 -26.33
N ASP E 412 45.05 5.44 -27.23
CA ASP E 412 46.36 4.97 -27.65
C ASP E 412 47.06 6.04 -28.47
N ILE E 413 48.19 6.53 -27.95
CA ILE E 413 48.96 7.59 -28.59
C ILE E 413 50.39 7.11 -28.83
N ALA E 414 50.89 7.31 -30.04
CA ALA E 414 52.28 7.02 -30.36
C ALA E 414 53.14 8.21 -29.90
N LEU E 415 53.95 8.00 -28.87
CA LEU E 415 54.73 9.12 -28.32
C LEU E 415 55.71 9.63 -29.36
N SER E 416 56.44 8.73 -30.00
CA SER E 416 57.40 9.12 -31.03
C SER E 416 56.68 9.47 -32.33
N GLY E 417 55.51 8.86 -32.54
CA GLY E 417 54.78 9.08 -33.78
C GLY E 417 54.27 10.51 -33.94
N LEU E 418 53.88 11.14 -32.84
CA LEU E 418 53.27 12.45 -32.90
C LEU E 418 54.26 13.50 -33.38
N SER E 419 53.73 14.55 -34.01
CA SER E 419 54.57 15.60 -34.57
C SER E 419 54.97 16.54 -33.45
N GLY E 420 56.18 17.05 -33.54
CA GLY E 420 56.70 17.96 -32.54
C GLY E 420 58.16 17.63 -32.30
N ASP E 421 58.88 18.60 -31.74
CA ASP E 421 60.27 18.34 -31.38
C ASP E 421 60.40 17.50 -30.12
N GLY E 422 59.37 17.46 -29.29
CA GLY E 422 59.42 16.62 -28.10
C GLY E 422 59.56 15.15 -28.45
N SER E 423 58.79 14.70 -29.46
CA SER E 423 58.86 13.31 -29.89
C SER E 423 60.23 12.96 -30.45
N SER E 424 60.95 13.95 -30.98
CA SER E 424 62.24 13.66 -31.60
C SER E 424 63.21 13.12 -30.57
N ILE E 425 63.08 13.53 -29.31
CA ILE E 425 63.96 12.99 -28.28
C ILE E 425 63.69 11.50 -28.13
N LEU E 426 62.40 11.13 -28.10
CA LEU E 426 62.03 9.74 -27.90
C LEU E 426 62.31 8.91 -29.14
N SER E 427 62.59 9.56 -30.27
CA SER E 427 62.83 8.82 -31.50
C SER E 427 64.10 7.98 -31.37
N LEU E 428 65.14 8.56 -30.78
CA LEU E 428 66.40 7.87 -30.63
C LEU E 428 66.36 6.90 -29.45
N THR E 429 67.07 5.79 -29.60
CA THR E 429 67.09 4.75 -28.58
C THR E 429 67.86 5.23 -27.35
N GLY E 430 67.31 4.96 -26.17
CA GLY E 430 68.00 5.33 -24.94
C GLY E 430 67.07 5.25 -23.74
N THR E 431 67.60 5.73 -22.61
CA THR E 431 66.88 5.79 -21.35
C THR E 431 66.58 7.23 -20.94
N TYR E 432 65.32 7.51 -20.67
CA TYR E 432 64.80 8.85 -20.41
C TYR E 432 63.95 8.82 -19.13
N ARG E 433 63.26 9.91 -18.86
CA ARG E 433 62.35 10.03 -17.73
C ARG E 433 61.06 10.67 -18.22
N ILE E 434 59.93 10.24 -17.68
CA ILE E 434 58.64 10.82 -18.08
C ILE E 434 57.86 11.12 -16.81
N GLY E 435 57.24 12.29 -16.78
CA GLY E 435 56.50 12.73 -15.61
C GLY E 435 55.24 13.48 -15.97
N VAL E 436 54.35 13.57 -14.99
CA VAL E 436 53.09 14.28 -15.13
C VAL E 436 53.10 15.42 -14.11
N ILE E 437 52.39 16.49 -14.47
CA ILE E 437 52.28 17.69 -13.65
C ILE E 437 50.86 18.25 -13.78
N ASP E 438 50.36 18.85 -12.70
CA ASP E 438 49.04 19.43 -12.71
C ASP E 438 49.04 20.74 -13.50
N ALA E 439 47.86 21.34 -13.64
CA ALA E 439 47.64 22.62 -14.33
C ALA E 439 48.15 23.82 -13.55
N SER E 440 48.89 23.63 -12.45
CA SER E 440 49.42 24.78 -11.72
C SER E 440 50.40 25.60 -12.55
N ASP E 441 51.01 25.02 -13.57
CA ASP E 441 51.89 25.80 -14.46
C ASP E 441 51.11 26.89 -15.17
N ALA E 442 50.14 26.49 -16.01
CA ALA E 442 49.33 27.42 -16.78
C ALA E 442 50.18 28.43 -17.55
N ASP E 443 51.12 27.89 -18.34
CA ASP E 443 52.12 28.69 -19.04
C ASP E 443 52.91 29.57 -18.09
N VAL E 444 53.30 28.99 -16.95
CA VAL E 444 54.08 29.61 -15.87
C VAL E 444 53.61 31.03 -15.59
N GLY E 445 52.31 31.27 -15.78
CA GLY E 445 51.76 32.60 -15.60
C GLY E 445 51.42 33.25 -16.92
N GLY E 446 50.14 33.27 -17.28
CA GLY E 446 49.72 33.85 -18.54
C GLY E 446 48.45 33.23 -19.08
N ASP E 447 48.47 32.88 -20.37
CA ASP E 447 47.31 32.27 -21.00
C ASP E 447 47.06 30.88 -20.42
N GLY E 448 45.79 30.48 -20.41
CA GLY E 448 45.39 29.21 -19.86
C GLY E 448 45.72 28.03 -20.75
N SER E 449 47.02 27.78 -20.95
CA SER E 449 47.46 26.67 -21.78
C SER E 449 48.85 26.26 -21.33
N VAL E 450 49.11 24.95 -21.37
CA VAL E 450 50.40 24.39 -20.95
C VAL E 450 51.33 24.44 -22.16
N ASP E 451 52.09 25.53 -22.26
CA ASP E 451 53.05 25.70 -23.35
C ASP E 451 54.33 26.32 -22.79
N ASP E 452 55.23 25.45 -22.31
CA ASP E 452 56.53 25.82 -21.76
C ASP E 452 57.42 24.58 -21.75
N SER E 453 58.66 24.74 -21.29
CA SER E 453 59.56 23.64 -20.97
C SER E 453 60.10 23.89 -19.57
N LEU E 454 59.36 23.45 -18.56
CA LEU E 454 59.71 23.75 -17.18
C LEU E 454 61.02 23.08 -16.80
N THR E 455 61.87 23.80 -16.08
CA THR E 455 63.16 23.28 -15.66
C THR E 455 62.95 22.35 -14.45
N THR E 456 64.06 21.88 -13.88
CA THR E 456 63.96 20.97 -12.74
C THR E 456 63.31 21.65 -11.54
N SER E 457 63.71 22.90 -11.26
CA SER E 457 63.13 23.60 -10.12
C SER E 457 61.65 23.87 -10.34
N GLU E 458 61.28 24.32 -11.54
CA GLU E 458 59.87 24.62 -11.82
C GLU E 458 59.03 23.36 -11.80
N PHE E 459 59.55 22.27 -12.37
CA PHE E 459 58.79 21.03 -12.40
C PHE E 459 58.63 20.44 -11.00
N THR E 460 59.68 20.51 -10.18
CA THR E 460 59.61 19.94 -8.85
C THR E 460 58.80 20.80 -7.89
N SER E 461 58.80 22.12 -8.11
CA SER E 461 58.13 23.03 -7.17
C SER E 461 56.65 22.73 -7.07
N GLY E 462 55.99 22.55 -8.20
CA GLY E 462 54.58 22.19 -8.21
C GLY E 462 54.38 20.71 -7.95
N VAL E 463 53.11 20.32 -7.84
CA VAL E 463 52.80 18.91 -7.66
C VAL E 463 53.02 18.19 -8.98
N SER E 464 53.78 17.10 -8.92
CA SER E 464 54.20 16.37 -10.12
C SER E 464 54.76 15.03 -9.69
N SER E 465 55.10 14.21 -10.68
CA SER E 465 55.76 12.93 -10.40
C SER E 465 56.37 12.40 -11.68
N SER E 466 57.54 11.77 -11.56
CA SER E 466 58.24 11.24 -12.71
C SER E 466 58.72 9.81 -12.45
N ASN E 467 58.85 9.05 -13.53
CA ASN E 467 59.30 7.67 -13.49
C ASN E 467 60.21 7.39 -14.68
N SER E 468 61.17 6.49 -14.46
CA SER E 468 62.16 6.16 -15.47
C SER E 468 61.53 5.33 -16.58
N ILE E 469 61.84 5.68 -17.82
CA ILE E 469 61.32 4.97 -18.99
C ILE E 469 62.47 4.81 -19.98
N ARG E 470 62.53 3.68 -20.67
CA ARG E 470 63.52 3.53 -21.73
C ARG E 470 62.86 3.01 -22.99
N VAL E 471 63.38 3.45 -24.13
CA VAL E 471 62.82 3.11 -25.44
C VAL E 471 63.68 2.06 -26.10
N THR E 472 63.03 1.04 -26.65
CA THR E 472 63.67 -0.09 -27.30
C THR E 472 63.36 -0.02 -28.79
N ASP E 473 64.32 -0.41 -29.62
CA ASP E 473 64.08 -0.36 -31.06
C ASP E 473 63.03 -1.39 -31.46
N GLN E 474 62.45 -1.18 -32.63
CA GLN E 474 61.38 -2.07 -33.11
C GLN E 474 61.91 -3.45 -33.48
C2 BGC F . 0.48 47.22 -9.22
C3 BGC F . -0.18 48.54 -8.88
C4 BGC F . -0.86 49.14 -10.10
C5 BGC F . -1.80 48.12 -10.75
C6 BGC F . -2.39 48.59 -12.05
C1 BGC F . -0.52 46.28 -9.90
O2 BGC F . 0.97 46.60 -8.04
O3 BGC F . 0.79 49.45 -8.36
O4 BGC F . -1.61 50.29 -9.74
O5 BGC F . -1.07 46.91 -11.05
O6 BGC F . -1.41 49.22 -12.87
C2 BGC G . -3.22 20.49 -43.44
C3 BGC G . -3.32 21.83 -44.17
C4 BGC G . -4.64 21.94 -44.94
C5 BGC G . -5.81 21.64 -43.99
C6 BGC G . -7.13 21.60 -44.71
C1 BGC G . -4.45 20.27 -42.57
O2 BGC G . -2.06 20.48 -42.62
O3 BGC G . -2.23 21.97 -45.07
O4 BGC G . -4.79 23.24 -45.47
O5 BGC G . -5.63 20.36 -43.38
O6 BGC G . -7.04 20.87 -45.93
C2 BGC H . -32.91 -9.74 -33.63
C3 BGC H . -33.43 -9.34 -35.01
C4 BGC H . -34.85 -8.82 -34.92
C5 BGC H . -34.96 -7.72 -33.86
C6 BGC H . -36.38 -7.27 -33.63
C1 BGC H . -33.10 -8.60 -32.64
O2 BGC H . -31.53 -10.07 -33.70
O3 BGC H . -33.36 -10.45 -35.89
O4 BGC H . -35.26 -8.30 -36.18
O5 BGC H . -34.48 -8.21 -32.60
O6 BGC H . -37.28 -8.37 -33.55
C2 BGC I . -47.67 -1.78 6.52
C3 BGC I . -49.01 -1.96 5.81
C4 BGC I . -49.86 -0.70 5.94
C5 BGC I . -49.07 0.52 5.49
C6 BGC I . -49.81 1.82 5.72
C1 BGC I . -46.98 -0.51 6.05
O2 BGC I . -46.82 -2.90 6.26
O3 BGC I . -49.70 -3.08 6.35
O4 BGC I . -51.02 -0.83 5.14
O5 BGC I . -47.84 0.60 6.24
O6 BGC I . -50.42 1.83 7.01
C2 BGC J . -27.08 33.41 21.61
C3 BGC J . -28.51 33.79 21.96
C4 BGC J . -28.90 35.10 21.28
C5 BGC J . -28.61 35.01 19.78
C6 BGC J . -28.85 36.32 19.06
C1 BGC J . -26.89 33.39 20.10
O2 BGC J . -26.80 32.11 22.13
O3 BGC J . -28.64 33.93 23.37
O4 BGC J . -30.28 35.37 21.48
O5 BGC J . -27.24 34.66 19.56
O6 BGC J . -28.31 37.41 19.79
#